data_9I59
#
_entry.id   9I59
#
_cell.length_a   118.090
_cell.length_b   187.370
_cell.length_c   157.880
_cell.angle_alpha   90.000
_cell.angle_beta   90.000
_cell.angle_gamma   90.000
#
_symmetry.space_group_name_H-M   'C 2 2 21'
#
loop_
_entity.id
_entity.type
_entity.pdbx_description
1 polymer 'Envelopment polyprotein'
2 polymer 'Heavy chain of Fab'
3 polymer 'Light chain of Fab'
4 non-polymer GLYCEROL
5 non-polymer DI(HYDROXYETHYL)ETHER
6 water water
#
loop_
_entity_poly.entity_id
_entity_poly.type
_entity_poly.pdbx_seq_one_letter_code
_entity_poly.pdbx_strand_id
1 'polypeptide(L)'
;EDPHLRNRPGKGHNYIDGMTQEDATCKPVTYAGACSSFDVLLEKGKFPLFQSYAHHRTLLEAVHDTIIAKADPPSCDLQS
AHGNPCMKEKLVMKTHCPNDYQSAHYLNNDGKMASVKCPPKYELTEDCNFCRQMTGASLKKGSYPLQDLFCQSSEDDGSK
LKTKMKGVCEVGVQALKKCDGQLSTAHEVVPFAVFKNSKKVYLDKLDLKTEENLLPDSFVCFEHKGQYKGTMDSGQTKRE
LKSFDISQCPKIGGHGSKKCTGDAAFCSAYECTAQYANAYCSHANGSGIVQIQVSGVWKKPLCVGYERVVVKRELSAKPI
QRVEPCTTCITKCEPHGTKHHHHHH
;
A,B
2 'polypeptide(L)'
;QVQLQESGPGLVKPSQTLSLTCTVSGDSISGGDYYWSWIRRPAGEGLEWIGRVHTTGSTDYNPSLRTRVTISIDTSKNHF
FLKMTSVTAADTAVYYCAREGDYSAWFDPWGQGALVTVSSASTKGPSVFPLAPSSKSTSGGTAALGCLVKDYFPEPVTVS
WNSGALTSGVHTFPAVLQSSGLYSLSSVVTVPSSSLGTQTYICNVNHKPSNTKVDKKVEPKSC
;
H,X
3 'polypeptide(L)'
;DIQMTQSPSSLSASIGDRVTITCRASQHIESFLNWYQQKPGKAPKLLIYIASTLQGGVPSRFSGRGFGTDFTLTINSLQP
EDFATYYCQQSYTISPITFGQGTRLEIKRTVAAPSVFIFPPSDEQLKSGTASVVCLLNNFYPREAKVQWKVDNALQSGNS
QESVTEQDSKDSTYSLSSTLTLSKADYEKHKVYACEVTHQGLSSPVTKSFNRGEC
;
L,Y
#
# COMPACT_ATOMS: atom_id res chain seq x y z
N GLU A 1 1.10 14.62 -42.38
CA GLU A 1 1.43 15.57 -43.43
C GLU A 1 1.09 16.99 -42.98
N ASP A 2 0.07 17.12 -42.13
CA ASP A 2 -0.24 18.39 -41.46
C ASP A 2 0.77 18.58 -40.34
N PRO A 3 1.68 19.55 -40.46
CA PRO A 3 2.66 19.78 -39.40
C PRO A 3 2.15 20.64 -38.26
N HIS A 4 0.88 21.03 -38.26
CA HIS A 4 0.35 21.93 -37.26
C HIS A 4 -0.72 21.27 -36.39
N LEU A 5 -0.74 19.93 -36.32
CA LEU A 5 -1.77 19.29 -35.52
C LEU A 5 -1.60 19.59 -34.03
N ARG A 6 -0.37 19.82 -33.58
CA ARG A 6 -0.14 20.17 -32.18
C ARG A 6 -0.30 21.66 -31.91
N ASN A 7 -0.59 22.47 -32.94
CA ASN A 7 -0.87 23.89 -32.75
C ASN A 7 -2.38 24.03 -32.58
N ARG A 8 -2.82 24.11 -31.30
CA ARG A 8 -4.21 23.87 -30.93
C ARG A 8 -5.04 25.14 -30.99
N PRO A 9 -6.35 25.01 -31.25
CA PRO A 9 -7.24 26.16 -31.12
C PRO A 9 -7.51 26.46 -29.66
N GLY A 10 -7.76 27.74 -29.38
CA GLY A 10 -7.92 28.15 -27.99
C GLY A 10 -6.62 28.00 -27.22
N LYS A 11 -6.75 27.75 -25.92
CA LYS A 11 -5.58 27.66 -25.06
C LYS A 11 -4.78 26.38 -25.31
N GLY A 12 -5.43 25.30 -25.75
CA GLY A 12 -4.74 24.06 -26.01
C GLY A 12 -4.39 23.25 -24.77
N HIS A 13 -5.16 23.38 -23.70
CA HIS A 13 -4.84 22.74 -22.42
C HIS A 13 -5.41 21.32 -22.41
N ASN A 14 -4.50 20.33 -22.36
CA ASN A 14 -4.93 18.94 -22.29
C ASN A 14 -4.46 18.26 -21.00
N TYR A 15 -4.96 18.76 -19.87
CA TYR A 15 -4.76 18.12 -18.58
C TYR A 15 -6.12 18.03 -17.89
N ILE A 16 -6.19 17.19 -16.87
CA ILE A 16 -7.41 17.06 -16.07
C ILE A 16 -7.09 17.49 -14.65
N ASP A 17 -8.07 18.09 -13.98
CA ASP A 17 -7.84 18.64 -12.65
C ASP A 17 -7.32 17.55 -11.72
N GLY A 18 -6.39 17.93 -10.84
CA GLY A 18 -5.74 16.99 -9.94
C GLY A 18 -4.50 16.34 -10.50
N MET A 19 -4.32 16.33 -11.81
CA MET A 19 -3.19 15.68 -12.45
C MET A 19 -2.43 16.72 -13.27
N THR A 20 -1.70 17.58 -12.56
CA THR A 20 -1.05 18.74 -13.16
C THR A 20 0.43 18.52 -13.42
N GLN A 21 0.92 17.29 -13.29
CA GLN A 21 2.35 17.01 -13.33
C GLN A 21 2.83 16.75 -14.75
N GLU A 22 2.01 17.04 -15.75
CA GLU A 22 2.41 17.00 -17.15
C GLU A 22 2.17 18.35 -17.82
N ASP A 23 2.03 19.41 -17.02
CA ASP A 23 1.67 20.72 -17.55
C ASP A 23 2.74 21.26 -18.50
N ALA A 24 4.00 20.92 -18.28
CA ALA A 24 5.07 21.42 -19.12
C ALA A 24 4.82 21.10 -20.58
N THR A 25 4.27 19.93 -20.87
CA THR A 25 4.01 19.52 -22.25
C THR A 25 2.53 19.43 -22.61
N CYS A 26 1.62 19.60 -21.65
CA CYS A 26 0.19 19.52 -21.91
C CYS A 26 -0.54 20.84 -21.70
N LYS A 27 0.12 21.85 -21.16
CA LYS A 27 -0.52 23.12 -20.80
C LYS A 27 0.34 24.28 -21.29
N PRO A 28 0.34 24.55 -22.60
CA PRO A 28 -0.47 23.92 -23.65
C PRO A 28 0.23 22.80 -24.38
N VAL A 29 -0.53 21.92 -25.04
CA VAL A 29 0.04 21.08 -26.07
C VAL A 29 0.57 21.98 -27.18
N THR A 30 1.78 21.67 -27.66
CA THR A 30 2.37 22.46 -28.74
C THR A 30 3.31 21.55 -29.52
N TYR A 31 4.08 22.16 -30.45
CA TYR A 31 4.93 21.40 -31.36
C TYR A 31 5.85 20.43 -30.61
N ALA A 32 6.54 20.91 -29.58
CA ALA A 32 7.48 20.10 -28.82
C ALA A 32 6.80 19.41 -27.64
N GLY A 33 7.27 18.21 -27.33
CA GLY A 33 6.87 17.52 -26.12
C GLY A 33 5.82 16.45 -26.38
N ALA A 34 5.70 15.55 -25.41
CA ALA A 34 4.72 14.48 -25.43
C ALA A 34 3.67 14.72 -24.34
N CYS A 35 2.41 14.42 -24.65
CA CYS A 35 1.31 14.60 -23.73
C CYS A 35 0.45 13.35 -23.72
N SER A 36 0.40 12.67 -22.57
CA SER A 36 -0.31 11.39 -22.50
C SER A 36 -1.81 11.54 -22.59
N SER A 37 -2.34 12.75 -22.39
CA SER A 37 -3.77 13.00 -22.59
C SER A 37 -4.12 13.33 -24.04
N PHE A 38 -3.14 13.64 -24.87
CA PHE A 38 -3.40 14.14 -26.22
C PHE A 38 -2.81 13.27 -27.31
N ASP A 39 -1.60 12.74 -27.13
CA ASP A 39 -0.87 12.10 -28.22
C ASP A 39 -1.66 10.93 -28.80
N VAL A 40 -2.35 10.17 -27.95
CA VAL A 40 -3.10 9.00 -28.42
C VAL A 40 -4.16 9.39 -29.44
N LEU A 41 -4.62 10.64 -29.43
CA LEU A 41 -5.63 11.09 -30.40
C LEU A 41 -5.08 11.14 -31.82
N LEU A 42 -3.76 11.17 -32.00
CA LEU A 42 -3.15 11.30 -33.31
C LEU A 42 -2.57 10.00 -33.83
N GLU A 43 -2.69 8.92 -33.07
CA GLU A 43 -2.25 7.61 -33.55
C GLU A 43 -3.14 7.18 -34.72
N LYS A 44 -2.54 7.02 -35.90
CA LYS A 44 -3.31 6.69 -37.09
C LYS A 44 -3.99 5.34 -36.91
N GLY A 45 -5.25 5.26 -37.35
CA GLY A 45 -6.10 4.13 -37.12
C GLY A 45 -7.02 4.31 -35.93
N LYS A 46 -6.64 5.16 -34.97
CA LYS A 46 -7.44 5.46 -33.79
C LYS A 46 -8.11 6.82 -33.97
N PHE A 47 -9.21 7.02 -33.25
CA PHE A 47 -9.97 8.26 -33.24
C PHE A 47 -10.14 8.86 -34.63
N PRO A 48 -10.74 8.12 -35.57
CA PRO A 48 -10.86 8.66 -36.94
C PRO A 48 -11.68 9.93 -37.04
N LEU A 49 -12.75 10.05 -36.24
CA LEU A 49 -13.57 11.25 -36.30
C LEU A 49 -12.79 12.49 -35.89
N PHE A 50 -12.09 12.41 -34.76
CA PHE A 50 -11.28 13.54 -34.34
C PHE A 50 -10.19 13.83 -35.36
N GLN A 51 -9.55 12.80 -35.89
CA GLN A 51 -8.48 13.02 -36.86
C GLN A 51 -9.02 13.63 -38.16
N SER A 52 -10.31 13.53 -38.41
CA SER A 52 -10.91 14.24 -39.54
C SER A 52 -11.24 15.69 -39.22
N TYR A 53 -11.39 16.03 -37.93
CA TYR A 53 -11.64 17.40 -37.49
C TYR A 53 -10.60 17.83 -36.48
N ALA A 54 -9.33 17.48 -36.75
CA ALA A 54 -8.26 17.59 -35.75
C ALA A 54 -8.01 19.02 -35.28
N HIS A 55 -8.42 20.03 -36.05
CA HIS A 55 -8.25 21.41 -35.62
C HIS A 55 -9.45 21.94 -34.86
N HIS A 56 -10.29 21.05 -34.34
CA HIS A 56 -11.27 21.40 -33.34
C HIS A 56 -10.77 20.95 -31.97
N ARG A 57 -11.48 21.36 -30.93
CA ARG A 57 -11.00 21.14 -29.58
C ARG A 57 -11.23 19.70 -29.13
N THR A 58 -10.30 19.21 -28.32
CA THR A 58 -10.51 17.97 -27.60
C THR A 58 -11.49 18.22 -26.44
N LEU A 59 -11.87 17.15 -25.75
CA LEU A 59 -12.80 17.32 -24.63
C LEU A 59 -12.16 18.13 -23.51
N LEU A 60 -10.92 17.79 -23.14
CA LEU A 60 -10.20 18.56 -22.12
C LEU A 60 -10.02 20.01 -22.54
N GLU A 61 -9.71 20.23 -23.82
CA GLU A 61 -9.57 21.61 -24.32
C GLU A 61 -10.88 22.37 -24.20
N ALA A 62 -12.00 21.71 -24.54
CA ALA A 62 -13.30 22.36 -24.40
C ALA A 62 -13.61 22.69 -22.94
N VAL A 63 -13.22 21.80 -22.03
CA VAL A 63 -13.46 22.05 -20.61
C VAL A 63 -12.66 23.26 -20.16
N HIS A 64 -11.36 23.29 -20.50
CA HIS A 64 -10.54 24.39 -20.04
C HIS A 64 -10.78 25.70 -20.79
N ASP A 65 -11.45 25.65 -21.94
CA ASP A 65 -11.92 26.87 -22.60
C ASP A 65 -13.34 27.25 -22.19
N THR A 66 -13.87 26.64 -21.14
CA THR A 66 -15.20 26.90 -20.60
C THR A 66 -16.30 26.67 -21.63
N ILE A 67 -16.07 25.75 -22.57
CA ILE A 67 -17.13 25.35 -23.50
C ILE A 67 -17.97 24.22 -22.92
N ILE A 68 -17.32 23.26 -22.25
CA ILE A 68 -17.99 22.12 -21.65
C ILE A 68 -17.75 22.19 -20.14
N ALA A 69 -18.81 21.99 -19.36
CA ALA A 69 -18.71 22.03 -17.91
C ALA A 69 -18.31 20.65 -17.36
N LYS A 70 -17.76 20.66 -16.14
CA LYS A 70 -17.41 19.42 -15.47
C LYS A 70 -18.66 18.81 -14.84
N ALA A 71 -18.74 17.48 -14.88
CA ALA A 71 -19.86 16.81 -14.23
C ALA A 71 -19.80 17.02 -12.72
N ASP A 72 -20.93 16.80 -12.07
CA ASP A 72 -21.02 16.90 -10.62
C ASP A 72 -21.55 15.58 -10.08
N PRO A 73 -20.72 14.74 -9.44
CA PRO A 73 -19.30 14.93 -9.11
C PRO A 73 -18.38 14.82 -10.33
N PRO A 74 -17.20 15.46 -10.31
CA PRO A 74 -16.33 15.45 -11.50
C PRO A 74 -15.69 14.11 -11.76
N SER A 75 -15.72 13.18 -10.81
CA SER A 75 -15.08 11.90 -11.03
C SER A 75 -15.79 10.83 -10.21
N CYS A 76 -15.46 9.58 -10.55
CA CYS A 76 -15.94 8.40 -9.85
C CYS A 76 -14.70 7.69 -9.31
N ASP A 77 -14.67 7.46 -8.00
CA ASP A 77 -13.53 6.76 -7.40
C ASP A 77 -13.77 5.27 -7.58
N LEU A 78 -13.21 4.71 -8.65
CA LEU A 78 -13.49 3.32 -9.02
C LEU A 78 -13.14 2.33 -7.93
N GLN A 79 -12.09 2.60 -7.15
CA GLN A 79 -11.70 1.68 -6.08
C GLN A 79 -12.88 1.38 -5.17
N SER A 80 -13.62 2.43 -4.78
CA SER A 80 -14.78 2.30 -3.90
C SER A 80 -15.93 3.11 -4.51
N ALA A 81 -16.54 2.58 -5.57
CA ALA A 81 -17.70 3.23 -6.17
C ALA A 81 -18.77 2.23 -6.60
N HIS A 82 -18.63 0.95 -6.27
CA HIS A 82 -19.60 -0.05 -6.70
C HIS A 82 -20.97 0.25 -6.12
N GLY A 83 -21.97 0.30 -7.00
CA GLY A 83 -23.33 0.65 -6.63
C GLY A 83 -23.68 2.11 -6.85
N ASN A 84 -22.68 2.97 -7.00
CA ASN A 84 -22.94 4.39 -7.21
C ASN A 84 -23.35 4.64 -8.67
N PRO A 85 -24.12 5.71 -8.92
CA PRO A 85 -24.61 5.95 -10.28
C PRO A 85 -23.52 6.27 -11.30
N CYS A 86 -22.40 6.87 -10.90
CA CYS A 86 -21.38 7.18 -11.90
C CYS A 86 -20.76 5.91 -12.45
N MET A 87 -20.62 4.89 -11.59
CA MET A 87 -20.15 3.60 -12.08
C MET A 87 -21.20 2.95 -12.97
N LYS A 88 -22.49 3.17 -12.65
CA LYS A 88 -23.56 2.65 -13.48
C LYS A 88 -23.48 3.20 -14.89
N GLU A 89 -23.31 4.52 -15.02
CA GLU A 89 -23.21 5.12 -16.34
C GLU A 89 -21.98 4.63 -17.07
N LYS A 90 -20.84 4.55 -16.38
CA LYS A 90 -19.61 4.11 -17.06
C LYS A 90 -19.70 2.68 -17.55
N LEU A 91 -20.41 1.82 -16.81
CA LEU A 91 -20.45 0.40 -17.14
C LEU A 91 -21.23 0.10 -18.40
N VAL A 92 -22.19 0.94 -18.79
CA VAL A 92 -22.93 0.70 -20.02
C VAL A 92 -22.14 1.10 -21.26
N MET A 93 -20.99 1.73 -21.08
CA MET A 93 -20.18 2.25 -22.18
C MET A 93 -18.96 1.36 -22.40
N LYS A 94 -18.97 0.62 -23.51
CA LYS A 94 -17.88 -0.28 -23.87
C LYS A 94 -16.65 0.51 -24.32
N THR A 95 -15.57 0.43 -23.55
CA THR A 95 -14.37 1.21 -23.81
C THR A 95 -13.14 0.34 -23.65
N HIS A 96 -12.07 0.71 -24.34
CA HIS A 96 -10.78 0.03 -24.22
C HIS A 96 -9.73 1.02 -23.76
N CYS A 97 -9.06 0.71 -22.67
CA CYS A 97 -7.99 1.56 -22.20
C CYS A 97 -6.66 0.87 -22.37
N PRO A 98 -5.64 1.57 -22.88
CA PRO A 98 -4.28 1.02 -22.81
C PRO A 98 -3.78 1.05 -21.38
N ASN A 99 -2.69 0.31 -21.15
CA ASN A 99 -2.13 0.20 -19.82
C ASN A 99 -1.54 1.53 -19.35
N ASP A 100 -1.29 1.60 -18.04
CA ASP A 100 -0.51 2.63 -17.35
C ASP A 100 -1.27 3.94 -17.15
N TYR A 101 -2.59 3.97 -17.29
CA TYR A 101 -3.37 5.18 -17.06
C TYR A 101 -4.05 5.12 -15.70
N GLN A 102 -4.02 6.25 -14.99
CA GLN A 102 -4.72 6.38 -13.72
C GLN A 102 -6.01 7.18 -13.84
N SER A 103 -6.33 7.66 -15.04
CA SER A 103 -7.55 8.45 -15.25
C SER A 103 -8.00 8.27 -16.69
N ALA A 104 -9.32 8.33 -16.87
CA ALA A 104 -9.93 8.34 -18.20
C ALA A 104 -11.17 9.22 -18.13
N HIS A 105 -11.45 9.96 -19.19
CA HIS A 105 -12.52 10.95 -19.16
C HIS A 105 -13.46 10.80 -20.35
N TYR A 106 -14.70 11.24 -20.15
CA TYR A 106 -15.73 11.05 -21.15
C TYR A 106 -16.82 12.09 -20.98
N LEU A 107 -17.57 12.31 -22.05
CA LEU A 107 -18.71 13.20 -22.03
C LEU A 107 -19.94 12.39 -21.62
N ASN A 108 -20.57 12.79 -20.50
CA ASN A 108 -21.61 11.97 -19.90
C ASN A 108 -22.98 12.33 -20.47
N ASN A 109 -24.02 11.74 -19.91
CA ASN A 109 -25.37 11.91 -20.45
C ASN A 109 -25.91 13.32 -20.28
N ASP A 110 -25.41 14.08 -19.31
CA ASP A 110 -25.80 15.48 -19.15
C ASP A 110 -24.97 16.42 -20.00
N GLY A 111 -24.12 15.89 -20.89
CA GLY A 111 -23.26 16.74 -21.70
C GLY A 111 -22.13 17.39 -20.92
N LYS A 112 -21.67 16.76 -19.85
CA LYS A 112 -20.57 17.29 -19.04
C LYS A 112 -19.47 16.24 -18.96
N MET A 113 -18.25 16.69 -18.67
CA MET A 113 -17.10 15.78 -18.63
C MET A 113 -17.01 15.09 -17.26
N ALA A 114 -17.06 13.78 -17.28
CA ALA A 114 -16.87 12.92 -16.13
C ALA A 114 -15.58 12.12 -16.31
N SER A 115 -15.11 11.52 -15.23
CA SER A 115 -13.89 10.74 -15.31
C SER A 115 -13.93 9.61 -14.31
N VAL A 116 -13.13 8.58 -14.58
CA VAL A 116 -12.88 7.49 -13.66
C VAL A 116 -11.39 7.49 -13.36
N LYS A 117 -11.05 7.29 -12.08
CA LYS A 117 -9.68 7.39 -11.63
C LYS A 117 -9.33 6.26 -10.67
N CYS A 118 -8.03 5.97 -10.59
CA CYS A 118 -7.49 4.93 -9.72
C CYS A 118 -6.54 5.54 -8.69
N PRO A 119 -6.43 4.93 -7.51
CA PRO A 119 -5.55 5.46 -6.46
C PRO A 119 -4.10 5.30 -6.83
N PRO A 120 -3.18 5.97 -6.11
CA PRO A 120 -1.75 5.89 -6.48
C PRO A 120 -1.28 4.45 -6.64
N LYS A 121 -0.41 4.24 -7.64
CA LYS A 121 0.20 2.97 -8.00
C LYS A 121 -0.77 2.00 -8.65
N TYR A 122 -2.03 2.38 -8.85
CA TYR A 122 -3.01 1.56 -9.54
C TYR A 122 -3.28 2.15 -10.92
N GLU A 123 -3.64 1.28 -11.86
CA GLU A 123 -3.98 1.68 -13.20
C GLU A 123 -5.33 1.09 -13.57
N LEU A 124 -5.95 1.70 -14.58
CA LEU A 124 -7.24 1.22 -15.06
C LEU A 124 -7.10 -0.12 -15.77
N THR A 125 -8.09 -0.99 -15.58
CA THR A 125 -8.16 -2.23 -16.33
C THR A 125 -8.48 -1.93 -17.80
N GLU A 126 -8.37 -2.97 -18.64
CA GLU A 126 -8.53 -2.80 -20.08
C GLU A 126 -9.90 -2.26 -20.45
N ASP A 127 -10.93 -2.60 -19.67
CA ASP A 127 -12.28 -2.10 -19.95
C ASP A 127 -12.54 -0.74 -19.33
N CYS A 128 -11.54 -0.12 -18.71
CA CYS A 128 -11.62 1.20 -18.10
C CYS A 128 -12.59 1.25 -16.92
N ASN A 129 -12.97 0.09 -16.38
CA ASN A 129 -14.01 0.05 -15.35
C ASN A 129 -13.49 -0.27 -13.96
N PHE A 130 -12.26 -0.78 -13.83
CA PHE A 130 -11.74 -1.20 -12.53
C PHE A 130 -10.29 -0.76 -12.42
N CYS A 131 -9.68 -1.03 -11.27
CA CYS A 131 -8.30 -0.68 -10.98
C CYS A 131 -7.51 -1.92 -10.62
N ARG A 132 -6.23 -1.93 -10.99
CA ARG A 132 -5.32 -3.01 -10.63
C ARG A 132 -3.93 -2.43 -10.51
N GLN A 133 -3.08 -3.11 -9.74
CA GLN A 133 -1.72 -2.70 -9.45
C GLN A 133 -0.77 -3.63 -10.20
N MET A 134 -0.10 -3.09 -11.22
CA MET A 134 0.91 -3.83 -11.97
C MET A 134 2.28 -3.44 -11.43
N THR A 135 3.06 -4.42 -10.98
CA THR A 135 4.31 -4.13 -10.29
C THR A 135 5.36 -3.54 -11.21
N GLY A 136 5.36 -3.91 -12.49
CA GLY A 136 6.22 -3.25 -13.44
C GLY A 136 5.45 -2.30 -14.32
N ALA A 137 5.25 -1.06 -13.86
CA ALA A 137 4.39 -0.11 -14.55
C ALA A 137 4.95 1.30 -14.42
N SER A 138 5.19 1.94 -15.55
CA SER A 138 5.50 3.37 -15.60
C SER A 138 4.21 4.10 -15.91
N LEU A 139 3.57 4.66 -14.89
CA LEU A 139 2.23 5.20 -15.02
C LEU A 139 2.24 6.56 -15.70
N LYS A 140 1.26 6.78 -16.58
CA LYS A 140 1.11 8.07 -17.25
C LYS A 140 0.61 9.13 -16.28
N LYS A 141 0.88 10.39 -16.62
CA LYS A 141 0.49 11.50 -15.77
C LYS A 141 -0.76 12.20 -16.26
N GLY A 142 -1.42 11.67 -17.29
CA GLY A 142 -2.61 12.29 -17.82
C GLY A 142 -3.84 11.40 -17.78
N SER A 143 -4.86 11.75 -18.57
CA SER A 143 -6.13 11.05 -18.59
C SER A 143 -6.46 10.59 -20.02
N TYR A 144 -6.94 9.36 -20.14
CA TYR A 144 -7.15 8.81 -21.47
C TYR A 144 -8.52 9.20 -22.01
N PRO A 145 -8.59 9.79 -23.21
CA PRO A 145 -9.90 10.14 -23.79
C PRO A 145 -10.63 8.90 -24.25
N LEU A 146 -11.79 8.66 -23.65
CA LEU A 146 -12.53 7.41 -23.88
C LEU A 146 -13.36 7.42 -25.16
N GLN A 147 -13.71 8.59 -25.69
CA GLN A 147 -14.59 8.68 -26.83
C GLN A 147 -13.88 9.36 -28.00
N ASP A 148 -14.27 8.96 -29.21
CA ASP A 148 -13.83 9.62 -30.43
C ASP A 148 -14.79 10.77 -30.67
N LEU A 149 -14.34 12.00 -30.40
CA LEU A 149 -15.21 13.16 -30.48
C LEU A 149 -14.39 14.41 -30.77
N PHE A 150 -15.11 15.51 -31.03
CA PHE A 150 -14.51 16.83 -31.15
C PHE A 150 -15.52 17.87 -30.70
N CYS A 151 -15.03 19.05 -30.36
CA CYS A 151 -15.87 20.08 -29.77
C CYS A 151 -15.60 21.43 -30.41
N GLN A 152 -16.51 22.36 -30.16
CA GLN A 152 -16.41 23.75 -30.60
C GLN A 152 -17.36 24.57 -29.73
N SER A 153 -17.13 25.88 -29.70
CA SER A 153 -18.05 26.77 -29.01
C SER A 153 -19.32 26.97 -29.82
N SER A 154 -20.43 27.22 -29.12
CA SER A 154 -21.71 27.39 -29.78
C SER A 154 -22.70 28.06 -28.83
N GLU A 155 -23.47 29.00 -29.36
CA GLU A 155 -24.57 29.62 -28.64
C GLU A 155 -25.93 29.11 -29.10
N ASP A 156 -25.96 28.15 -30.03
CA ASP A 156 -27.20 27.62 -30.58
C ASP A 156 -27.96 26.85 -29.50
N ASP A 157 -29.17 27.30 -29.19
CA ASP A 157 -29.98 26.67 -28.15
C ASP A 157 -30.42 25.28 -28.57
N GLY A 158 -30.13 24.29 -27.73
CA GLY A 158 -30.58 22.94 -28.01
C GLY A 158 -31.51 22.37 -26.96
N SER A 159 -32.25 23.25 -26.28
CA SER A 159 -33.07 22.80 -25.16
C SER A 159 -34.22 21.91 -25.59
N LYS A 160 -34.78 22.12 -26.80
CA LYS A 160 -35.86 21.27 -27.27
C LYS A 160 -35.37 20.04 -28.02
N LEU A 161 -34.06 19.81 -28.09
CA LEU A 161 -33.52 18.67 -28.80
C LEU A 161 -33.45 17.48 -27.87
N LYS A 162 -33.80 16.31 -28.38
CA LYS A 162 -33.72 15.08 -27.59
C LYS A 162 -33.46 13.92 -28.53
N THR A 163 -33.01 12.82 -27.94
CA THR A 163 -32.72 11.61 -28.70
C THR A 163 -33.98 11.05 -29.33
N LYS A 164 -33.93 10.79 -30.63
CA LYS A 164 -35.05 10.16 -31.34
C LYS A 164 -34.46 9.16 -32.33
N MET A 165 -34.69 7.88 -32.06
CA MET A 165 -34.16 6.81 -32.90
C MET A 165 -35.26 5.80 -33.16
N LYS A 166 -35.26 5.23 -34.37
CA LYS A 166 -36.39 4.42 -34.81
C LYS A 166 -36.38 3.06 -34.10
N GLY A 167 -37.46 2.78 -33.38
CA GLY A 167 -37.61 1.47 -32.76
C GLY A 167 -36.57 1.13 -31.71
N VAL A 168 -36.11 2.12 -30.95
CA VAL A 168 -35.12 1.91 -29.90
C VAL A 168 -35.82 2.10 -28.55
N CYS A 169 -35.77 1.07 -27.71
CA CYS A 169 -36.31 1.17 -26.36
C CYS A 169 -35.38 1.98 -25.47
N GLU A 170 -34.10 1.60 -25.42
CA GLU A 170 -33.15 2.27 -24.55
C GLU A 170 -31.83 2.36 -25.30
N VAL A 171 -31.12 3.46 -25.10
CA VAL A 171 -29.80 3.67 -25.66
C VAL A 171 -28.93 4.22 -24.53
N GLY A 172 -27.89 3.47 -24.16
CA GLY A 172 -27.11 3.88 -23.00
C GLY A 172 -27.99 3.94 -21.77
N VAL A 173 -27.98 5.09 -21.09
CA VAL A 173 -28.77 5.27 -19.88
C VAL A 173 -30.10 5.94 -20.20
N GLN A 174 -30.39 6.12 -21.48
CA GLN A 174 -31.59 6.84 -21.90
C GLN A 174 -32.68 5.85 -22.28
N ALA A 175 -33.79 5.91 -21.56
CA ALA A 175 -34.97 5.12 -21.90
C ALA A 175 -35.85 5.98 -22.80
N LEU A 176 -35.96 5.59 -24.07
CA LEU A 176 -36.74 6.39 -25.00
C LEU A 176 -38.22 6.09 -24.87
N LYS A 177 -38.58 4.84 -24.61
CA LYS A 177 -39.99 4.48 -24.47
C LYS A 177 -40.09 3.21 -23.65
N LYS A 178 -41.35 2.81 -23.40
CA LYS A 178 -41.65 1.61 -22.63
C LYS A 178 -41.71 0.39 -23.55
N CYS A 179 -41.03 -0.67 -23.16
CA CYS A 179 -41.02 -1.89 -23.97
C CYS A 179 -41.35 -3.11 -23.12
N LEU A 183 -37.22 -7.98 -27.88
CA LEU A 183 -36.23 -6.94 -27.66
C LEU A 183 -34.80 -7.42 -27.90
N SER A 184 -34.23 -7.04 -29.04
CA SER A 184 -32.82 -7.29 -29.29
C SER A 184 -31.97 -6.38 -28.42
N THR A 185 -30.81 -6.89 -28.01
CA THR A 185 -29.90 -6.12 -27.16
C THR A 185 -28.49 -6.32 -27.67
N ALA A 186 -27.77 -5.22 -27.93
CA ALA A 186 -26.43 -5.38 -28.45
C ALA A 186 -25.61 -4.13 -28.17
N HIS A 187 -24.30 -4.26 -28.26
CA HIS A 187 -23.37 -3.14 -28.12
C HIS A 187 -23.17 -2.51 -29.48
N GLU A 188 -23.70 -1.31 -29.66
CA GLU A 188 -23.62 -0.60 -30.93
C GLU A 188 -22.80 0.68 -30.77
N VAL A 189 -22.07 1.03 -31.83
CA VAL A 189 -21.37 2.31 -31.92
C VAL A 189 -22.39 3.35 -32.36
N VAL A 190 -22.84 4.19 -31.44
CA VAL A 190 -23.88 5.17 -31.70
C VAL A 190 -23.23 6.55 -31.77
N PRO A 191 -23.57 7.36 -32.77
CA PRO A 191 -23.15 8.76 -32.77
C PRO A 191 -24.01 9.60 -31.85
N PHE A 192 -23.44 10.69 -31.35
CA PHE A 192 -24.15 11.58 -30.46
C PHE A 192 -23.61 13.01 -30.63
N ALA A 193 -24.42 13.94 -30.14
CA ALA A 193 -24.03 15.35 -30.09
C ALA A 193 -24.52 15.96 -28.79
N VAL A 194 -23.81 16.98 -28.34
CA VAL A 194 -24.17 17.78 -27.19
C VAL A 194 -24.23 19.23 -27.64
N PHE A 195 -25.34 19.90 -27.28
CA PHE A 195 -25.65 21.27 -27.61
C PHE A 195 -25.81 22.08 -26.34
N LYS A 196 -25.83 23.40 -26.50
CA LYS A 196 -26.06 24.30 -25.39
C LYS A 196 -27.42 23.99 -24.75
N ASN A 197 -27.41 23.78 -23.43
CA ASN A 197 -28.63 23.52 -22.64
C ASN A 197 -29.33 22.22 -23.03
N SER A 198 -28.60 21.27 -23.59
CA SER A 198 -29.19 19.97 -23.91
C SER A 198 -28.47 18.89 -23.12
N LYS A 199 -28.96 17.67 -23.25
CA LYS A 199 -28.30 16.48 -22.76
C LYS A 199 -27.71 15.75 -23.97
N LYS A 200 -27.14 14.57 -23.72
CA LYS A 200 -26.58 13.80 -24.82
C LYS A 200 -27.69 13.41 -25.78
N VAL A 201 -27.53 13.76 -27.05
CA VAL A 201 -28.50 13.43 -28.07
C VAL A 201 -27.87 12.34 -28.94
N TYR A 202 -28.34 11.11 -28.76
CA TYR A 202 -27.95 10.03 -29.63
C TYR A 202 -28.65 10.16 -30.98
N LEU A 203 -28.02 9.62 -32.02
CA LEU A 203 -28.49 9.83 -33.38
C LEU A 203 -28.51 8.53 -34.16
N ASP A 204 -29.50 8.40 -35.05
CA ASP A 204 -29.51 7.27 -35.97
C ASP A 204 -28.39 7.43 -37.00
N LYS A 205 -28.11 8.66 -37.41
CA LYS A 205 -27.13 8.92 -38.45
C LYS A 205 -26.40 10.22 -38.13
N LEU A 206 -25.11 10.25 -38.48
CA LEU A 206 -24.27 11.44 -38.28
C LEU A 206 -24.17 12.18 -39.61
N ASP A 207 -24.84 13.33 -39.70
CA ASP A 207 -24.87 14.18 -40.89
C ASP A 207 -24.22 15.52 -40.57
N LEU A 208 -22.98 15.71 -41.02
CA LEU A 208 -22.19 16.89 -40.67
C LEU A 208 -21.86 17.72 -41.91
N LYS A 209 -21.84 19.04 -41.72
CA LYS A 209 -21.34 19.94 -42.76
C LYS A 209 -20.50 21.03 -42.12
N THR A 210 -19.42 21.42 -42.80
CA THR A 210 -18.49 22.39 -42.28
C THR A 210 -18.52 23.67 -43.12
N GLU A 211 -18.72 24.80 -42.45
CA GLU A 211 -18.67 26.12 -43.07
C GLU A 211 -17.32 26.74 -42.73
N GLU A 212 -16.48 26.92 -43.75
CA GLU A 212 -15.18 27.54 -43.58
C GLU A 212 -15.35 28.99 -43.14
N ASN A 213 -14.36 29.52 -42.43
CA ASN A 213 -14.44 30.91 -42.00
C ASN A 213 -13.03 31.41 -41.69
N LEU A 214 -12.95 32.68 -41.33
CA LEU A 214 -11.68 33.35 -41.05
C LEU A 214 -11.61 33.78 -39.59
N LEU A 215 -12.30 33.05 -38.72
CA LEU A 215 -12.23 33.30 -37.30
C LEU A 215 -10.86 32.91 -36.77
N PRO A 216 -10.47 33.43 -35.59
CA PRO A 216 -9.14 33.10 -35.04
C PRO A 216 -8.84 31.61 -34.93
N ASP A 217 -9.81 30.79 -34.52
CA ASP A 217 -9.56 29.36 -34.36
C ASP A 217 -9.36 28.63 -35.68
N SER A 218 -9.60 29.29 -36.81
CA SER A 218 -9.39 28.68 -38.12
C SER A 218 -7.96 28.84 -38.61
N PHE A 219 -7.07 29.38 -37.78
CA PHE A 219 -5.71 29.67 -38.19
C PHE A 219 -4.71 29.08 -37.20
N VAL A 220 -3.57 28.67 -37.72
CA VAL A 220 -2.42 28.22 -36.93
C VAL A 220 -1.27 29.15 -37.26
N CYS A 221 -0.72 29.81 -36.25
CA CYS A 221 0.38 30.75 -36.42
C CYS A 221 1.63 30.24 -35.73
N PHE A 222 2.79 30.56 -36.32
CA PHE A 222 4.07 30.13 -35.76
C PHE A 222 5.11 31.24 -35.93
N GLU A 223 6.17 31.14 -35.14
CA GLU A 223 7.27 32.09 -35.19
C GLU A 223 8.45 31.52 -35.97
N LEU A 241 9.50 24.44 -34.63
CA LEU A 241 8.51 25.52 -34.76
C LEU A 241 8.04 25.95 -33.38
N LYS A 242 7.52 27.17 -33.29
CA LYS A 242 7.01 27.66 -32.01
C LYS A 242 5.68 28.35 -32.27
N SER A 243 4.66 27.97 -31.50
CA SER A 243 3.33 28.53 -31.65
C SER A 243 3.32 30.03 -31.38
N PHE A 244 2.28 30.69 -31.91
CA PHE A 244 2.13 32.14 -31.85
C PHE A 244 0.65 32.47 -31.78
N ASP A 245 0.28 33.35 -30.86
CA ASP A 245 -1.13 33.72 -30.68
C ASP A 245 -1.54 34.76 -31.72
N ILE A 246 -2.56 34.43 -32.50
CA ILE A 246 -3.02 35.30 -33.59
C ILE A 246 -3.63 36.60 -33.08
N SER A 247 -4.04 36.66 -31.80
CA SER A 247 -4.63 37.88 -31.27
C SER A 247 -3.68 39.08 -31.37
N GLN A 248 -2.38 38.84 -31.47
CA GLN A 248 -1.42 39.91 -31.68
C GLN A 248 -1.39 40.41 -33.12
N CYS A 249 -1.97 39.67 -34.06
CA CYS A 249 -1.94 40.05 -35.47
C CYS A 249 -3.04 41.07 -35.76
N PRO A 250 -2.71 42.22 -36.34
CA PRO A 250 -3.72 43.22 -36.65
C PRO A 250 -4.63 42.80 -37.80
N LYS A 251 -5.92 43.07 -37.64
CA LYS A 251 -6.87 42.89 -38.71
C LYS A 251 -6.68 43.99 -39.76
N ILE A 252 -7.26 43.76 -40.95
CA ILE A 252 -7.23 44.79 -41.98
C ILE A 252 -8.08 45.95 -41.51
N GLY A 253 -7.45 47.08 -41.19
CA GLY A 253 -8.15 48.19 -40.58
C GLY A 253 -7.99 48.18 -39.07
N GLY A 254 -6.80 47.85 -38.60
CA GLY A 254 -6.53 47.80 -37.17
C GLY A 254 -5.04 47.70 -36.93
N HIS A 255 -4.69 47.62 -35.65
CA HIS A 255 -3.30 47.48 -35.24
C HIS A 255 -3.22 46.46 -34.12
N GLY A 256 -2.00 46.02 -33.81
CA GLY A 256 -1.83 44.97 -32.83
C GLY A 256 -0.45 45.00 -32.22
N SER A 257 -0.22 44.01 -31.35
CA SER A 257 1.04 43.93 -30.61
C SER A 257 2.22 43.66 -31.53
N LYS A 258 2.01 42.82 -32.56
CA LYS A 258 3.09 42.38 -33.44
C LYS A 258 2.68 42.58 -34.89
N LYS A 259 3.57 42.15 -35.80
CA LYS A 259 3.32 42.20 -37.23
C LYS A 259 3.33 40.78 -37.79
N CYS A 260 2.38 40.50 -38.69
CA CYS A 260 2.17 39.15 -39.16
C CYS A 260 1.96 39.12 -40.66
N THR A 261 2.21 37.94 -41.23
CA THR A 261 1.92 37.64 -42.62
C THR A 261 1.42 36.21 -42.68
N GLY A 262 0.63 35.90 -43.72
CA GLY A 262 0.11 34.56 -43.83
C GLY A 262 -0.22 34.09 -45.24
N ASP A 263 -1.06 33.07 -45.35
CA ASP A 263 -1.50 32.57 -46.64
C ASP A 263 -2.61 33.49 -47.19
N ALA A 264 -3.23 33.07 -48.31
CA ALA A 264 -4.24 33.91 -48.94
C ALA A 264 -5.45 34.10 -48.04
N ALA A 265 -5.86 33.04 -47.33
CA ALA A 265 -6.96 33.16 -46.38
C ALA A 265 -6.65 34.18 -45.29
N PHE A 266 -5.44 34.10 -44.71
CA PHE A 266 -5.07 35.01 -43.65
C PHE A 266 -5.01 36.46 -44.14
N CYS A 267 -4.39 36.67 -45.32
CA CYS A 267 -4.19 38.03 -45.81
C CYS A 267 -5.48 38.66 -46.30
N SER A 268 -6.49 37.85 -46.63
CA SER A 268 -7.79 38.41 -47.00
C SER A 268 -8.47 39.10 -45.81
N ALA A 269 -8.11 38.73 -44.58
CA ALA A 269 -8.74 39.32 -43.40
C ALA A 269 -7.76 39.97 -42.44
N TYR A 270 -6.46 39.71 -42.57
CA TYR A 270 -5.46 40.27 -41.68
C TYR A 270 -4.47 41.11 -42.49
N GLU A 271 -3.78 42.00 -41.78
CA GLU A 271 -2.80 42.91 -42.39
C GLU A 271 -1.46 42.20 -42.54
N CYS A 272 -1.18 41.70 -43.74
CA CYS A 272 0.06 40.99 -44.02
C CYS A 272 1.17 41.96 -44.35
N THR A 273 2.24 41.95 -43.55
CA THR A 273 3.35 42.88 -43.71
C THR A 273 4.40 42.38 -44.69
N ALA A 274 4.83 41.13 -44.54
CA ALA A 274 5.84 40.49 -45.38
C ALA A 274 7.20 41.19 -45.31
N GLN A 275 7.43 41.96 -44.25
CA GLN A 275 8.74 42.57 -44.00
C GLN A 275 8.81 42.90 -42.52
N TYR A 276 9.84 42.39 -41.83
CA TYR A 276 9.86 42.33 -40.38
C TYR A 276 8.62 41.59 -39.87
N ALA A 277 8.55 40.32 -40.24
CA ALA A 277 7.40 39.47 -39.94
C ALA A 277 7.72 38.65 -38.70
N ASN A 278 6.98 38.89 -37.62
CA ASN A 278 7.20 38.15 -36.38
C ASN A 278 6.60 36.75 -36.44
N ALA A 279 5.56 36.54 -37.25
CA ALA A 279 4.87 35.27 -37.28
C ALA A 279 4.24 35.04 -38.64
N TYR A 280 4.03 33.76 -38.95
CA TYR A 280 3.39 33.31 -40.17
C TYR A 280 2.14 32.52 -39.79
N CYS A 281 1.00 32.87 -40.39
CA CYS A 281 -0.27 32.24 -40.07
C CYS A 281 -0.84 31.52 -41.29
N SER A 282 -1.17 30.25 -41.12
CA SER A 282 -1.81 29.47 -42.17
C SER A 282 -3.24 29.12 -41.75
N HIS A 283 -4.09 28.87 -42.75
CA HIS A 283 -5.44 28.44 -42.47
C HIS A 283 -5.43 26.96 -42.13
N ALA A 284 -6.05 26.60 -40.99
CA ALA A 284 -6.04 25.24 -40.50
C ALA A 284 -7.01 24.37 -41.31
N ASN A 285 -6.47 23.36 -41.99
CA ASN A 285 -7.31 22.43 -42.73
C ASN A 285 -8.06 21.53 -41.75
N GLY A 286 -9.38 21.63 -41.75
CA GLY A 286 -10.20 20.93 -40.78
C GLY A 286 -10.73 21.77 -39.65
N SER A 287 -10.82 23.09 -39.84
CA SER A 287 -11.44 24.01 -38.91
C SER A 287 -12.77 24.46 -39.50
N GLY A 288 -13.35 25.50 -38.91
CA GLY A 288 -14.62 26.02 -39.37
C GLY A 288 -15.78 25.55 -38.51
N ILE A 289 -16.93 26.17 -38.73
CA ILE A 289 -18.11 25.88 -37.92
C ILE A 289 -18.77 24.60 -38.45
N VAL A 290 -18.87 23.59 -37.60
CA VAL A 290 -19.56 22.36 -37.94
C VAL A 290 -21.03 22.47 -37.57
N GLN A 291 -21.88 21.92 -38.42
CA GLN A 291 -23.30 21.85 -38.16
C GLN A 291 -23.77 20.42 -38.36
N ILE A 292 -24.78 20.04 -37.58
CA ILE A 292 -25.29 18.67 -37.55
C ILE A 292 -26.78 18.71 -37.84
N GLN A 293 -27.25 17.70 -38.55
CA GLN A 293 -28.66 17.59 -38.88
C GLN A 293 -29.30 16.70 -37.83
N VAL A 294 -30.21 17.28 -37.05
CA VAL A 294 -30.94 16.57 -36.01
C VAL A 294 -32.42 16.77 -36.28
N SER A 295 -33.11 15.68 -36.62
CA SER A 295 -34.55 15.66 -36.88
C SER A 295 -34.93 16.75 -37.89
N GLY A 296 -34.15 16.84 -38.96
CA GLY A 296 -34.45 17.76 -40.03
C GLY A 296 -34.10 19.21 -39.79
N VAL A 297 -33.39 19.52 -38.70
CA VAL A 297 -32.96 20.88 -38.43
C VAL A 297 -31.45 20.89 -38.31
N TRP A 298 -30.80 21.84 -38.97
CA TRP A 298 -29.36 22.01 -38.83
C TRP A 298 -29.07 22.83 -37.57
N LYS A 299 -28.26 22.28 -36.68
CA LYS A 299 -27.92 22.95 -35.44
C LYS A 299 -26.41 22.94 -35.25
N LYS A 300 -25.95 23.90 -34.45
CA LYS A 300 -24.53 24.10 -34.18
C LYS A 300 -24.20 23.44 -32.85
N PRO A 301 -23.56 22.27 -32.84
CA PRO A 301 -23.36 21.54 -31.59
C PRO A 301 -22.13 22.03 -30.83
N LEU A 302 -22.11 21.72 -29.53
CA LEU A 302 -20.92 21.94 -28.71
C LEU A 302 -19.91 20.82 -28.93
N CYS A 303 -20.36 19.56 -28.91
CA CYS A 303 -19.49 18.43 -29.19
C CYS A 303 -20.24 17.40 -30.02
N VAL A 304 -19.47 16.63 -30.80
CA VAL A 304 -19.98 15.54 -31.63
C VAL A 304 -19.04 14.37 -31.48
N GLY A 305 -19.59 13.17 -31.29
CA GLY A 305 -18.72 12.02 -31.13
C GLY A 305 -19.43 10.69 -31.35
N TYR A 306 -18.67 9.61 -31.12
CA TYR A 306 -19.14 8.24 -31.18
C TYR A 306 -18.91 7.55 -29.84
N GLU A 307 -19.79 6.61 -29.48
CA GLU A 307 -19.47 5.76 -28.33
C GLU A 307 -20.20 4.44 -28.45
N ARG A 308 -19.59 3.39 -27.91
CA ARG A 308 -20.15 2.04 -27.98
C ARG A 308 -20.96 1.80 -26.71
N VAL A 309 -22.29 1.71 -26.85
CA VAL A 309 -23.18 1.55 -25.71
C VAL A 309 -24.19 0.47 -26.02
N VAL A 310 -24.90 0.05 -24.96
CA VAL A 310 -25.96 -0.95 -25.11
C VAL A 310 -27.17 -0.28 -25.74
N VAL A 311 -27.65 -0.87 -26.83
CA VAL A 311 -28.88 -0.45 -27.48
C VAL A 311 -29.84 -1.64 -27.47
N LYS A 312 -31.06 -1.38 -27.05
CA LYS A 312 -32.13 -2.38 -27.03
C LYS A 312 -33.17 -1.92 -28.03
N ARG A 313 -33.48 -2.79 -28.99
CA ARG A 313 -34.34 -2.46 -30.10
C ARG A 313 -35.54 -3.40 -30.12
N GLU A 314 -36.61 -2.95 -30.77
CA GLU A 314 -37.84 -3.72 -30.87
C GLU A 314 -37.79 -4.66 -32.06
N LEU A 315 -38.09 -5.94 -31.82
CA LEU A 315 -38.31 -6.85 -32.93
C LEU A 315 -39.64 -6.58 -33.61
N SER A 316 -40.64 -6.16 -32.85
CA SER A 316 -41.96 -5.85 -33.40
C SER A 316 -41.99 -4.45 -34.00
N ASP B 2 28.36 -21.27 25.73
CA ASP B 2 27.78 -22.61 25.60
C ASP B 2 27.33 -22.85 24.16
N PRO B 3 28.01 -23.76 23.48
CA PRO B 3 27.64 -24.09 22.09
C PRO B 3 26.50 -25.08 21.96
N HIS B 4 25.85 -25.46 23.07
CA HIS B 4 24.76 -26.42 23.06
C HIS B 4 23.43 -25.79 23.47
N LEU B 5 23.33 -24.47 23.39
CA LEU B 5 22.08 -23.80 23.73
C LEU B 5 20.98 -24.07 22.71
N ARG B 6 21.35 -24.43 21.48
CA ARG B 6 20.38 -24.72 20.44
C ARG B 6 19.84 -26.14 20.52
N ASN B 7 20.30 -26.94 21.47
CA ASN B 7 19.76 -28.28 21.71
C ASN B 7 18.68 -28.14 22.77
N ARG B 8 17.42 -28.11 22.33
CA ARG B 8 16.33 -27.62 23.16
C ARG B 8 15.70 -28.75 23.97
N PRO B 9 15.14 -28.41 25.13
CA PRO B 9 14.34 -29.37 25.89
C PRO B 9 12.97 -29.56 25.27
N GLY B 10 12.42 -30.76 25.48
CA GLY B 10 11.16 -31.06 24.85
C GLY B 10 11.30 -31.09 23.35
N LYS B 11 10.20 -30.76 22.66
CA LYS B 11 10.22 -30.80 21.19
C LYS B 11 11.06 -29.68 20.61
N GLY B 12 11.16 -28.54 21.30
CA GLY B 12 11.97 -27.44 20.80
C GLY B 12 11.34 -26.66 19.67
N HIS B 13 10.01 -26.61 19.60
CA HIS B 13 9.31 -25.96 18.51
C HIS B 13 9.21 -24.46 18.78
N ASN B 14 9.88 -23.67 17.94
CA ASN B 14 9.84 -22.21 18.07
C ASN B 14 9.22 -21.58 16.82
N TYR B 15 7.96 -21.90 16.55
CA TYR B 15 7.18 -21.25 15.51
C TYR B 15 5.84 -20.86 16.10
N ILE B 16 5.12 -19.99 15.41
CA ILE B 16 3.79 -19.59 15.83
C ILE B 16 2.82 -19.96 14.71
N ASP B 17 1.59 -20.30 15.10
CA ASP B 17 0.60 -20.79 14.15
C ASP B 17 0.34 -19.76 13.05
N GLY B 18 0.17 -20.26 11.83
CA GLY B 18 0.02 -19.41 10.66
C GLY B 18 1.34 -19.04 10.00
N MET B 19 2.45 -19.16 10.71
CA MET B 19 3.76 -18.77 10.20
C MET B 19 4.68 -19.99 10.27
N THR B 20 4.45 -20.94 9.36
CA THR B 20 5.11 -22.23 9.35
C THR B 20 6.24 -22.31 8.34
N GLN B 21 6.67 -21.19 7.78
CA GLN B 21 7.58 -21.22 6.64
C GLN B 21 9.06 -21.19 7.03
N GLU B 22 9.38 -21.30 8.32
CA GLU B 22 10.76 -21.57 8.73
C GLU B 22 10.82 -22.81 9.61
N ASP B 23 9.86 -23.72 9.43
CA ASP B 23 9.81 -24.94 10.25
C ASP B 23 11.08 -25.77 10.10
N ALA B 24 11.72 -25.73 8.92
CA ALA B 24 12.93 -26.50 8.70
C ALA B 24 13.99 -26.20 9.75
N THR B 25 14.11 -24.94 10.18
CA THR B 25 15.11 -24.55 11.16
C THR B 25 14.53 -24.18 12.52
N CYS B 26 13.21 -24.10 12.67
CA CYS B 26 12.60 -23.78 13.96
C CYS B 26 11.79 -24.92 14.55
N LYS B 27 11.57 -26.00 13.80
CA LYS B 27 10.70 -27.09 14.23
C LYS B 27 11.41 -28.42 13.99
N PRO B 28 12.41 -28.73 14.83
CA PRO B 28 12.85 -27.99 16.01
C PRO B 28 14.01 -27.05 15.75
N VAL B 29 14.22 -26.09 16.64
CA VAL B 29 15.50 -25.40 16.70
C VAL B 29 16.57 -26.44 17.04
N THR B 30 17.70 -26.37 16.35
CA THR B 30 18.79 -27.31 16.60
C THR B 30 20.11 -26.61 16.25
N TYR B 31 21.20 -27.38 16.31
CA TYR B 31 22.53 -26.81 16.11
C TYR B 31 22.62 -26.03 14.81
N ALA B 32 22.17 -26.62 13.71
CA ALA B 32 22.25 -25.97 12.41
C ALA B 32 21.02 -25.13 12.13
N GLY B 33 21.24 -24.01 11.43
CA GLY B 33 20.15 -23.21 10.93
C GLY B 33 19.89 -21.97 11.78
N ALA B 34 19.18 -21.02 11.18
CA ALA B 34 18.78 -19.79 11.84
C ALA B 34 17.27 -19.79 12.07
N CYS B 35 16.84 -19.27 13.22
CA CYS B 35 15.42 -19.22 13.58
C CYS B 35 15.11 -17.82 14.10
N SER B 36 14.25 -17.09 13.38
CA SER B 36 13.98 -15.70 13.76
C SER B 36 13.13 -15.60 15.03
N SER B 37 12.48 -16.68 15.45
CA SER B 37 11.73 -16.67 16.70
C SER B 37 12.60 -16.98 17.91
N PHE B 38 13.80 -17.53 17.71
CA PHE B 38 14.62 -18.04 18.79
C PHE B 38 15.98 -17.36 18.91
N ASP B 39 16.64 -17.09 17.78
CA ASP B 39 18.05 -16.68 17.82
C ASP B 39 18.25 -15.41 18.63
N VAL B 40 17.32 -14.47 18.55
CA VAL B 40 17.47 -13.20 19.27
C VAL B 40 17.58 -13.42 20.77
N LEU B 41 17.09 -14.56 21.27
CA LEU B 41 17.18 -14.84 22.70
C LEU B 41 18.62 -15.05 23.16
N LEU B 42 19.55 -15.32 22.25
CA LEU B 42 20.93 -15.60 22.60
C LEU B 42 21.89 -14.46 22.27
N GLU B 43 21.39 -13.36 21.72
CA GLU B 43 22.23 -12.19 21.54
C GLU B 43 22.67 -11.65 22.88
N LYS B 44 23.97 -11.61 23.13
CA LYS B 44 24.48 -11.13 24.41
C LYS B 44 24.08 -9.68 24.64
N GLY B 45 23.69 -9.38 25.87
CA GLY B 45 23.12 -8.11 26.25
C GLY B 45 21.61 -8.11 26.29
N LYS B 46 20.97 -8.98 25.52
CA LYS B 46 19.53 -9.10 25.51
C LYS B 46 19.10 -10.36 26.25
N PHE B 47 17.86 -10.34 26.73
CA PHE B 47 17.22 -11.43 27.46
C PHE B 47 18.15 -12.03 28.52
N PRO B 48 18.64 -11.22 29.47
CA PRO B 48 19.61 -11.76 30.45
C PRO B 48 19.04 -12.87 31.30
N LEU B 49 17.77 -12.78 31.69
CA LEU B 49 17.18 -13.80 32.56
C LEU B 49 17.11 -15.15 31.84
N PHE B 50 16.64 -15.16 30.59
CA PHE B 50 16.59 -16.41 29.85
C PHE B 50 17.98 -16.99 29.64
N GLN B 51 18.97 -16.15 29.34
CA GLN B 51 20.32 -16.63 29.13
C GLN B 51 20.91 -17.24 30.40
N SER B 52 20.32 -16.96 31.56
CA SER B 52 20.72 -17.65 32.78
C SER B 52 20.01 -18.98 32.98
N TYR B 53 18.86 -19.17 32.32
CA TYR B 53 18.09 -20.41 32.37
C TYR B 53 17.84 -20.93 30.96
N ALA B 54 18.85 -20.83 30.10
CA ALA B 54 18.68 -21.09 28.68
C ALA B 54 18.26 -22.52 28.38
N HIS B 55 18.49 -23.45 29.31
CA HIS B 55 18.08 -24.83 29.11
C HIS B 55 16.67 -25.10 29.63
N HIS B 56 15.88 -24.06 29.84
CA HIS B 56 14.45 -24.19 30.02
C HIS B 56 13.73 -23.75 28.76
N ARG B 57 12.43 -23.98 28.73
CA ARG B 57 11.64 -23.75 27.53
C ARG B 57 11.36 -22.27 27.32
N THR B 58 11.32 -21.88 26.04
CA THR B 58 10.81 -20.59 25.62
C THR B 58 9.29 -20.58 25.68
N LEU B 59 8.69 -19.43 25.39
CA LEU B 59 7.24 -19.34 25.41
C LEU B 59 6.63 -20.21 24.31
N LEU B 60 7.16 -20.10 23.08
CA LEU B 60 6.65 -20.94 21.99
C LEU B 60 6.84 -22.42 22.30
N GLU B 61 8.01 -22.79 22.86
CA GLU B 61 8.24 -24.17 23.24
C GLU B 61 7.23 -24.62 24.29
N ALA B 62 6.92 -23.75 25.26
CA ALA B 62 5.91 -24.08 26.27
C ALA B 62 4.54 -24.28 25.64
N VAL B 63 4.18 -23.46 24.66
CA VAL B 63 2.88 -23.61 24.01
C VAL B 63 2.81 -24.93 23.25
N HIS B 64 3.83 -25.23 22.44
CA HIS B 64 3.80 -26.43 21.63
C HIS B 64 4.07 -27.70 22.44
N ASP B 65 4.59 -27.57 23.65
CA ASP B 65 4.65 -28.69 24.59
C ASP B 65 3.42 -28.74 25.51
N THR B 66 2.38 -27.98 25.19
CA THR B 66 1.12 -27.95 25.92
C THR B 66 1.31 -27.59 27.40
N ILE B 67 2.33 -26.78 27.70
CA ILE B 67 2.50 -26.24 29.04
C ILE B 67 1.74 -24.93 29.21
N ILE B 68 1.75 -24.08 28.19
CA ILE B 68 1.02 -22.82 28.18
C ILE B 68 -0.01 -22.88 27.06
N ALA B 69 -1.24 -22.46 27.37
CA ALA B 69 -2.32 -22.46 26.39
C ALA B 69 -2.31 -21.16 25.60
N LYS B 70 -2.95 -21.20 24.44
CA LYS B 70 -3.08 -20.01 23.61
C LYS B 70 -4.22 -19.13 24.11
N ALA B 71 -4.00 -17.81 24.10
CA ALA B 71 -5.04 -16.87 24.45
C ALA B 71 -6.19 -16.94 23.46
N ASP B 72 -7.34 -16.45 23.89
CA ASP B 72 -8.54 -16.37 23.05
C ASP B 72 -9.04 -14.93 23.02
N PRO B 73 -8.90 -14.21 21.90
CA PRO B 73 -8.38 -14.65 20.60
C PRO B 73 -6.86 -14.79 20.60
N PRO B 74 -6.31 -15.66 19.75
CA PRO B 74 -4.86 -15.89 19.75
C PRO B 74 -4.03 -14.73 19.23
N SER B 75 -4.63 -13.73 18.59
CA SER B 75 -3.87 -12.58 18.14
C SER B 75 -4.77 -11.36 18.02
N CYS B 76 -4.13 -10.19 17.92
CA CYS B 76 -4.78 -8.91 17.71
C CYS B 76 -4.22 -8.29 16.44
N ASP B 77 -5.10 -7.89 15.53
CA ASP B 77 -4.70 -7.28 14.26
C ASP B 77 -4.37 -5.80 14.49
N LEU B 78 -3.08 -5.49 14.60
CA LEU B 78 -2.65 -4.12 14.85
C LEU B 78 -3.09 -3.19 13.73
N GLN B 79 -3.15 -3.70 12.51
CA GLN B 79 -3.56 -2.89 11.35
C GLN B 79 -4.91 -2.22 11.59
N SER B 80 -5.88 -2.97 12.09
CA SER B 80 -7.23 -2.45 12.33
C SER B 80 -7.21 -1.26 13.29
N CYS B 86 -8.41 -6.17 22.44
CA CYS B 86 -7.40 -6.94 23.17
C CYS B 86 -6.08 -6.18 23.22
N MET B 87 -6.07 -4.98 22.64
CA MET B 87 -4.90 -4.12 22.64
C MET B 87 -4.57 -3.57 24.02
N LYS B 88 -5.52 -3.63 24.96
CA LYS B 88 -5.33 -3.03 26.29
C LYS B 88 -4.05 -3.50 26.98
N GLU B 89 -3.83 -4.82 27.02
CA GLU B 89 -2.66 -5.34 27.72
C GLU B 89 -1.36 -4.90 27.04
N LYS B 90 -1.31 -4.96 25.71
CA LYS B 90 -0.05 -4.69 25.02
C LYS B 90 0.42 -3.24 25.19
N LEU B 91 -0.50 -2.26 25.21
CA LEU B 91 -0.05 -0.87 25.24
C LEU B 91 0.54 -0.49 26.59
N VAL B 92 0.13 -1.15 27.67
CA VAL B 92 0.71 -0.85 28.97
C VAL B 92 2.06 -1.51 29.16
N MET B 93 2.48 -2.35 28.21
CA MET B 93 3.72 -3.10 28.31
C MET B 93 4.73 -2.43 27.39
N LYS B 94 5.70 -1.74 27.98
CA LYS B 94 6.70 -1.01 27.19
C LYS B 94 7.67 -2.02 26.59
N THR B 95 7.70 -2.11 25.26
CA THR B 95 8.50 -3.11 24.57
C THR B 95 9.25 -2.48 23.40
N HIS B 96 10.35 -3.13 23.03
CA HIS B 96 11.16 -2.73 21.89
C HIS B 96 11.22 -3.87 20.89
N CYS B 97 10.84 -3.59 19.63
CA CYS B 97 10.92 -4.58 18.57
C CYS B 97 11.98 -4.21 17.54
N PRO B 98 12.78 -5.17 17.10
CA PRO B 98 13.64 -4.95 15.93
C PRO B 98 12.79 -4.94 14.66
N ASN B 99 13.41 -4.46 13.58
CA ASN B 99 12.72 -4.34 12.31
C ASN B 99 12.42 -5.74 11.74
N ASP B 100 11.54 -5.75 10.73
CA ASP B 100 11.28 -6.90 9.86
C ASP B 100 10.46 -7.99 10.51
N TYR B 101 9.78 -7.74 11.63
CA TYR B 101 8.92 -8.75 12.23
C TYR B 101 7.46 -8.49 11.89
N GLN B 102 6.75 -9.54 11.54
CA GLN B 102 5.31 -9.48 11.31
C GLN B 102 4.52 -10.07 12.46
N SER B 103 5.18 -10.54 13.50
CA SER B 103 4.49 -11.11 14.65
C SER B 103 5.35 -10.93 15.89
N ALA B 104 4.70 -10.76 17.03
CA ALA B 104 5.37 -10.74 18.32
C ALA B 104 4.44 -11.35 19.35
N HIS B 105 5.00 -12.11 20.29
CA HIS B 105 4.19 -12.87 21.23
C HIS B 105 4.60 -12.55 22.66
N TYR B 106 3.65 -12.74 23.57
CA TYR B 106 3.87 -12.39 24.97
C TYR B 106 2.93 -13.19 25.85
N LEU B 107 3.28 -13.28 27.13
CA LEU B 107 2.45 -13.93 28.14
C LEU B 107 1.50 -12.90 28.71
N ASN B 108 0.20 -13.15 28.56
CA ASN B 108 -0.77 -12.13 28.91
C ASN B 108 -1.17 -12.24 30.39
N ASN B 109 -2.14 -11.42 30.79
CA ASN B 109 -2.53 -11.36 32.20
C ASN B 109 -3.23 -12.64 32.66
N ASP B 110 -3.80 -13.41 31.73
CA ASP B 110 -4.44 -14.68 32.06
C ASP B 110 -3.45 -15.84 32.08
N GLY B 111 -2.16 -15.57 31.95
CA GLY B 111 -1.18 -16.65 31.87
C GLY B 111 -1.23 -17.44 30.58
N LYS B 112 -1.68 -16.82 29.50
CA LYS B 112 -1.75 -17.47 28.19
C LYS B 112 -0.97 -16.64 27.17
N MET B 113 -0.59 -17.30 26.08
CA MET B 113 0.21 -16.64 25.05
C MET B 113 -0.70 -15.88 24.08
N ALA B 114 -0.47 -14.58 23.98
CA ALA B 114 -1.12 -13.73 22.99
C ALA B 114 -0.06 -13.23 22.01
N SER B 115 -0.52 -12.67 20.88
CA SER B 115 0.40 -12.15 19.89
C SER B 115 -0.24 -10.99 19.15
N VAL B 116 0.62 -10.15 18.59
CA VAL B 116 0.23 -9.07 17.69
C VAL B 116 0.90 -9.31 16.35
N LYS B 117 0.14 -9.12 15.27
CA LYS B 117 0.61 -9.43 13.93
C LYS B 117 0.24 -8.31 12.97
N CYS B 118 1.02 -8.22 11.89
CA CYS B 118 0.83 -7.24 10.83
C CYS B 118 0.53 -7.94 9.51
N PRO B 119 -0.22 -7.29 8.63
CA PRO B 119 -0.57 -7.90 7.35
C PRO B 119 0.64 -7.98 6.44
N PRO B 120 0.57 -8.74 5.34
CA PRO B 120 1.71 -8.85 4.44
C PRO B 120 2.23 -7.48 4.03
N LYS B 121 3.55 -7.40 3.87
CA LYS B 121 4.32 -6.23 3.45
C LYS B 121 4.45 -5.22 4.59
N TYR B 122 3.87 -5.48 5.76
CA TYR B 122 3.99 -4.60 6.91
C TYR B 122 4.82 -5.27 7.99
N GLU B 123 5.49 -4.46 8.79
CA GLU B 123 6.25 -4.94 9.93
C GLU B 123 5.82 -4.18 11.17
N LEU B 124 6.10 -4.77 12.33
CA LEU B 124 5.77 -4.13 13.60
C LEU B 124 6.65 -2.90 13.80
N THR B 125 6.05 -1.85 14.37
CA THR B 125 6.80 -0.66 14.72
C THR B 125 7.76 -0.95 15.87
N GLU B 126 8.66 0.00 16.14
CA GLU B 126 9.69 -0.20 17.15
C GLU B 126 9.09 -0.46 18.53
N ASP B 127 7.92 0.11 18.82
CA ASP B 127 7.27 -0.09 20.11
C ASP B 127 6.41 -1.36 20.14
N CYS B 128 6.39 -2.14 19.06
CA CYS B 128 5.63 -3.39 18.96
C CYS B 128 4.13 -3.17 19.03
N ASN B 129 3.65 -1.93 18.86
CA ASN B 129 2.24 -1.62 19.03
C ASN B 129 1.49 -1.34 17.74
N PHE B 130 2.19 -1.09 16.63
CA PHE B 130 1.55 -0.70 15.38
C PHE B 130 2.27 -1.38 14.21
N CYS B 131 1.78 -1.10 13.01
CA CYS B 131 2.31 -1.66 11.77
C CYS B 131 2.73 -0.53 10.83
N ARG B 132 3.76 -0.81 10.04
CA ARG B 132 4.24 0.12 9.03
C ARG B 132 4.86 -0.67 7.89
N GLN B 133 4.90 -0.07 6.70
CA GLN B 133 5.46 -0.77 5.55
C GLN B 133 6.80 -0.15 5.19
N MET B 134 7.87 -0.92 5.37
CA MET B 134 9.22 -0.49 5.04
C MET B 134 9.67 -1.11 3.72
N THR B 135 10.02 -0.25 2.75
CA THR B 135 10.42 -0.68 1.43
C THR B 135 11.81 -1.29 1.45
N LEU B 139 11.44 -9.40 5.20
CA LEU B 139 10.76 -9.62 6.46
C LEU B 139 11.05 -11.01 7.02
N LYS B 140 11.21 -11.09 8.34
CA LYS B 140 11.46 -12.37 8.98
C LYS B 140 10.19 -13.22 8.95
N LYS B 141 10.37 -14.53 9.09
CA LYS B 141 9.28 -15.48 8.98
C LYS B 141 8.76 -15.97 10.34
N GLY B 142 9.27 -15.41 11.44
CA GLY B 142 8.84 -15.86 12.75
C GLY B 142 8.21 -14.77 13.60
N SER B 143 8.15 -15.00 14.91
CA SER B 143 7.50 -14.09 15.84
C SER B 143 8.50 -13.67 16.92
N TYR B 144 8.49 -12.39 17.26
CA TYR B 144 9.51 -11.86 18.16
C TYR B 144 9.08 -12.04 19.61
N PRO B 145 9.92 -12.64 20.46
CA PRO B 145 9.57 -12.79 21.89
C PRO B 145 9.63 -11.45 22.59
N LEU B 146 8.51 -11.00 23.13
CA LEU B 146 8.45 -9.68 23.72
C LEU B 146 9.00 -9.63 25.14
N GLN B 147 9.01 -10.76 25.85
CA GLN B 147 9.37 -10.79 27.26
C GLN B 147 10.59 -11.67 27.49
N ASP B 148 11.37 -11.28 28.51
CA ASP B 148 12.47 -12.10 28.99
C ASP B 148 11.91 -13.07 30.02
N LEU B 149 11.76 -14.33 29.63
CA LEU B 149 11.12 -15.32 30.49
C LEU B 149 11.63 -16.71 30.17
N PHE B 150 11.22 -17.66 31.00
CA PHE B 150 11.42 -19.09 30.72
C PHE B 150 10.25 -19.83 31.36
N CYS B 151 10.06 -21.07 30.90
CA CYS B 151 8.92 -21.87 31.33
C CYS B 151 9.38 -23.28 31.65
N GLN B 152 8.50 -24.01 32.34
CA GLN B 152 8.70 -25.42 32.68
C GLN B 152 7.35 -26.00 33.02
N SER B 153 7.26 -27.33 32.97
CA SER B 153 6.02 -28.00 33.35
C SER B 153 5.85 -27.95 34.87
N SER B 154 4.59 -27.97 35.30
CA SER B 154 4.28 -27.91 36.72
C SER B 154 2.82 -28.32 36.93
N GLU B 155 2.60 -29.14 37.96
CA GLU B 155 1.25 -29.48 38.40
C GLU B 155 0.88 -28.81 39.71
N ASP B 156 1.77 -27.99 40.27
CA ASP B 156 1.52 -27.33 41.54
C ASP B 156 0.42 -26.29 41.37
N ASP B 157 -0.71 -26.48 42.05
CA ASP B 157 -1.83 -25.56 41.93
C ASP B 157 -1.48 -24.24 42.60
N GLY B 158 -1.58 -23.15 41.84
CA GLY B 158 -1.32 -21.82 42.35
C GLY B 158 -2.53 -20.91 42.26
N SER B 159 -3.72 -21.50 42.34
CA SER B 159 -4.95 -20.74 42.15
C SER B 159 -5.16 -19.71 43.26
N LYS B 160 -4.66 -19.97 44.45
CA LYS B 160 -4.84 -19.07 45.58
C LYS B 160 -3.80 -17.96 45.65
N LEU B 161 -2.91 -17.88 44.67
CA LEU B 161 -1.87 -16.86 44.63
C LEU B 161 -2.37 -15.61 43.92
N LYS B 162 -1.93 -14.45 44.41
CA LYS B 162 -2.32 -13.16 43.84
C LYS B 162 -1.17 -12.18 43.98
N THR B 163 -1.23 -11.12 43.18
CA THR B 163 -0.20 -10.09 43.23
C THR B 163 -0.28 -9.33 44.55
N LYS B 164 0.85 -9.25 45.26
CA LYS B 164 0.94 -8.47 46.49
C LYS B 164 2.28 -7.73 46.44
N MET B 165 2.22 -6.41 46.32
CA MET B 165 3.43 -5.61 46.17
C MET B 165 3.35 -4.37 47.05
N LYS B 166 4.53 -3.89 47.44
CA LYS B 166 4.66 -2.84 48.45
C LYS B 166 4.17 -1.49 47.92
N GLY B 167 3.13 -0.96 48.55
CA GLY B 167 2.71 0.42 48.31
C GLY B 167 2.38 0.76 46.87
N VAL B 168 1.84 -0.19 46.12
CA VAL B 168 1.53 0.01 44.71
C VAL B 168 0.02 0.02 44.54
N CYS B 169 -0.50 1.10 43.95
CA CYS B 169 -1.92 1.16 43.65
C CYS B 169 -2.26 0.23 42.48
N GLU B 170 -1.55 0.37 41.36
CA GLU B 170 -1.79 -0.41 40.16
C GLU B 170 -0.49 -0.83 39.51
N VAL B 171 -0.48 -2.03 38.95
CA VAL B 171 0.67 -2.56 38.22
C VAL B 171 0.17 -3.17 36.91
N GLY B 172 0.61 -2.61 35.80
CA GLY B 172 0.13 -3.05 34.50
C GLY B 172 -1.36 -2.90 34.39
N VAL B 173 -2.04 -4.00 34.06
CA VAL B 173 -3.50 -4.00 33.95
C VAL B 173 -4.17 -4.44 35.24
N GLN B 174 -3.40 -4.67 36.30
CA GLN B 174 -3.92 -5.17 37.57
C GLN B 174 -4.05 -4.03 38.57
N ALA B 175 -5.28 -3.82 39.05
CA ALA B 175 -5.54 -2.85 40.11
C ALA B 175 -5.51 -3.58 41.45
N LEU B 176 -4.52 -3.24 42.29
CA LEU B 176 -4.38 -3.94 43.56
C LEU B 176 -5.26 -3.34 44.66
N LYS B 177 -5.45 -2.03 44.63
CA LYS B 177 -6.20 -1.33 45.67
C LYS B 177 -6.81 -0.01 45.17
N THR B 185 3.13 7.11 39.21
CA THR B 185 3.28 6.62 37.85
C THR B 185 4.73 6.58 37.38
N ALA B 186 5.17 5.41 36.93
CA ALA B 186 6.50 5.24 36.36
C ALA B 186 6.51 3.96 35.55
N HIS B 187 7.47 3.86 34.64
CA HIS B 187 7.71 2.63 33.89
C HIS B 187 8.77 1.81 34.62
N GLU B 188 8.36 0.72 35.27
CA GLU B 188 9.26 -0.11 36.04
C GLU B 188 9.31 -1.51 35.46
N VAL B 189 10.49 -2.11 35.55
CA VAL B 189 10.69 -3.51 35.17
C VAL B 189 10.27 -4.38 36.34
N VAL B 190 9.11 -5.02 36.23
CA VAL B 190 8.55 -5.81 37.31
C VAL B 190 8.72 -7.30 37.00
N PRO B 191 9.13 -8.10 37.98
CA PRO B 191 9.11 -9.55 37.80
C PRO B 191 7.72 -10.12 37.94
N PHE B 192 7.50 -11.25 37.28
CA PHE B 192 6.22 -11.92 37.34
C PHE B 192 6.43 -13.42 37.17
N ALA B 193 5.43 -14.16 37.62
CA ALA B 193 5.39 -15.60 37.47
C ALA B 193 3.97 -16.01 37.15
N VAL B 194 3.83 -17.12 36.44
CA VAL B 194 2.54 -17.72 36.13
C VAL B 194 2.56 -19.17 36.62
N PHE B 195 1.51 -19.55 37.33
CA PHE B 195 1.38 -20.87 37.93
C PHE B 195 0.16 -21.57 37.32
N LYS B 196 0.09 -22.88 37.53
CA LYS B 196 -1.03 -23.67 37.03
C LYS B 196 -2.34 -23.16 37.62
N ASN B 197 -3.30 -22.88 36.74
CA ASN B 197 -4.64 -22.41 37.11
C ASN B 197 -4.60 -21.07 37.83
N SER B 198 -3.55 -20.27 37.60
CA SER B 198 -3.42 -18.94 38.17
C SER B 198 -3.36 -17.91 37.04
N LYS B 199 -3.31 -16.64 37.43
CA LYS B 199 -3.05 -15.54 36.52
C LYS B 199 -1.64 -15.00 36.76
N LYS B 200 -1.30 -13.93 36.05
CA LYS B 200 0.01 -13.32 36.20
C LYS B 200 0.17 -12.76 37.61
N VAL B 201 1.21 -13.21 38.30
CA VAL B 201 1.53 -12.78 39.66
C VAL B 201 2.77 -11.91 39.58
N TYR B 202 2.59 -10.60 39.72
CA TYR B 202 3.71 -9.67 39.81
C TYR B 202 4.34 -9.76 41.20
N LEU B 203 5.63 -9.42 41.27
CA LEU B 203 6.41 -9.61 42.49
C LEU B 203 7.26 -8.38 42.78
N ASP B 204 7.48 -8.13 44.07
CA ASP B 204 8.42 -7.07 44.47
C ASP B 204 9.86 -7.47 44.17
N LYS B 205 10.19 -8.74 44.31
CA LYS B 205 11.55 -9.22 44.16
C LYS B 205 11.54 -10.59 43.50
N LEU B 206 12.57 -10.86 42.69
CA LEU B 206 12.72 -12.16 42.02
C LEU B 206 13.68 -12.99 42.85
N ASP B 207 13.16 -13.96 43.60
CA ASP B 207 13.95 -14.83 44.45
C ASP B 207 13.79 -16.25 43.95
N LEU B 208 14.79 -16.76 43.24
CA LEU B 208 14.74 -18.04 42.55
C LEU B 208 15.77 -19.01 43.12
N LYS B 209 15.41 -20.29 43.16
CA LYS B 209 16.37 -21.34 43.44
C LYS B 209 16.09 -22.54 42.55
N THR B 210 17.15 -23.19 42.06
CA THR B 210 17.01 -24.28 41.12
C THR B 210 17.46 -25.58 41.77
N GLU B 211 16.59 -26.60 41.71
CA GLU B 211 16.88 -27.93 42.22
C GLU B 211 17.25 -28.82 41.04
N GLU B 212 18.52 -29.21 40.96
CA GLU B 212 18.94 -30.10 39.89
C GLU B 212 18.36 -31.50 40.06
N ASN B 213 18.28 -32.19 38.93
CA ASN B 213 17.72 -33.53 38.87
C ASN B 213 18.26 -34.20 37.59
N LEU B 214 17.85 -35.45 37.39
CA LEU B 214 18.33 -36.24 36.25
C LEU B 214 17.19 -36.64 35.31
N LEU B 215 16.14 -35.82 35.24
CA LEU B 215 15.07 -36.08 34.29
C LEU B 215 15.55 -35.83 32.85
N PRO B 216 14.82 -36.36 31.86
CA PRO B 216 15.26 -36.17 30.46
C PRO B 216 15.53 -34.73 30.07
N ASP B 217 14.70 -33.78 30.54
CA ASP B 217 14.91 -32.39 30.19
C ASP B 217 16.16 -31.80 30.82
N SER B 218 16.80 -32.51 31.75
CA SER B 218 18.02 -32.04 32.40
C SER B 218 19.28 -32.44 31.64
N PHE B 219 19.15 -33.05 30.46
CA PHE B 219 20.29 -33.54 29.71
C PHE B 219 20.21 -33.07 28.25
N VAL B 220 21.38 -32.86 27.66
CA VAL B 220 21.52 -32.51 26.25
C VAL B 220 22.31 -33.62 25.56
N CYS B 221 21.69 -34.25 24.57
CA CYS B 221 22.34 -35.34 23.83
C CYS B 221 22.62 -34.90 22.40
N PHE B 222 23.76 -35.31 21.87
CA PHE B 222 24.12 -34.96 20.51
C PHE B 222 24.91 -36.07 19.84
N GLU B 223 24.81 -36.12 18.52
CA GLU B 223 25.58 -36.97 17.64
C GLU B 223 26.60 -36.15 16.87
N HIS B 224 27.72 -36.79 16.52
CA HIS B 224 28.73 -36.18 15.67
C HIS B 224 28.46 -36.60 14.23
N LYS B 225 27.99 -35.66 13.41
CA LYS B 225 27.66 -35.97 12.02
C LYS B 225 28.91 -36.21 11.18
N GLY B 226 30.10 -35.95 11.72
CA GLY B 226 31.33 -36.22 11.01
C GLY B 226 32.25 -37.11 11.80
N GLN B 227 33.51 -37.22 11.35
CA GLN B 227 34.47 -38.09 12.01
C GLN B 227 35.15 -37.45 13.20
N TYR B 228 35.37 -36.13 13.16
CA TYR B 228 36.01 -35.44 14.27
C TYR B 228 35.02 -35.26 15.42
N LYS B 229 35.44 -35.65 16.62
CA LYS B 229 34.58 -35.63 17.80
C LYS B 229 35.22 -34.87 18.96
N GLY B 230 36.15 -33.96 18.68
CA GLY B 230 36.89 -33.26 19.70
C GLY B 230 36.35 -31.88 20.01
N THR B 231 37.23 -30.99 20.45
CA THR B 231 36.82 -29.67 20.88
C THR B 231 36.44 -28.80 19.70
N MET B 232 35.33 -28.05 19.86
CA MET B 232 34.82 -27.17 18.83
C MET B 232 34.40 -25.86 19.46
N ASP B 233 34.28 -24.83 18.63
CA ASP B 233 33.65 -23.57 19.03
C ASP B 233 32.20 -23.56 18.52
N SER B 234 31.50 -22.44 18.78
CA SER B 234 30.07 -22.38 18.50
C SER B 234 29.77 -22.61 17.03
N GLY B 235 30.51 -21.96 16.13
CA GLY B 235 30.28 -22.15 14.71
C GLY B 235 30.53 -23.57 14.25
N GLN B 236 31.62 -24.18 14.71
CA GLN B 236 31.91 -25.56 14.34
C GLN B 236 30.88 -26.52 14.90
N THR B 237 30.43 -26.29 16.15
CA THR B 237 29.36 -27.12 16.70
C THR B 237 28.09 -26.99 15.87
N LYS B 238 27.74 -25.77 15.48
CA LYS B 238 26.61 -25.56 14.58
C LYS B 238 26.76 -26.37 13.31
N ARG B 239 27.99 -26.44 12.77
CA ARG B 239 28.22 -27.15 11.51
C ARG B 239 28.29 -28.66 11.66
N GLU B 240 28.60 -29.18 12.86
CA GLU B 240 29.02 -30.57 13.02
C GLU B 240 28.08 -31.44 13.85
N LEU B 241 27.32 -30.88 14.77
CA LEU B 241 26.54 -31.69 15.71
C LEU B 241 25.10 -31.83 15.26
N LYS B 242 24.45 -32.87 15.79
CA LYS B 242 23.06 -33.19 15.51
C LYS B 242 22.34 -33.49 16.82
N SER B 243 21.19 -32.86 17.03
CA SER B 243 20.44 -33.13 18.25
C SER B 243 20.03 -34.60 18.29
N PHE B 244 19.74 -35.09 19.50
CA PHE B 244 19.42 -36.50 19.67
C PHE B 244 18.38 -36.62 20.78
N ASP B 245 17.33 -37.39 20.51
CA ASP B 245 16.24 -37.54 21.46
C ASP B 245 16.63 -38.53 22.53
N ILE B 246 16.63 -38.09 23.80
CA ILE B 246 17.08 -38.95 24.88
C ILE B 246 16.14 -40.13 25.11
N SER B 247 14.90 -40.04 24.62
CA SER B 247 13.97 -41.16 24.75
C SER B 247 14.48 -42.42 24.06
N GLN B 248 15.39 -42.27 23.10
CA GLN B 248 16.00 -43.43 22.46
C GLN B 248 17.04 -44.11 23.34
N CYS B 249 17.53 -43.42 24.37
CA CYS B 249 18.53 -44.01 25.25
C CYS B 249 17.84 -44.85 26.31
N PRO B 250 18.15 -46.14 26.43
CA PRO B 250 17.56 -46.94 27.51
C PRO B 250 18.16 -46.57 28.85
N LYS B 251 17.30 -46.47 29.86
CA LYS B 251 17.77 -46.26 31.22
C LYS B 251 18.37 -47.54 31.79
N SER B 257 16.77 -48.55 22.59
CA SER B 257 16.60 -48.33 21.16
C SER B 257 17.94 -48.04 20.48
N LYS B 258 18.79 -47.25 21.17
CA LYS B 258 20.11 -46.87 20.70
C LYS B 258 21.11 -47.05 21.84
N LYS B 259 22.35 -46.66 21.60
CA LYS B 259 23.42 -46.73 22.59
C LYS B 259 23.91 -45.32 22.88
N CYS B 260 24.10 -45.02 24.16
CA CYS B 260 24.44 -43.68 24.59
C CYS B 260 25.50 -43.77 25.67
N THR B 261 26.26 -42.69 25.84
CA THR B 261 27.24 -42.60 26.91
C THR B 261 27.21 -41.19 27.48
N GLY B 262 27.45 -41.08 28.78
CA GLY B 262 27.37 -39.79 29.44
C GLY B 262 28.72 -39.23 29.81
N CYS B 267 24.87 -41.06 33.37
CA CYS B 267 25.04 -42.50 33.53
C CYS B 267 24.47 -43.00 34.85
N SER B 268 24.26 -42.08 35.80
CA SER B 268 23.68 -42.48 37.08
C SER B 268 22.26 -43.02 36.93
N ALA B 269 21.57 -42.67 35.84
CA ALA B 269 20.21 -43.12 35.61
C ALA B 269 20.00 -43.83 34.28
N TYR B 270 20.95 -43.75 33.36
CA TYR B 270 20.81 -44.34 32.04
C TYR B 270 21.82 -45.46 31.82
N GLU B 271 21.51 -46.31 30.85
CA GLU B 271 22.34 -47.46 30.50
C GLU B 271 23.47 -46.98 29.60
N CYS B 272 24.61 -46.66 30.19
CA CYS B 272 25.76 -46.17 29.42
C CYS B 272 26.59 -47.33 28.89
N ALA B 277 28.80 -46.40 20.66
CA ALA B 277 28.13 -45.22 21.19
C ALA B 277 27.46 -44.42 20.07
N ASN B 278 26.13 -44.38 20.08
CA ASN B 278 25.41 -43.65 19.03
C ASN B 278 25.35 -42.16 19.32
N ALA B 279 25.37 -41.76 20.58
CA ALA B 279 25.22 -40.35 20.95
C ALA B 279 25.87 -40.12 22.30
N TYR B 280 26.23 -38.86 22.55
CA TYR B 280 26.82 -38.45 23.81
C TYR B 280 25.87 -37.50 24.52
N CYS B 281 25.59 -37.79 25.78
CA CYS B 281 24.65 -37.01 26.57
C CYS B 281 25.40 -36.36 27.73
N SER B 282 25.29 -35.04 27.84
CA SER B 282 25.86 -34.26 28.92
C SER B 282 24.74 -33.71 29.79
N HIS B 283 25.10 -33.34 31.01
CA HIS B 283 24.14 -32.69 31.90
C HIS B 283 24.00 -31.22 31.51
N ALA B 284 22.76 -30.76 31.37
CA ALA B 284 22.50 -29.39 30.94
C ALA B 284 22.83 -28.45 32.09
N ASN B 285 23.85 -27.61 31.90
CA ASN B 285 24.24 -26.65 32.92
C ASN B 285 23.21 -25.52 32.96
N GLY B 286 22.50 -25.42 34.07
CA GLY B 286 21.41 -24.47 34.19
C GLY B 286 20.04 -25.06 34.01
N SER B 287 19.87 -26.37 34.23
CA SER B 287 18.58 -27.04 34.15
C SER B 287 18.08 -27.35 35.56
N GLY B 288 17.06 -28.20 35.65
CA GLY B 288 16.46 -28.56 36.91
C GLY B 288 15.16 -27.81 37.17
N ILE B 289 14.47 -28.25 38.21
CA ILE B 289 13.18 -27.66 38.56
C ILE B 289 13.43 -26.35 39.28
N VAL B 290 12.92 -25.26 38.73
CA VAL B 290 13.06 -23.94 39.33
C VAL B 290 11.91 -23.70 40.29
N GLN B 291 12.21 -23.08 41.43
CA GLN B 291 11.18 -22.69 42.38
C GLN B 291 11.37 -21.23 42.75
N ILE B 292 10.25 -20.56 42.98
CA ILE B 292 10.21 -19.12 43.21
C ILE B 292 9.47 -18.89 44.53
N GLN B 293 9.88 -17.84 45.24
CA GLN B 293 9.33 -17.50 46.54
C GLN B 293 8.23 -16.44 46.40
N VAL B 294 7.00 -16.80 46.74
CA VAL B 294 5.88 -15.86 46.79
C VAL B 294 5.25 -15.99 48.17
N SER B 295 5.44 -14.96 49.01
CA SER B 295 4.89 -14.95 50.37
C SER B 295 5.25 -16.19 51.18
N LYS B 299 7.28 -21.88 45.59
CA LYS B 299 6.34 -22.59 44.74
C LYS B 299 6.94 -22.94 43.38
N LYS B 300 6.28 -23.88 42.69
CA LYS B 300 6.71 -24.41 41.40
C LYS B 300 5.95 -23.69 40.30
N PRO B 301 6.56 -22.73 39.62
CA PRO B 301 5.83 -21.95 38.61
C PRO B 301 5.82 -22.62 37.25
N LEU B 302 4.83 -22.22 36.44
CA LEU B 302 4.85 -22.61 35.03
C LEU B 302 5.80 -21.74 34.22
N CYS B 303 5.75 -20.42 34.41
CA CYS B 303 6.68 -19.54 33.72
C CYS B 303 7.12 -18.42 34.68
N VAL B 304 8.31 -17.88 34.42
CA VAL B 304 8.88 -16.80 35.22
C VAL B 304 9.55 -15.81 34.27
N GLY B 305 9.31 -14.53 34.49
CA GLY B 305 9.92 -13.55 33.61
C GLY B 305 9.89 -12.14 34.16
N TYR B 306 10.36 -11.20 33.33
CA TYR B 306 10.33 -9.78 33.62
C TYR B 306 9.54 -9.06 32.54
N GLU B 307 8.92 -7.94 32.90
CA GLU B 307 8.36 -7.07 31.88
C GLU B 307 8.28 -5.65 32.40
N ARG B 308 8.44 -4.70 31.49
CA ARG B 308 8.44 -3.28 31.83
C ARG B 308 7.04 -2.72 31.67
N VAL B 309 6.39 -2.38 32.78
CA VAL B 309 5.00 -1.94 32.80
C VAL B 309 4.88 -0.71 33.68
N VAL B 310 3.71 -0.08 33.59
CA VAL B 310 3.40 1.08 34.41
C VAL B 310 3.09 0.64 35.83
N VAL B 311 3.77 1.26 36.80
CA VAL B 311 3.50 1.07 38.22
C VAL B 311 3.04 2.41 38.77
N LYS B 312 1.91 2.39 39.48
CA LYS B 312 1.31 3.59 40.02
C LYS B 312 1.26 3.56 41.55
N VAL C 2 16.28 10.49 -1.95
CA VAL C 2 16.58 11.87 -2.35
C VAL C 2 16.43 12.80 -1.15
N GLN C 3 17.33 13.77 -1.03
CA GLN C 3 17.29 14.68 0.10
C GLN C 3 17.55 16.11 -0.38
N LEU C 4 16.84 17.06 0.21
CA LEU C 4 16.85 18.45 -0.24
C LEU C 4 17.34 19.37 0.87
N GLN C 5 18.05 20.42 0.48
CA GLN C 5 18.58 21.37 1.46
C GLN C 5 18.58 22.79 0.91
N GLU C 6 17.96 23.70 1.66
CA GLU C 6 17.95 25.12 1.31
C GLU C 6 19.21 25.81 1.83
N SER C 7 19.64 26.84 1.10
CA SER C 7 20.78 27.64 1.50
C SER C 7 20.61 29.05 0.94
N GLY C 8 21.18 30.02 1.65
CA GLY C 8 21.11 31.40 1.23
C GLY C 8 21.15 32.36 2.40
N PRO C 9 21.24 33.65 2.10
CA PRO C 9 21.28 34.65 3.17
C PRO C 9 20.06 34.58 4.06
N GLY C 10 20.28 34.73 5.36
CA GLY C 10 19.19 34.83 6.30
C GLY C 10 18.71 36.23 6.56
N LEU C 11 19.30 37.24 5.90
CA LEU C 11 18.92 38.63 6.13
C LEU C 11 18.92 39.35 4.79
N VAL C 12 17.77 39.93 4.45
CA VAL C 12 17.61 40.72 3.24
C VAL C 12 17.05 42.08 3.63
N LYS C 13 17.59 43.14 3.03
CA LYS C 13 17.05 44.47 3.34
C LYS C 13 15.75 44.72 2.56
N PRO C 14 14.83 45.49 3.14
CA PRO C 14 13.57 45.79 2.45
C PRO C 14 13.85 46.37 1.08
N SER C 15 13.02 45.98 0.11
CA SER C 15 13.03 46.36 -1.31
C SER C 15 14.11 45.63 -2.10
N GLN C 16 15.09 45.01 -1.46
CA GLN C 16 16.11 44.26 -2.19
C GLN C 16 15.58 42.88 -2.56
N THR C 17 16.48 42.00 -3.00
CA THR C 17 16.11 40.73 -3.59
C THR C 17 16.50 39.57 -2.68
N LEU C 18 15.51 38.76 -2.31
CA LEU C 18 15.74 37.51 -1.60
C LEU C 18 16.11 36.42 -2.61
N SER C 19 17.21 35.73 -2.35
CA SER C 19 17.66 34.64 -3.20
C SER C 19 17.91 33.41 -2.35
N LEU C 20 17.44 32.25 -2.83
CA LEU C 20 17.70 31.00 -2.15
C LEU C 20 18.00 29.92 -3.17
N THR C 21 18.81 28.96 -2.76
CA THR C 21 19.17 27.79 -3.56
C THR C 21 18.71 26.54 -2.83
N CYS C 22 18.20 25.57 -3.59
CA CYS C 22 17.88 24.24 -3.09
C CYS C 22 18.79 23.25 -3.77
N THR C 23 19.52 22.48 -2.96
CA THR C 23 20.41 21.43 -3.44
C THR C 23 19.76 20.07 -3.25
N VAL C 24 19.72 19.29 -4.33
CA VAL C 24 19.15 17.94 -4.34
C VAL C 24 20.31 16.95 -4.32
N SER C 25 20.23 15.95 -3.45
CA SER C 25 21.28 14.95 -3.33
C SER C 25 20.81 13.62 -3.89
N GLY C 26 21.78 12.76 -4.19
CA GLY C 26 21.52 11.48 -4.81
C GLY C 26 21.59 11.56 -6.32
N ASP C 27 20.78 10.76 -7.01
CA ASP C 27 20.80 10.72 -8.46
C ASP C 27 20.52 12.10 -9.05
N SER C 28 20.87 12.26 -10.33
CA SER C 28 20.73 13.55 -10.99
C SER C 28 19.29 13.78 -11.41
N ILE C 29 18.83 15.02 -11.19
CA ILE C 29 17.49 15.41 -11.59
C ILE C 29 17.36 15.51 -13.10
N SER C 30 18.48 15.67 -13.82
CA SER C 30 18.43 15.70 -15.28
C SER C 30 17.86 14.39 -15.81
N GLY C 31 17.04 14.51 -16.86
CA GLY C 31 16.38 13.33 -17.39
C GLY C 31 15.11 13.00 -16.65
N GLY C 32 15.08 13.30 -15.35
CA GLY C 32 13.87 13.11 -14.57
C GLY C 32 12.75 14.02 -15.04
N ASP C 33 11.56 13.77 -14.50
CA ASP C 33 10.36 14.47 -14.96
C ASP C 33 9.61 15.17 -13.83
N TYR C 34 10.28 15.47 -12.72
CA TYR C 34 9.60 15.99 -11.55
C TYR C 34 9.44 17.51 -11.62
N TYR C 35 8.49 17.99 -10.84
CA TYR C 35 8.37 19.40 -10.51
C TYR C 35 9.01 19.66 -9.16
N TRP C 36 9.46 20.89 -8.96
CA TRP C 36 10.20 21.29 -7.76
C TRP C 36 9.61 22.60 -7.28
N SER C 37 9.15 22.63 -6.02
CA SER C 37 8.37 23.73 -5.49
C SER C 37 9.11 24.46 -4.38
N TRP C 38 8.70 25.72 -4.17
CA TRP C 38 9.09 26.52 -3.02
C TRP C 38 7.84 26.81 -2.22
N ILE C 39 7.94 26.65 -0.90
CA ILE C 39 6.85 26.90 0.03
C ILE C 39 7.44 27.69 1.19
N ARG C 40 6.63 28.55 1.81
CA ARG C 40 7.11 29.29 2.97
C ARG C 40 6.07 29.29 4.07
N ARG C 41 6.54 29.47 5.30
CA ARG C 41 5.68 29.66 6.47
C ARG C 41 5.93 31.05 6.98
N PRO C 42 5.08 32.02 6.68
CA PRO C 42 5.30 33.39 7.18
C PRO C 42 5.23 33.43 8.69
N ALA C 43 5.82 34.49 9.25
CA ALA C 43 5.84 34.68 10.70
C ALA C 43 4.42 34.66 11.26
N GLY C 44 4.14 33.67 12.10
CA GLY C 44 2.83 33.55 12.73
C GLY C 44 1.70 33.17 11.80
N GLU C 45 1.98 32.41 10.74
CA GLU C 45 0.96 32.02 9.78
C GLU C 45 1.15 30.56 9.41
N GLY C 46 0.31 30.07 8.50
CA GLY C 46 0.41 28.71 7.99
C GLY C 46 1.30 28.63 6.77
N LEU C 47 1.07 27.60 5.97
CA LEU C 47 1.90 27.34 4.79
C LEU C 47 1.34 28.05 3.56
N GLU C 48 2.24 28.57 2.74
CA GLU C 48 1.89 29.26 1.50
C GLU C 48 2.76 28.74 0.37
N TRP C 49 2.13 28.30 -0.70
CA TRP C 49 2.87 27.82 -1.87
C TRP C 49 3.32 29.01 -2.70
N ILE C 50 4.60 29.03 -3.06
CA ILE C 50 5.17 30.14 -3.82
C ILE C 50 5.13 29.86 -5.31
N GLY C 51 5.60 28.70 -5.72
CA GLY C 51 5.65 28.37 -7.13
C GLY C 51 6.46 27.13 -7.33
N ARG C 52 6.60 26.76 -8.60
CA ARG C 52 7.26 25.53 -8.97
C ARG C 52 7.92 25.70 -10.32
N VAL C 53 8.93 24.85 -10.56
CA VAL C 53 9.62 24.78 -11.85
C VAL C 53 9.76 23.31 -12.23
N HIS C 54 9.51 23.02 -13.49
CA HIS C 54 9.68 21.67 -14.00
C HIS C 54 11.16 21.39 -14.23
N THR C 55 11.48 20.10 -14.39
CA THR C 55 12.84 19.73 -14.74
C THR C 55 13.29 20.41 -16.03
N THR C 56 12.37 20.63 -16.96
CA THR C 56 12.68 21.22 -18.25
C THR C 56 12.63 22.74 -18.25
N GLY C 57 12.24 23.38 -17.14
CA GLY C 57 12.28 24.83 -17.01
C GLY C 57 10.94 25.51 -16.98
N SER C 58 9.86 24.83 -17.35
CA SER C 58 8.53 25.42 -17.26
C SER C 58 8.20 25.75 -15.81
N THR C 59 7.48 26.86 -15.61
CA THR C 59 7.22 27.35 -14.26
C THR C 59 5.72 27.63 -14.07
N ASP C 60 5.30 27.58 -12.80
CA ASP C 60 3.97 28.00 -12.39
C ASP C 60 4.12 28.75 -11.07
N TYR C 61 3.47 29.90 -10.94
CA TYR C 61 3.63 30.73 -9.75
C TYR C 61 2.29 30.96 -9.06
N ASN C 62 2.33 31.18 -7.76
CA ASN C 62 1.16 31.66 -7.05
C ASN C 62 0.73 32.99 -7.66
N PRO C 63 -0.53 33.14 -8.09
CA PRO C 63 -0.96 34.40 -8.72
C PRO C 63 -0.70 35.64 -7.88
N SER C 64 -0.81 35.55 -6.56
CA SER C 64 -0.57 36.73 -5.72
C SER C 64 0.90 37.11 -5.63
N LEU C 65 1.81 36.32 -6.21
CA LEU C 65 3.25 36.56 -6.13
C LEU C 65 3.92 36.53 -7.50
N ARG C 66 3.16 36.39 -8.58
CA ARG C 66 3.74 36.14 -9.89
C ARG C 66 4.60 37.30 -10.39
N THR C 67 4.35 38.53 -9.93
CA THR C 67 5.13 39.68 -10.41
C THR C 67 6.48 39.82 -9.72
N ARG C 68 6.68 39.19 -8.56
CA ARG C 68 7.90 39.35 -7.78
C ARG C 68 8.79 38.11 -7.74
N VAL C 69 8.34 36.98 -8.27
CA VAL C 69 8.98 35.69 -8.06
C VAL C 69 9.55 35.19 -9.39
N THR C 70 10.75 34.61 -9.33
CA THR C 70 11.32 33.87 -10.43
C THR C 70 11.95 32.61 -9.89
N ILE C 71 11.55 31.47 -10.43
CA ILE C 71 12.08 30.18 -10.00
C ILE C 71 12.77 29.55 -11.21
N SER C 72 13.98 29.03 -10.99
CA SER C 72 14.77 28.50 -12.08
C SER C 72 15.43 27.22 -11.62
N ILE C 73 16.01 26.48 -12.56
CA ILE C 73 16.59 25.17 -12.26
C ILE C 73 17.87 24.99 -13.07
N ASP C 74 18.88 24.38 -12.44
CA ASP C 74 20.12 23.97 -13.08
C ASP C 74 20.25 22.47 -12.82
N THR C 75 19.84 21.67 -13.80
CA THR C 75 19.79 20.22 -13.61
C THR C 75 21.17 19.58 -13.68
N SER C 76 22.13 20.23 -14.35
CA SER C 76 23.49 19.70 -14.38
C SER C 76 24.17 19.76 -13.02
N LYS C 77 23.71 20.61 -12.11
CA LYS C 77 24.30 20.70 -10.77
C LYS C 77 23.31 20.29 -9.68
N ASN C 78 22.15 19.78 -10.04
CA ASN C 78 21.13 19.36 -9.07
C ASN C 78 20.71 20.52 -8.17
N HIS C 79 20.47 21.68 -8.79
CA HIS C 79 20.09 22.87 -8.06
C HIS C 79 18.79 23.42 -8.62
N PHE C 80 17.98 24.04 -7.76
CA PHE C 80 17.00 25.01 -8.28
C PHE C 80 16.93 26.19 -7.34
N PHE C 81 16.35 27.29 -7.82
CA PHE C 81 16.56 28.60 -7.22
C PHE C 81 15.26 29.36 -7.14
N LEU C 82 15.15 30.14 -6.06
CA LEU C 82 14.05 31.07 -5.84
C LEU C 82 14.62 32.48 -5.76
N LYS C 83 14.02 33.40 -6.49
CA LYS C 83 14.36 34.82 -6.42
C LYS C 83 13.06 35.59 -6.22
N MET C 84 13.03 36.45 -5.20
CA MET C 84 11.86 37.25 -4.89
C MET C 84 12.31 38.69 -4.73
N THR C 85 11.78 39.58 -5.56
CA THR C 85 12.20 40.98 -5.58
C THR C 85 11.26 41.84 -4.73
N SER C 86 11.75 43.03 -4.39
CA SER C 86 10.97 44.05 -3.66
C SER C 86 10.35 43.48 -2.39
N VAL C 87 11.18 42.81 -1.60
CA VAL C 87 10.66 42.15 -0.40
C VAL C 87 10.33 43.19 0.67
N THR C 88 9.39 42.84 1.54
CA THR C 88 9.02 43.63 2.70
C THR C 88 9.02 42.72 3.91
N ALA C 89 8.64 43.27 5.07
CA ALA C 89 8.57 42.48 6.29
C ALA C 89 7.56 41.35 6.18
N ALA C 90 6.58 41.47 5.29
CA ALA C 90 5.62 40.38 5.07
C ALA C 90 6.25 39.15 4.45
N ASP C 91 7.49 39.23 3.98
CA ASP C 91 8.17 38.10 3.38
C ASP C 91 9.12 37.41 4.36
N THR C 92 9.27 37.93 5.57
CA THR C 92 10.01 37.22 6.61
C THR C 92 9.34 35.87 6.86
N ALA C 93 10.09 34.79 6.71
CA ALA C 93 9.46 33.47 6.75
C ALA C 93 10.52 32.40 6.77
N VAL C 94 10.08 31.18 7.06
CA VAL C 94 10.88 29.99 6.81
C VAL C 94 10.51 29.48 5.42
N TYR C 95 11.51 29.34 4.55
CA TYR C 95 11.32 28.93 3.16
C TYR C 95 11.73 27.47 3.00
N TYR C 96 10.88 26.68 2.34
CA TYR C 96 11.11 25.27 2.10
C TYR C 96 11.12 24.99 0.61
N CYS C 97 12.04 24.13 0.17
CA CYS C 97 11.93 23.52 -1.14
C CYS C 97 11.44 22.08 -1.00
N ALA C 98 10.82 21.58 -2.06
CA ALA C 98 10.25 20.24 -2.03
C ALA C 98 10.18 19.67 -3.43
N ARG C 99 10.26 18.34 -3.52
CA ARG C 99 9.96 17.68 -4.77
C ARG C 99 8.46 17.36 -4.78
N GLU C 100 7.84 17.55 -5.94
CA GLU C 100 6.41 17.31 -6.06
C GLU C 100 6.14 15.85 -6.40
N GLY C 101 4.92 15.41 -6.09
CA GLY C 101 4.53 14.06 -6.42
C GLY C 101 4.57 13.81 -7.92
N ASP C 102 4.63 12.52 -8.28
CA ASP C 102 4.71 12.14 -9.68
C ASP C 102 3.37 12.25 -10.37
N TYR C 103 2.29 11.96 -9.66
CA TYR C 103 0.96 11.92 -10.27
C TYR C 103 0.08 13.08 -9.84
N SER C 104 0.38 13.71 -8.71
CA SER C 104 -0.34 14.92 -8.30
C SER C 104 0.63 15.76 -7.49
N ALA C 105 0.30 17.05 -7.35
CA ALA C 105 1.21 18.02 -6.75
C ALA C 105 1.14 18.00 -5.21
N TRP C 106 1.35 16.81 -4.63
CA TRP C 106 1.73 16.76 -3.22
C TRP C 106 3.23 17.03 -3.10
N PHE C 107 3.74 17.11 -1.87
CA PHE C 107 5.11 17.53 -1.62
C PHE C 107 5.83 16.49 -0.78
N ASP C 108 6.89 15.90 -1.34
CA ASP C 108 7.67 14.85 -0.71
C ASP C 108 8.92 14.56 -1.57
N PRO C 109 10.12 14.70 -1.01
CA PRO C 109 10.45 15.14 0.35
C PRO C 109 10.57 16.64 0.44
N TRP C 110 10.69 17.16 1.66
CA TRP C 110 10.89 18.57 1.91
C TRP C 110 12.33 18.83 2.33
N GLY C 111 12.79 20.04 2.10
CA GLY C 111 14.02 20.50 2.69
C GLY C 111 13.85 20.76 4.17
N GLN C 112 14.94 21.23 4.79
CA GLN C 112 14.92 21.49 6.23
C GLN C 112 14.33 22.85 6.56
N GLY C 113 14.30 23.77 5.60
CA GLY C 113 13.81 25.10 5.85
C GLY C 113 14.92 26.10 6.11
N ALA C 114 14.84 27.25 5.47
CA ALA C 114 15.79 28.34 5.68
C ALA C 114 15.02 29.56 6.14
N LEU C 115 15.36 30.07 7.32
CA LEU C 115 14.74 31.29 7.81
C LEU C 115 15.35 32.49 7.10
N VAL C 116 14.49 33.37 6.58
CA VAL C 116 14.91 34.63 5.98
C VAL C 116 14.15 35.76 6.66
N THR C 117 14.89 36.74 7.16
CA THR C 117 14.35 37.91 7.83
C THR C 117 14.56 39.13 6.93
N VAL C 118 13.50 39.91 6.75
CA VAL C 118 13.58 41.16 5.99
C VAL C 118 13.64 42.30 6.99
N SER C 119 14.77 43.00 7.02
CA SER C 119 14.98 44.04 8.01
C SER C 119 16.10 44.96 7.55
N SER C 120 16.05 46.21 8.02
CA SER C 120 17.15 47.13 7.78
C SER C 120 18.26 46.98 8.80
N ALA C 121 17.99 46.30 9.92
CA ALA C 121 18.98 46.15 10.97
C ALA C 121 20.19 45.35 10.48
N SER C 122 21.31 45.53 11.17
CA SER C 122 22.58 44.92 10.80
C SER C 122 22.83 43.63 11.56
N THR C 123 23.62 42.76 10.96
CA THR C 123 23.99 41.50 11.59
C THR C 123 24.86 41.76 12.82
N LYS C 124 24.59 41.01 13.89
CA LYS C 124 25.37 41.13 15.12
C LYS C 124 25.49 39.76 15.77
N GLY C 125 26.72 39.41 16.13
CA GLY C 125 26.98 38.13 16.77
C GLY C 125 26.65 38.22 18.24
N PRO C 126 26.32 37.08 18.83
CA PRO C 126 25.89 37.06 20.23
C PRO C 126 27.06 37.06 21.21
N SER C 127 26.75 37.48 22.43
CA SER C 127 27.60 37.24 23.58
C SER C 127 27.05 36.05 24.35
N VAL C 128 27.93 35.14 24.77
CA VAL C 128 27.53 33.93 25.47
C VAL C 128 28.01 34.02 26.91
N PHE C 129 27.07 34.03 27.83
CA PHE C 129 27.34 34.12 29.26
C PHE C 129 26.91 32.84 29.96
N PRO C 130 27.64 32.41 30.99
CA PRO C 130 27.22 31.21 31.72
C PRO C 130 26.06 31.51 32.65
N LEU C 131 25.27 30.47 32.91
CA LEU C 131 24.21 30.42 33.92
C LEU C 131 24.67 29.30 34.85
N ALA C 132 25.52 29.65 35.80
CA ALA C 132 26.29 28.68 36.55
C ALA C 132 25.44 28.04 37.64
N PRO C 133 25.60 26.73 37.86
CA PRO C 133 24.86 26.07 38.93
C PRO C 133 25.44 26.37 40.30
N SER C 134 24.57 26.33 41.31
CA SER C 134 24.96 26.65 42.67
C SER C 134 25.52 25.43 43.41
N GLY C 141 18.38 16.43 44.61
CA GLY C 141 19.74 16.22 44.14
C GLY C 141 19.91 16.46 42.65
N THR C 142 19.25 17.51 42.16
CA THR C 142 19.34 17.90 40.75
C THR C 142 19.61 19.40 40.66
N ALA C 143 20.59 19.76 39.84
CA ALA C 143 20.96 21.15 39.61
C ALA C 143 20.62 21.57 38.19
N ALA C 144 20.53 22.88 37.99
CA ALA C 144 20.23 23.45 36.69
C ALA C 144 21.38 24.38 36.29
N LEU C 145 21.80 24.28 35.04
CA LEU C 145 22.82 25.17 34.52
C LEU C 145 22.44 25.56 33.10
N GLY C 146 23.17 26.49 32.51
CA GLY C 146 22.83 26.86 31.15
C GLY C 146 23.71 27.96 30.61
N CYS C 147 23.26 28.49 29.47
CA CYS C 147 23.94 29.56 28.76
C CYS C 147 22.93 30.60 28.32
N LEU C 148 23.36 31.86 28.35
CA LEU C 148 22.58 33.00 27.92
C LEU C 148 23.25 33.53 26.65
N VAL C 149 22.56 33.41 25.53
CA VAL C 149 23.04 33.86 24.23
C VAL C 149 22.33 35.19 23.95
N LYS C 150 23.05 36.30 24.11
CA LYS C 150 22.42 37.61 24.20
C LYS C 150 22.88 38.55 23.10
N ASP C 151 21.95 39.39 22.62
CA ASP C 151 22.24 40.52 21.74
C ASP C 151 22.81 40.06 20.40
N TYR C 152 21.94 39.40 19.63
CA TYR C 152 22.31 38.95 18.30
C TYR C 152 21.19 39.28 17.33
N PHE C 153 21.55 39.31 16.04
CA PHE C 153 20.58 39.55 14.99
C PHE C 153 21.18 39.06 13.68
N PRO C 154 20.39 38.43 12.80
CA PRO C 154 19.00 37.97 12.98
C PRO C 154 18.95 36.57 13.56
N GLU C 155 17.76 35.99 13.68
CA GLU C 155 17.66 34.57 14.00
C GLU C 155 18.16 33.73 12.83
N PRO C 156 18.54 32.47 13.06
CA PRO C 156 18.50 31.72 14.32
C PRO C 156 19.85 31.51 14.97
N VAL C 157 19.80 31.04 16.21
CA VAL C 157 20.96 30.51 16.92
C VAL C 157 20.68 29.04 17.22
N THR C 158 21.69 28.21 17.14
CA THR C 158 21.57 26.81 17.54
C THR C 158 22.44 26.56 18.76
N VAL C 159 21.94 25.76 19.69
CA VAL C 159 22.65 25.42 20.91
C VAL C 159 22.61 23.91 21.08
N SER C 160 23.77 23.32 21.31
CA SER C 160 23.87 21.93 21.75
C SER C 160 24.65 21.90 23.06
N TRP C 161 24.74 20.72 23.66
CA TRP C 161 25.44 20.56 24.93
C TRP C 161 26.41 19.39 24.83
N ASN C 162 27.65 19.62 25.29
CA ASN C 162 28.71 18.60 25.27
C ASN C 162 28.82 17.95 23.89
N SER C 163 28.91 18.79 22.86
CA SER C 163 29.10 18.36 21.48
C SER C 163 27.97 17.46 21.00
N GLY C 164 26.78 17.59 21.60
CA GLY C 164 25.62 16.83 21.21
C GLY C 164 25.37 15.58 22.03
N ALA C 165 26.32 15.21 22.89
CA ALA C 165 26.17 14.00 23.69
C ALA C 165 25.11 14.18 24.78
N LEU C 166 25.06 15.35 25.40
CA LEU C 166 24.09 15.65 26.44
C LEU C 166 22.83 16.20 25.79
N THR C 167 21.75 15.43 25.87
CA THR C 167 20.46 15.84 25.31
C THR C 167 19.32 15.67 26.31
N SER C 168 19.48 14.76 27.27
CA SER C 168 18.45 14.55 28.28
C SER C 168 18.38 15.76 29.22
N GLY C 169 17.17 16.27 29.43
CA GLY C 169 16.97 17.42 30.30
C GLY C 169 17.30 18.77 29.68
N VAL C 170 17.64 18.81 28.39
CA VAL C 170 18.02 20.04 27.73
C VAL C 170 16.77 20.79 27.28
N HIS C 171 16.69 22.08 27.61
CA HIS C 171 15.63 22.96 27.10
C HIS C 171 16.27 24.20 26.51
N THR C 172 16.18 24.37 25.20
CA THR C 172 16.61 25.58 24.52
C THR C 172 15.39 26.41 24.16
N PHE C 173 15.28 27.59 24.76
CA PHE C 173 14.06 28.38 24.71
C PHE C 173 13.97 29.22 23.43
N PRO C 174 12.75 29.54 22.99
CA PRO C 174 12.61 30.50 21.90
C PRO C 174 13.23 31.82 22.30
N ALA C 175 13.86 32.48 21.32
CA ALA C 175 14.47 33.78 21.57
C ALA C 175 13.39 34.82 21.78
N VAL C 176 13.75 35.88 22.50
CA VAL C 176 12.89 37.05 22.68
C VAL C 176 13.54 38.24 22.00
N LEU C 177 12.74 38.99 21.26
CA LEU C 177 13.21 40.24 20.65
C LEU C 177 13.18 41.33 21.71
N GLN C 178 14.34 41.90 22.00
CA GLN C 178 14.44 42.92 23.03
C GLN C 178 14.06 44.29 22.48
N SER C 179 13.83 45.24 23.38
CA SER C 179 13.49 46.60 22.95
C SER C 179 14.60 47.21 22.10
N SER C 180 15.84 46.73 22.24
CA SER C 180 16.96 47.21 21.43
C SER C 180 16.92 46.71 19.99
N GLY C 181 15.97 45.85 19.64
CA GLY C 181 15.97 45.23 18.33
C GLY C 181 16.87 44.01 18.20
N LEU C 182 17.45 43.55 19.30
CA LEU C 182 18.33 42.39 19.30
C LEU C 182 17.68 41.25 20.03
N TYR C 183 17.98 40.02 19.58
CA TYR C 183 17.40 38.82 20.16
C TYR C 183 18.23 38.33 21.35
N SER C 184 17.57 37.60 22.24
CA SER C 184 18.25 36.98 23.36
C SER C 184 17.55 35.65 23.64
N LEU C 185 18.35 34.63 23.94
CA LEU C 185 17.86 33.28 24.15
C LEU C 185 18.60 32.65 25.30
N SER C 186 17.97 31.65 25.94
CA SER C 186 18.64 30.90 26.98
C SER C 186 18.51 29.42 26.67
N SER C 187 19.51 28.65 27.10
CA SER C 187 19.49 27.20 26.96
C SER C 187 19.94 26.61 28.28
N VAL C 188 19.10 25.78 28.88
CA VAL C 188 19.37 25.22 30.20
C VAL C 188 19.36 23.70 30.13
N VAL C 189 19.91 23.08 31.16
CA VAL C 189 19.89 21.64 31.31
C VAL C 189 19.93 21.32 32.79
N THR C 190 19.18 20.30 33.18
CA THR C 190 19.17 19.79 34.54
C THR C 190 20.00 18.51 34.61
N VAL C 191 20.92 18.46 35.57
CA VAL C 191 21.86 17.35 35.73
C VAL C 191 21.84 16.91 37.18
N PRO C 192 22.37 15.72 37.48
CA PRO C 192 22.57 15.34 38.88
C PRO C 192 23.59 16.26 39.54
N SER C 193 23.27 16.72 40.76
CA SER C 193 24.22 17.56 41.48
C SER C 193 25.53 16.83 41.73
N SER C 194 25.48 15.51 41.92
CA SER C 194 26.69 14.73 42.19
C SER C 194 27.68 14.82 41.05
N SER C 195 27.22 15.04 39.82
CA SER C 195 28.09 15.10 38.66
C SER C 195 28.69 16.48 38.42
N LEU C 196 28.35 17.47 39.25
CA LEU C 196 28.85 18.83 39.02
C LEU C 196 30.37 18.92 39.16
N GLY C 197 30.98 18.04 39.95
CA GLY C 197 32.41 18.10 40.12
C GLY C 197 33.17 17.13 39.24
N THR C 198 32.45 16.21 38.62
CA THR C 198 33.05 15.17 37.79
C THR C 198 32.88 15.45 36.30
N GLN C 199 31.66 15.76 35.87
CA GLN C 199 31.35 15.95 34.46
C GLN C 199 31.51 17.41 34.08
N THR C 200 32.20 17.66 32.96
CA THR C 200 32.33 18.99 32.39
C THR C 200 31.17 19.28 31.46
N TYR C 201 30.54 20.44 31.64
CA TYR C 201 29.39 20.85 30.85
C TYR C 201 29.76 22.04 29.99
N ILE C 202 29.51 21.93 28.69
CA ILE C 202 29.91 22.94 27.71
C ILE C 202 28.75 23.17 26.75
N CYS C 203 28.33 24.42 26.59
CA CYS C 203 27.28 24.75 25.63
C CYS C 203 27.92 25.19 24.32
N ASN C 204 27.40 24.67 23.22
CA ASN C 204 27.94 24.91 21.88
C ASN C 204 26.93 25.78 21.12
N VAL C 205 27.29 27.04 20.92
CA VAL C 205 26.42 28.04 20.31
C VAL C 205 26.93 28.34 18.92
N ASN C 206 26.04 28.24 17.94
CA ASN C 206 26.34 28.57 16.55
C ASN C 206 25.39 29.66 16.13
N HIS C 207 25.92 30.75 15.59
CA HIS C 207 25.15 31.81 14.95
C HIS C 207 25.73 31.98 13.55
N LYS C 208 25.15 31.24 12.59
CA LYS C 208 25.68 31.26 11.23
C LYS C 208 25.57 32.62 10.54
N PRO C 209 24.50 33.41 10.72
CA PRO C 209 24.46 34.72 10.03
C PRO C 209 25.63 35.63 10.33
N SER C 210 26.22 35.55 11.51
CA SER C 210 27.42 36.32 11.83
C SER C 210 28.67 35.46 11.81
N ASN C 211 28.55 34.17 11.48
CA ASN C 211 29.67 33.24 11.51
C ASN C 211 30.32 33.19 12.90
N THR C 212 29.49 33.20 13.94
CA THR C 212 29.94 33.16 15.32
C THR C 212 29.82 31.73 15.84
N LYS C 213 30.87 31.24 16.49
CA LYS C 213 30.88 29.90 17.08
C LYS C 213 31.53 29.97 18.45
N VAL C 214 30.76 29.67 19.49
CA VAL C 214 31.25 29.76 20.87
C VAL C 214 31.04 28.43 21.56
N ASP C 215 32.10 27.86 22.11
CA ASP C 215 32.03 26.69 22.95
C ASP C 215 32.37 27.15 24.36
N LYS C 216 31.33 27.34 25.17
CA LYS C 216 31.47 27.98 26.48
C LYS C 216 31.36 26.93 27.55
N LYS C 217 32.39 26.84 28.40
CA LYS C 217 32.32 25.94 29.54
C LYS C 217 31.55 26.60 30.68
N VAL C 218 30.64 25.85 31.28
CA VAL C 218 29.82 26.34 32.37
C VAL C 218 30.31 25.66 33.63
N GLU C 219 30.99 26.42 34.49
CA GLU C 219 31.57 25.88 35.70
C GLU C 219 30.68 26.18 36.91
N PRO C 220 30.56 25.23 37.84
CA PRO C 220 29.89 25.52 39.10
C PRO C 220 30.62 26.63 39.85
N LYS C 221 29.88 27.66 40.25
CA LYS C 221 30.50 28.83 40.85
C LYS C 221 31.10 28.48 42.20
N SER C 222 32.34 28.90 42.42
CA SER C 222 33.01 28.69 43.69
C SER C 222 32.56 29.78 44.66
N CYS C 223 31.70 29.40 45.61
CA CYS C 223 31.11 30.36 46.52
C CYS C 223 30.65 29.66 47.80
N ASP D 1 -9.43 31.22 -5.42
CA ASP D 1 -8.62 30.10 -4.95
C ASP D 1 -9.49 29.09 -4.22
N ILE D 2 -9.06 27.83 -4.25
CA ILE D 2 -9.71 26.81 -3.44
C ILE D 2 -9.34 27.04 -1.98
N GLN D 3 -10.33 27.33 -1.15
CA GLN D 3 -10.07 27.57 0.26
C GLN D 3 -10.15 26.27 1.04
N MET D 4 -9.12 26.01 1.84
CA MET D 4 -9.01 24.82 2.69
C MET D 4 -9.19 25.26 4.14
N THR D 5 -10.17 24.67 4.83
CA THR D 5 -10.45 25.02 6.22
C THR D 5 -10.38 23.78 7.09
N GLN D 6 -9.55 23.84 8.13
CA GLN D 6 -9.37 22.71 9.05
C GLN D 6 -10.10 22.93 10.36
N SER D 7 -10.53 21.83 10.97
CA SER D 7 -11.27 21.87 12.20
C SER D 7 -10.88 20.68 13.06
N PRO D 8 -10.63 20.86 14.35
CA PRO D 8 -10.54 22.14 15.07
C PRO D 8 -9.25 22.86 14.73
N SER D 9 -9.12 24.13 15.12
CA SER D 9 -7.85 24.83 14.94
C SER D 9 -6.83 24.41 15.98
N SER D 10 -7.29 23.99 17.15
CA SER D 10 -6.44 23.46 18.19
C SER D 10 -7.26 22.53 19.08
N LEU D 11 -6.57 21.61 19.72
CA LEU D 11 -7.21 20.63 20.57
C LEU D 11 -6.18 20.06 21.52
N SER D 12 -6.64 19.60 22.67
CA SER D 12 -5.82 18.89 23.64
C SER D 12 -6.41 17.51 23.82
N ALA D 13 -5.55 16.49 23.79
CA ALA D 13 -5.97 15.10 23.92
C ALA D 13 -4.90 14.33 24.67
N SER D 14 -5.32 13.23 25.30
CA SER D 14 -4.43 12.43 26.12
C SER D 14 -3.81 11.30 25.30
N ILE D 15 -2.65 10.82 25.78
CA ILE D 15 -1.98 9.70 25.15
C ILE D 15 -2.94 8.51 25.09
N GLY D 16 -2.96 7.84 23.93
CA GLY D 16 -3.86 6.73 23.70
C GLY D 16 -5.19 7.11 23.09
N ASP D 17 -5.56 8.40 23.13
CA ASP D 17 -6.83 8.85 22.59
C ASP D 17 -6.84 8.80 21.06
N ARG D 18 -8.04 8.88 20.51
CA ARG D 18 -8.24 9.12 19.09
C ARG D 18 -8.35 10.62 18.84
N VAL D 19 -7.61 11.10 17.84
CA VAL D 19 -7.67 12.50 17.43
C VAL D 19 -8.25 12.52 16.02
N THR D 20 -9.23 13.39 15.80
CA THR D 20 -9.90 13.49 14.51
C THR D 20 -9.76 14.91 14.01
N ILE D 21 -9.26 15.07 12.79
CA ILE D 21 -9.04 16.38 12.19
C ILE D 21 -9.80 16.41 10.86
N THR D 22 -10.62 17.43 10.66
CA THR D 22 -11.44 17.55 9.48
C THR D 22 -10.88 18.66 8.61
N CYS D 23 -10.95 18.47 7.29
CA CYS D 23 -10.53 19.45 6.30
C CYS D 23 -11.65 19.60 5.29
N ARG D 24 -12.05 20.84 5.01
CA ARG D 24 -13.11 21.13 4.05
C ARG D 24 -12.53 21.95 2.91
N ALA D 25 -12.81 21.53 1.68
CA ALA D 25 -12.46 22.28 0.48
C ALA D 25 -13.68 23.09 0.03
N SER D 26 -13.41 24.28 -0.51
CA SER D 26 -14.48 25.15 -0.99
C SER D 26 -15.11 24.64 -2.29
N GLN D 27 -14.58 23.58 -2.89
CA GLN D 27 -15.20 22.96 -4.05
C GLN D 27 -14.74 21.52 -4.09
N HIS D 28 -15.41 20.73 -4.92
CA HIS D 28 -15.09 19.32 -5.08
C HIS D 28 -13.67 19.16 -5.61
N ILE D 29 -12.84 18.40 -4.89
CA ILE D 29 -11.46 18.13 -5.30
C ILE D 29 -11.19 16.63 -5.40
N GLU D 30 -12.25 15.82 -5.50
CA GLU D 30 -12.13 14.36 -5.61
C GLU D 30 -11.31 13.87 -4.42
N SER D 31 -10.22 13.13 -4.62
CA SER D 31 -9.35 12.66 -3.55
C SER D 31 -8.02 13.39 -3.50
N PHE D 32 -7.88 14.50 -4.24
CA PHE D 32 -6.59 15.18 -4.37
C PHE D 32 -6.37 16.09 -3.15
N LEU D 33 -6.20 15.43 -2.00
CA LEU D 33 -6.04 16.06 -0.70
C LEU D 33 -4.93 15.34 0.05
N ASN D 34 -3.96 16.09 0.57
CA ASN D 34 -2.78 15.53 1.19
C ASN D 34 -2.61 16.12 2.58
N TRP D 35 -2.05 15.31 3.48
CA TRP D 35 -1.90 15.65 4.89
C TRP D 35 -0.42 15.62 5.26
N TYR D 36 0.00 16.66 5.99
CA TYR D 36 1.37 16.86 6.44
C TYR D 36 1.40 17.05 7.95
N GLN D 37 2.50 16.61 8.56
CA GLN D 37 2.77 16.77 9.97
C GLN D 37 4.04 17.60 10.14
N GLN D 38 3.97 18.64 10.97
CA GLN D 38 5.13 19.48 11.25
C GLN D 38 5.37 19.50 12.75
N LYS D 39 6.43 18.83 13.18
CA LYS D 39 6.86 18.81 14.56
C LYS D 39 7.66 20.07 14.86
N PRO D 40 7.79 20.43 16.14
CA PRO D 40 8.50 21.67 16.49
C PRO D 40 9.93 21.66 15.96
N GLY D 41 10.32 22.78 15.34
CA GLY D 41 11.67 22.93 14.82
C GLY D 41 11.98 22.09 13.62
N LYS D 42 10.98 21.44 13.01
CA LYS D 42 11.20 20.59 11.85
C LYS D 42 10.34 21.06 10.69
N ALA D 43 10.73 20.65 9.50
CA ALA D 43 9.95 20.95 8.31
C ALA D 43 8.69 20.07 8.29
N PRO D 44 7.66 20.48 7.56
CA PRO D 44 6.54 19.58 7.32
C PRO D 44 7.02 18.29 6.66
N LYS D 45 6.29 17.21 6.92
CA LYS D 45 6.58 15.90 6.37
C LYS D 45 5.28 15.29 5.87
N LEU D 46 5.31 14.72 4.67
CA LEU D 46 4.11 14.09 4.11
C LEU D 46 3.67 12.91 4.97
N LEU D 47 2.41 12.91 5.39
CA LEU D 47 1.82 11.82 6.15
C LEU D 47 0.89 10.97 5.30
N ILE D 48 -0.01 11.60 4.56
CA ILE D 48 -0.98 10.89 3.73
C ILE D 48 -1.14 11.65 2.43
N TYR D 49 -1.25 10.93 1.31
CA TYR D 49 -1.46 11.60 0.04
C TYR D 49 -2.61 10.94 -0.72
N ILE D 50 -3.26 11.74 -1.56
CA ILE D 50 -4.47 11.37 -2.27
C ILE D 50 -5.49 10.81 -1.28
N ALA D 51 -5.76 11.58 -0.22
CA ALA D 51 -6.82 11.36 0.77
C ALA D 51 -6.55 10.21 1.74
N SER D 52 -6.04 9.08 1.25
CA SER D 52 -6.02 7.89 2.08
C SER D 52 -4.77 7.04 1.97
N THR D 53 -3.84 7.34 1.08
CA THR D 53 -2.65 6.51 0.93
C THR D 53 -1.59 6.96 1.94
N LEU D 54 -1.14 6.01 2.77
CA LEU D 54 -0.16 6.32 3.80
C LEU D 54 1.23 6.44 3.21
N GLN D 55 1.96 7.47 3.60
CA GLN D 55 3.37 7.57 3.25
C GLN D 55 4.13 6.39 3.81
N GLY D 56 5.05 5.84 3.02
CA GLY D 56 5.85 4.72 3.45
C GLY D 56 6.57 4.96 4.76
N GLY D 57 6.39 4.06 5.72
CA GLY D 57 6.98 4.18 7.03
C GLY D 57 6.07 4.78 8.08
N VAL D 58 4.98 5.44 7.67
CA VAL D 58 4.06 6.03 8.65
C VAL D 58 3.29 4.90 9.33
N PRO D 59 3.19 4.90 10.66
CA PRO D 59 2.50 3.80 11.34
C PRO D 59 1.01 3.76 11.02
N SER D 60 0.45 2.57 11.20
CA SER D 60 -0.93 2.27 10.84
C SER D 60 -1.96 3.03 11.67
N ARG D 61 -1.55 3.67 12.77
CA ARG D 61 -2.50 4.44 13.57
C ARG D 61 -2.94 5.73 12.87
N PHE D 62 -2.22 6.16 11.85
CA PHE D 62 -2.63 7.28 11.01
C PHE D 62 -3.47 6.74 9.86
N SER D 63 -4.61 7.36 9.61
CA SER D 63 -5.41 6.99 8.44
C SER D 63 -6.14 8.22 7.93
N GLY D 64 -6.49 8.18 6.65
CA GLY D 64 -7.18 9.30 6.03
C GLY D 64 -8.32 8.80 5.18
N ARG D 65 -9.37 9.61 5.10
CA ARG D 65 -10.48 9.30 4.22
C ARG D 65 -11.09 10.60 3.71
N GLY D 66 -11.93 10.50 2.70
CA GLY D 66 -12.64 11.65 2.17
C GLY D 66 -12.65 11.63 0.65
N PHE D 67 -13.68 12.25 0.08
CA PHE D 67 -13.82 12.39 -1.36
C PHE D 67 -14.74 13.56 -1.62
N GLY D 68 -14.29 14.54 -2.39
CA GLY D 68 -15.13 15.68 -2.69
C GLY D 68 -14.74 16.92 -1.91
N THR D 69 -15.47 17.23 -0.84
CA THR D 69 -15.19 18.41 -0.04
C THR D 69 -14.88 18.12 1.42
N ASP D 70 -15.18 16.92 1.93
CA ASP D 70 -15.03 16.63 3.36
C ASP D 70 -13.97 15.54 3.52
N PHE D 71 -12.90 15.85 4.26
CA PHE D 71 -11.80 14.92 4.43
C PHE D 71 -11.48 14.82 5.90
N THR D 72 -10.98 13.65 6.32
CA THR D 72 -10.75 13.38 7.73
C THR D 72 -9.42 12.66 7.90
N LEU D 73 -8.58 13.21 8.76
CA LEU D 73 -7.37 12.55 9.24
C LEU D 73 -7.62 12.02 10.64
N THR D 74 -7.31 10.75 10.86
CA THR D 74 -7.52 10.12 12.16
C THR D 74 -6.19 9.60 12.70
N ILE D 75 -5.92 9.92 13.95
CA ILE D 75 -4.78 9.40 14.68
C ILE D 75 -5.35 8.56 15.81
N ASN D 76 -5.34 7.24 15.65
CA ASN D 76 -5.68 6.39 16.77
C ASN D 76 -4.50 6.28 17.71
N SER D 77 -4.79 5.96 18.97
CA SER D 77 -3.77 5.76 20.00
C SER D 77 -2.72 6.85 19.96
N LEU D 78 -3.12 8.08 20.24
CA LEU D 78 -2.22 9.22 20.21
C LEU D 78 -0.96 8.94 21.01
N GLN D 79 0.20 9.21 20.40
CA GLN D 79 1.48 9.00 21.04
C GLN D 79 2.17 10.33 21.33
N PRO D 80 3.01 10.40 22.37
CA PRO D 80 3.58 11.71 22.77
C PRO D 80 4.33 12.40 21.64
N GLU D 81 4.96 11.64 20.74
CA GLU D 81 5.69 12.26 19.65
C GLU D 81 4.78 12.81 18.55
N ASP D 82 3.48 12.53 18.60
CA ASP D 82 2.53 13.07 17.63
C ASP D 82 2.22 14.54 17.87
N PHE D 83 2.78 15.13 18.92
CA PHE D 83 2.63 16.57 19.14
C PHE D 83 3.17 17.33 17.95
N ALA D 84 2.30 18.08 17.27
CA ALA D 84 2.67 18.72 16.02
C ALA D 84 1.52 19.61 15.54
N THR D 85 1.80 20.33 14.45
CA THR D 85 0.76 20.99 13.69
C THR D 85 0.50 20.18 12.43
N TYR D 86 -0.77 19.93 12.13
CA TYR D 86 -1.16 19.11 10.99
C TYR D 86 -1.82 20.00 9.95
N TYR D 87 -1.41 19.83 8.69
CA TYR D 87 -1.93 20.63 7.58
C TYR D 87 -2.53 19.73 6.52
N CYS D 88 -3.64 20.16 5.94
CA CYS D 88 -4.12 19.57 4.70
C CYS D 88 -3.78 20.48 3.54
N GLN D 89 -3.83 19.93 2.34
CA GLN D 89 -3.40 20.65 1.14
C GLN D 89 -4.06 20.03 -0.08
N GLN D 90 -4.74 20.84 -0.89
CA GLN D 90 -5.33 20.34 -2.12
C GLN D 90 -4.28 20.37 -3.23
N SER D 91 -4.19 19.29 -3.99
CA SER D 91 -3.37 19.23 -5.20
C SER D 91 -4.25 19.15 -6.44
N TYR D 92 -5.44 19.73 -6.36
CA TYR D 92 -6.39 19.74 -7.47
C TYR D 92 -6.01 20.79 -8.51
N THR D 93 -5.58 21.96 -8.07
CA THR D 93 -5.19 23.06 -8.95
C THR D 93 -3.86 23.64 -8.49
N ILE D 94 -3.08 24.15 -9.44
CA ILE D 94 -1.80 24.75 -9.10
C ILE D 94 -1.85 26.27 -9.18
N SER D 95 -3.04 26.87 -9.22
CA SER D 95 -3.15 28.31 -9.42
C SER D 95 -4.04 28.94 -8.35
N PRO D 96 -3.60 28.93 -7.08
CA PRO D 96 -2.40 28.28 -6.54
C PRO D 96 -2.71 27.00 -5.79
N ILE D 97 -1.71 26.17 -5.53
CA ILE D 97 -1.84 25.18 -4.47
C ILE D 97 -2.17 25.91 -3.18
N THR D 98 -3.10 25.35 -2.41
CA THR D 98 -3.52 25.98 -1.16
C THR D 98 -3.46 24.97 -0.03
N PHE D 99 -3.09 25.46 1.15
CA PHE D 99 -3.02 24.68 2.37
C PHE D 99 -4.14 25.09 3.31
N GLY D 100 -4.56 24.16 4.16
CA GLY D 100 -5.37 24.52 5.32
C GLY D 100 -4.56 25.37 6.27
N GLN D 101 -5.26 25.98 7.23
CA GLN D 101 -4.60 26.88 8.16
C GLN D 101 -3.83 26.14 9.26
N GLY D 102 -4.01 24.82 9.38
CA GLY D 102 -3.28 24.05 10.37
C GLY D 102 -4.08 23.75 11.64
N THR D 103 -3.87 22.56 12.20
CA THR D 103 -4.47 22.15 13.46
C THR D 103 -3.34 21.84 14.44
N ARG D 104 -3.33 22.56 15.55
CA ARG D 104 -2.28 22.37 16.55
C ARG D 104 -2.76 21.36 17.58
N LEU D 105 -1.99 20.29 17.75
CA LEU D 105 -2.34 19.20 18.65
C LEU D 105 -1.54 19.30 19.94
N GLU D 106 -2.23 19.49 21.06
CA GLU D 106 -1.66 19.54 22.40
C GLU D 106 -1.90 18.22 23.13
N ILE D 107 -0.92 17.81 23.95
CA ILE D 107 -1.04 16.58 24.74
C ILE D 107 -1.53 16.97 26.14
N LYS D 108 -2.66 16.42 26.55
CA LYS D 108 -3.15 16.61 27.91
C LYS D 108 -2.58 15.54 28.82
N ARG D 109 -2.05 15.96 29.96
CA ARG D 109 -1.45 15.05 30.93
C ARG D 109 -1.77 15.55 32.32
N THR D 110 -1.30 14.81 33.33
CA THR D 110 -1.55 15.22 34.72
C THR D 110 -0.84 16.53 35.03
N VAL D 111 -1.38 17.23 36.02
CA VAL D 111 -0.77 18.48 36.47
C VAL D 111 0.62 18.19 37.04
N ALA D 112 1.57 19.06 36.74
CA ALA D 112 2.92 18.95 37.28
C ALA D 112 3.41 20.33 37.64
N ALA D 113 3.86 20.49 38.89
CA ALA D 113 4.37 21.78 39.35
C ALA D 113 5.77 22.01 38.80
N PRO D 114 6.12 23.24 38.46
CA PRO D 114 7.46 23.53 37.96
C PRO D 114 8.50 23.41 39.06
N SER D 115 9.71 23.04 38.67
CA SER D 115 10.87 23.22 39.53
C SER D 115 11.48 24.59 39.20
N VAL D 116 11.66 25.42 40.21
CA VAL D 116 12.07 26.81 40.00
C VAL D 116 13.55 26.96 40.32
N PHE D 117 14.27 27.66 39.45
CA PHE D 117 15.68 27.97 39.65
C PHE D 117 15.92 29.43 39.32
N ILE D 118 16.86 30.04 40.00
CA ILE D 118 17.22 31.43 39.73
C ILE D 118 18.73 31.53 39.53
N PHE D 119 19.12 32.35 38.56
CA PHE D 119 20.52 32.48 38.14
C PHE D 119 20.86 33.95 38.19
N PRO D 120 21.87 34.35 38.97
CA PRO D 120 22.30 35.74 38.99
C PRO D 120 23.06 36.08 37.72
N PRO D 121 23.28 37.36 37.44
CA PRO D 121 24.13 37.71 36.30
C PRO D 121 25.56 37.25 36.53
N SER D 122 26.22 36.88 35.44
CA SER D 122 27.59 36.43 35.52
C SER D 122 28.54 37.61 35.56
N ASP D 123 29.69 37.41 36.20
CA ASP D 123 30.69 38.47 36.29
C ASP D 123 31.10 38.94 34.91
N GLU D 124 31.15 38.02 33.95
CA GLU D 124 31.50 38.34 32.57
C GLU D 124 30.52 39.37 32.00
N GLN D 125 29.22 39.17 32.23
CA GLN D 125 28.25 40.13 31.74
C GLN D 125 28.32 41.45 32.50
N LEU D 126 28.49 41.38 33.83
CA LEU D 126 28.59 42.63 34.60
C LEU D 126 29.75 43.49 34.16
N LYS D 127 30.84 42.87 33.70
CA LYS D 127 31.95 43.67 33.16
C LYS D 127 31.49 44.55 32.00
N SER D 128 30.52 44.10 31.21
CA SER D 128 30.05 44.86 30.06
C SER D 128 29.01 45.92 30.41
N GLY D 129 28.58 46.01 31.66
CA GLY D 129 27.67 47.06 32.09
C GLY D 129 26.19 46.72 32.11
N THR D 130 25.84 45.44 31.99
CA THR D 130 24.44 45.01 32.02
C THR D 130 24.33 43.80 32.93
N ALA D 131 23.15 43.60 33.49
CA ALA D 131 22.88 42.49 34.39
C ALA D 131 21.60 41.80 33.95
N SER D 132 21.68 40.49 33.70
CA SER D 132 20.53 39.67 33.38
C SER D 132 20.35 38.66 34.50
N VAL D 133 19.15 38.64 35.09
CA VAL D 133 18.77 37.66 36.10
C VAL D 133 17.78 36.71 35.44
N VAL D 134 17.99 35.41 35.62
CA VAL D 134 17.21 34.43 34.88
C VAL D 134 16.45 33.56 35.86
N CYS D 135 15.14 33.46 35.68
CA CYS D 135 14.28 32.55 36.43
C CYS D 135 13.81 31.45 35.50
N LEU D 136 14.01 30.20 35.91
CA LEU D 136 13.67 29.03 35.10
C LEU D 136 12.59 28.24 35.81
N LEU D 137 11.51 27.93 35.10
CA LEU D 137 10.43 27.07 35.55
C LEU D 137 10.49 25.80 34.71
N ASN D 138 10.89 24.69 35.33
CA ASN D 138 11.22 23.48 34.59
C ASN D 138 10.12 22.43 34.72
N ASN D 139 9.68 21.92 33.57
CA ASN D 139 8.84 20.71 33.42
C ASN D 139 7.55 20.84 34.23
N PHE D 140 6.64 21.65 33.70
CA PHE D 140 5.36 21.87 34.37
C PHE D 140 4.23 21.72 33.37
N TYR D 141 3.03 21.44 33.90
CA TYR D 141 1.81 21.32 33.12
C TYR D 141 0.64 21.68 34.03
N PRO D 142 -0.34 22.46 33.54
CA PRO D 142 -0.49 23.01 32.19
C PRO D 142 0.41 24.21 31.90
N ARG D 143 0.25 24.79 30.70
CA ARG D 143 1.11 25.88 30.25
C ARG D 143 0.95 27.15 31.06
N GLU D 144 -0.24 27.38 31.63
CA GLU D 144 -0.49 28.64 32.32
C GLU D 144 0.39 28.76 33.56
N ALA D 145 1.20 29.81 33.60
CA ALA D 145 2.07 30.07 34.74
C ALA D 145 2.29 31.57 34.84
N LYS D 146 2.63 32.01 36.05
CA LYS D 146 2.80 33.44 36.34
C LYS D 146 4.14 33.64 37.04
N VAL D 147 4.97 34.52 36.48
CA VAL D 147 6.28 34.84 37.05
C VAL D 147 6.26 36.32 37.42
N GLN D 148 6.54 36.61 38.68
CA GLN D 148 6.59 37.98 39.17
C GLN D 148 8.00 38.25 39.70
N TRP D 149 8.66 39.26 39.15
CA TRP D 149 10.00 39.65 39.59
C TRP D 149 9.92 40.66 40.72
N LYS D 150 10.75 40.49 41.75
CA LYS D 150 10.80 41.44 42.84
C LYS D 150 12.25 41.75 43.19
N VAL D 151 12.56 43.04 43.29
CA VAL D 151 13.89 43.52 43.65
C VAL D 151 13.75 44.29 44.96
N ASP D 152 14.31 43.75 46.05
CA ASP D 152 14.16 44.31 47.39
C ASP D 152 12.68 44.52 47.74
N ASN D 153 11.90 43.45 47.56
CA ASN D 153 10.46 43.41 47.83
C ASN D 153 9.65 44.36 46.96
N ALA D 154 10.28 44.99 45.97
CA ALA D 154 9.60 45.92 45.08
C ALA D 154 9.29 45.21 43.75
N LEU D 155 8.03 45.27 43.34
CA LEU D 155 7.60 44.59 42.12
C LEU D 155 8.15 45.29 40.89
N GLN D 156 8.48 44.50 39.88
CA GLN D 156 9.07 44.98 38.63
C GLN D 156 8.06 44.92 37.50
N SER D 157 8.25 45.78 36.50
CA SER D 157 7.37 45.79 35.34
C SER D 157 8.12 46.43 34.17
N GLY D 158 7.91 45.89 32.98
CA GLY D 158 8.48 46.46 31.78
C GLY D 158 9.96 46.23 31.59
N ASN D 159 10.60 45.45 32.47
CA ASN D 159 12.04 45.20 32.35
C ASN D 159 12.34 43.71 32.34
N SER D 160 11.35 42.88 32.00
CA SER D 160 11.53 41.43 31.94
C SER D 160 10.85 40.89 30.70
N GLN D 161 11.39 39.80 30.18
CA GLN D 161 10.84 39.11 29.02
C GLN D 161 10.91 37.62 29.26
N GLU D 162 9.93 36.89 28.74
CA GLU D 162 9.85 35.46 28.99
C GLU D 162 9.55 34.69 27.70
N SER D 163 9.90 33.41 27.71
CA SER D 163 9.58 32.52 26.61
C SER D 163 9.36 31.13 27.16
N VAL D 164 8.53 30.35 26.48
CA VAL D 164 8.17 29.01 26.93
C VAL D 164 8.45 28.04 25.79
N THR D 165 9.06 26.90 26.12
CA THR D 165 9.35 25.90 25.11
C THR D 165 8.05 25.28 24.60
N GLU D 166 8.15 24.62 23.44
CA GLU D 166 7.04 23.80 22.98
C GLU D 166 6.90 22.58 23.88
N GLN D 167 5.72 21.97 23.83
CA GLN D 167 5.46 20.81 24.68
C GLN D 167 6.49 19.73 24.40
N ASP D 168 7.05 19.17 25.47
CA ASP D 168 8.09 18.17 25.33
C ASP D 168 7.55 16.92 24.67
N SER D 169 8.33 16.36 23.73
CA SER D 169 7.88 15.18 22.99
C SER D 169 7.91 13.91 23.82
N LYS D 170 8.47 13.94 25.03
CA LYS D 170 8.53 12.77 25.89
C LYS D 170 7.54 12.82 27.04
N ASP D 171 7.69 13.80 27.95
CA ASP D 171 6.85 13.90 29.13
C ASP D 171 5.74 14.92 29.00
N SER D 172 5.62 15.58 27.84
CA SER D 172 4.50 16.46 27.54
C SER D 172 4.41 17.65 28.49
N THR D 173 5.54 18.07 29.05
CA THR D 173 5.57 19.22 29.94
C THR D 173 6.07 20.46 29.20
N TYR D 174 5.91 21.61 29.84
CA TYR D 174 6.41 22.88 29.35
C TYR D 174 7.51 23.37 30.29
N SER D 175 8.36 24.25 29.77
CA SER D 175 9.34 24.97 30.58
C SER D 175 9.33 26.43 30.19
N LEU D 176 9.62 27.29 31.15
CA LEU D 176 9.56 28.74 30.95
C LEU D 176 10.86 29.37 31.42
N SER D 177 11.31 30.40 30.69
CA SER D 177 12.50 31.15 31.05
C SER D 177 12.14 32.63 31.05
N SER D 178 12.40 33.31 32.17
CA SER D 178 12.16 34.75 32.32
C SER D 178 13.46 35.46 32.62
N THR D 179 13.72 36.56 31.93
CA THR D 179 14.94 37.33 32.08
C THR D 179 14.58 38.74 32.51
N LEU D 180 15.11 39.16 33.66
CA LEU D 180 15.04 40.53 34.14
C LEU D 180 16.35 41.22 33.81
N THR D 181 16.27 42.32 33.06
CA THR D 181 17.46 43.02 32.58
C THR D 181 17.56 44.40 33.23
N LEU D 182 18.66 44.64 33.93
CA LEU D 182 18.94 45.94 34.52
C LEU D 182 20.31 46.42 34.06
N SER D 183 20.55 47.72 34.23
CA SER D 183 21.92 48.21 34.11
C SER D 183 22.73 47.71 35.30
N LYS D 184 24.05 47.67 35.12
CA LYS D 184 24.93 47.28 36.23
C LYS D 184 24.72 48.17 37.43
N ALA D 185 24.56 49.48 37.21
CA ALA D 185 24.37 50.41 38.32
C ALA D 185 23.10 50.09 39.11
N ASP D 186 21.96 50.01 38.43
CA ASP D 186 20.72 49.64 39.10
C ASP D 186 20.85 48.28 39.77
N TYR D 187 21.55 47.34 39.14
CA TYR D 187 21.68 46.02 39.72
C TYR D 187 22.44 46.08 41.05
N GLU D 188 23.55 46.81 41.07
CA GLU D 188 24.36 46.94 42.27
C GLU D 188 23.74 47.86 43.33
N LYS D 189 22.69 48.61 42.98
CA LYS D 189 21.97 49.39 43.99
C LYS D 189 21.14 48.55 44.94
N HIS D 190 20.94 47.26 44.69
CA HIS D 190 19.95 46.48 45.41
C HIS D 190 20.53 45.16 45.90
N LYS D 191 19.79 44.51 46.80
CA LYS D 191 20.29 43.34 47.52
C LYS D 191 19.55 42.06 47.14
N VAL D 192 18.22 42.03 47.30
CA VAL D 192 17.45 40.81 47.16
C VAL D 192 16.82 40.77 45.78
N TYR D 193 17.05 39.67 45.04
CA TYR D 193 16.44 39.46 43.74
C TYR D 193 15.66 38.15 43.81
N ALA D 194 14.36 38.22 43.52
CA ALA D 194 13.50 37.06 43.69
C ALA D 194 12.55 36.95 42.51
N CYS D 195 12.21 35.71 42.15
CA CYS D 195 11.07 35.46 41.27
C CYS D 195 10.06 34.61 42.03
N GLU D 196 8.80 35.05 41.96
CA GLU D 196 7.68 34.35 42.55
C GLU D 196 6.88 33.69 41.44
N VAL D 197 6.63 32.41 41.61
CA VAL D 197 5.99 31.57 40.59
C VAL D 197 4.64 31.13 41.11
N THR D 198 3.61 31.36 40.30
CA THR D 198 2.25 30.91 40.57
C THR D 198 1.86 29.92 39.48
N HIS D 199 1.47 28.72 39.89
CA HIS D 199 1.08 27.66 38.96
C HIS D 199 0.06 26.78 39.65
N GLN D 200 -0.80 26.17 38.83
CA GLN D 200 -1.89 25.34 39.34
C GLN D 200 -1.39 24.18 40.21
N GLY D 201 -0.23 23.62 39.88
CA GLY D 201 0.31 22.53 40.68
C GLY D 201 0.99 22.93 41.97
N LEU D 202 1.01 24.22 42.29
CA LEU D 202 1.62 24.72 43.51
C LEU D 202 0.51 25.13 44.49
N SER D 203 0.62 24.67 45.74
CA SER D 203 -0.39 25.02 46.73
C SER D 203 -0.36 26.51 47.05
N SER D 204 0.83 27.09 47.06
CA SER D 204 1.02 28.52 47.29
C SER D 204 2.17 29.00 46.43
N PRO D 205 2.18 30.28 46.04
CA PRO D 205 3.28 30.81 45.22
C PRO D 205 4.63 30.48 45.82
N VAL D 206 5.58 30.13 44.95
CA VAL D 206 6.92 29.72 45.37
C VAL D 206 7.90 30.81 44.98
N THR D 207 8.79 31.15 45.90
CA THR D 207 9.76 32.23 45.65
C THR D 207 11.16 31.65 45.66
N LYS D 208 11.92 31.92 44.60
CA LYS D 208 13.34 31.64 44.58
C LYS D 208 14.08 32.96 44.52
N SER D 209 15.06 33.13 45.42
CA SER D 209 15.72 34.41 45.58
C SER D 209 17.20 34.22 45.83
N PHE D 210 17.95 35.29 45.64
CA PHE D 210 19.34 35.36 46.07
C PHE D 210 19.64 36.79 46.51
N ASN D 211 20.67 36.90 47.36
CA ASN D 211 21.19 38.19 47.77
C ASN D 211 22.45 38.50 46.98
N ARG D 212 22.52 39.68 46.40
CA ARG D 212 23.67 40.09 45.61
C ARG D 212 24.93 40.08 46.48
N GLY D 213 25.97 39.39 46.00
CA GLY D 213 27.23 39.35 46.72
C GLY D 213 27.32 38.34 47.83
N GLU D 214 26.32 37.48 47.99
CA GLU D 214 26.31 36.43 49.00
C GLU D 214 26.26 35.07 48.32
N CYS D 215 26.94 34.11 48.92
CA CYS D 215 27.01 32.77 48.34
C CYS D 215 25.77 31.94 48.68
N VAL E 2 8.77 -16.48 -12.16
CA VAL E 2 8.93 -17.90 -11.87
C VAL E 2 7.71 -18.70 -12.36
N GLN E 3 7.99 -19.87 -12.93
CA GLN E 3 6.98 -20.74 -13.51
C GLN E 3 7.28 -22.18 -13.11
N LEU E 4 6.22 -22.96 -12.89
CA LEU E 4 6.34 -24.34 -12.50
C LEU E 4 5.66 -25.23 -13.54
N GLN E 5 6.22 -26.42 -13.76
CA GLN E 5 5.67 -27.33 -14.75
C GLN E 5 5.78 -28.77 -14.26
N GLU E 6 4.65 -29.47 -14.23
CA GLU E 6 4.60 -30.87 -13.85
C GLU E 6 4.89 -31.76 -15.06
N SER E 7 5.50 -32.91 -14.80
CA SER E 7 5.77 -33.89 -15.84
C SER E 7 5.82 -35.28 -15.21
N GLY E 8 5.48 -36.28 -16.00
CA GLY E 8 5.47 -37.64 -15.54
C GLY E 8 4.42 -38.46 -16.24
N PRO E 9 4.41 -39.77 -15.99
CA PRO E 9 3.43 -40.63 -16.64
C PRO E 9 2.01 -40.20 -16.32
N GLY E 10 1.16 -40.20 -17.34
CA GLY E 10 -0.25 -39.93 -17.16
C GLY E 10 -1.08 -41.16 -16.87
N LEU E 11 -0.43 -42.32 -16.78
CA LEU E 11 -1.13 -43.58 -16.55
C LEU E 11 -0.33 -44.40 -15.56
N VAL E 12 -0.97 -44.76 -14.44
CA VAL E 12 -0.35 -45.62 -13.43
C VAL E 12 -1.28 -46.79 -13.19
N LYS E 13 -0.71 -47.97 -13.12
CA LYS E 13 -1.50 -49.17 -12.91
C LYS E 13 -1.82 -49.34 -11.43
N PRO E 14 -2.98 -49.93 -11.11
CA PRO E 14 -3.34 -50.10 -9.70
C PRO E 14 -2.27 -50.83 -8.91
N SER E 15 -2.05 -50.37 -7.67
CA SER E 15 -1.08 -50.86 -6.70
C SER E 15 0.34 -50.41 -7.04
N GLN E 16 0.58 -49.85 -8.21
CA GLN E 16 1.90 -49.46 -8.66
C GLN E 16 2.28 -48.12 -8.04
N THR E 17 3.37 -47.51 -8.50
CA THR E 17 3.92 -46.30 -7.90
C THR E 17 3.76 -45.13 -8.87
N LEU E 18 3.07 -44.08 -8.42
CA LEU E 18 2.96 -42.84 -9.18
C LEU E 18 4.17 -41.95 -8.91
N SER E 19 4.78 -41.44 -9.99
CA SER E 19 5.92 -40.54 -9.87
C SER E 19 5.67 -39.30 -10.71
N LEU E 20 5.97 -38.14 -10.13
CA LEU E 20 5.85 -36.88 -10.85
C LEU E 20 7.01 -35.96 -10.49
N THR E 21 7.40 -35.14 -11.46
CA THR E 21 8.46 -34.16 -11.31
C THR E 21 7.88 -32.77 -11.54
N CYS E 22 8.34 -31.79 -10.76
CA CYS E 22 8.03 -30.40 -11.00
C CYS E 22 9.33 -29.69 -11.31
N THR E 23 9.38 -29.06 -12.48
CA THR E 23 10.52 -28.28 -12.94
C THR E 23 10.20 -26.81 -12.79
N VAL E 24 11.12 -26.08 -12.15
CA VAL E 24 10.98 -24.64 -11.92
C VAL E 24 11.83 -23.90 -12.94
N SER E 25 11.21 -22.98 -13.67
CA SER E 25 11.89 -22.12 -14.61
C SER E 25 11.72 -20.66 -14.20
N GLY E 26 12.62 -19.81 -14.68
CA GLY E 26 12.55 -18.39 -14.39
C GLY E 26 13.26 -17.96 -13.13
N ASP E 27 13.72 -18.89 -12.30
CA ASP E 27 14.36 -18.56 -11.05
C ASP E 27 15.05 -19.81 -10.52
N SER E 28 16.05 -19.60 -9.67
CA SER E 28 16.81 -20.70 -9.08
C SER E 28 16.18 -21.15 -7.75
N ILE E 29 16.07 -22.46 -7.55
CA ILE E 29 15.59 -22.94 -6.26
C ILE E 29 16.71 -22.81 -5.22
N SER E 30 17.96 -22.97 -5.64
CA SER E 30 19.09 -22.82 -4.74
C SER E 30 19.22 -21.38 -4.26
N GLY E 31 19.61 -21.21 -3.00
CA GLY E 31 19.73 -19.91 -2.40
C GLY E 31 18.42 -19.39 -1.84
N GLY E 32 17.31 -19.73 -2.49
CA GLY E 32 16.00 -19.37 -1.98
C GLY E 32 15.67 -20.12 -0.69
N ASP E 33 14.60 -19.69 -0.06
CA ASP E 33 14.19 -20.22 1.25
C ASP E 33 12.76 -20.73 1.22
N TYR E 34 12.25 -21.06 0.04
CA TYR E 34 10.84 -21.38 -0.13
C TYR E 34 10.56 -22.84 0.20
N TYR E 35 9.28 -23.11 0.46
CA TYR E 35 8.71 -24.44 0.48
C TYR E 35 8.05 -24.72 -0.86
N TRP E 36 7.93 -26.00 -1.19
CA TRP E 36 7.40 -26.43 -2.48
C TRP E 36 6.42 -27.56 -2.22
N SER E 37 5.17 -27.37 -2.65
CA SER E 37 4.07 -28.25 -2.29
C SER E 37 3.53 -28.99 -3.50
N TRP E 38 2.90 -30.12 -3.20
CA TRP E 38 2.09 -30.88 -4.14
C TRP E 38 0.65 -30.87 -3.66
N ILE E 39 -0.27 -30.63 -4.57
CA ILE E 39 -1.71 -30.58 -4.31
C ILE E 39 -2.38 -31.39 -5.41
N ARG E 40 -3.52 -31.99 -5.10
CA ARG E 40 -4.25 -32.69 -6.14
C ARG E 40 -5.72 -32.35 -6.06
N ARG E 41 -6.38 -32.44 -7.20
CA ARG E 41 -7.83 -32.32 -7.31
C ARG E 41 -8.36 -33.63 -7.85
N PRO E 42 -8.88 -34.50 -6.99
CA PRO E 42 -9.41 -35.79 -7.47
C PRO E 42 -10.66 -35.62 -8.31
N ALA E 43 -10.92 -36.66 -9.10
CA ALA E 43 -12.12 -36.70 -9.94
C ALA E 43 -13.36 -36.56 -9.07
N GLY E 44 -14.11 -35.50 -9.30
CA GLY E 44 -15.32 -35.25 -8.52
C GLY E 44 -15.06 -34.82 -7.10
N GLU E 45 -13.95 -34.15 -6.84
CA GLU E 45 -13.62 -33.65 -5.52
C GLU E 45 -13.04 -32.25 -5.64
N GLY E 46 -12.70 -31.67 -4.49
CA GLY E 46 -12.04 -30.39 -4.42
C GLY E 46 -10.53 -30.56 -4.38
N LEU E 47 -9.86 -29.57 -3.81
CA LEU E 47 -8.42 -29.57 -3.73
C LEU E 47 -7.96 -30.24 -2.43
N GLU E 48 -6.90 -31.03 -2.54
CA GLU E 48 -6.33 -31.73 -1.39
C GLU E 48 -4.82 -31.54 -1.39
N TRP E 49 -4.29 -31.08 -0.27
CA TRP E 49 -2.86 -30.87 -0.11
C TRP E 49 -2.17 -32.20 0.21
N ILE E 50 -1.12 -32.52 -0.54
CA ILE E 50 -0.41 -33.78 -0.37
C ILE E 50 0.76 -33.62 0.59
N GLY E 51 1.60 -32.61 0.36
CA GLY E 51 2.76 -32.41 1.20
C GLY E 51 3.66 -31.35 0.62
N ARG E 52 4.77 -31.13 1.30
CA ARG E 52 5.69 -30.07 0.94
C ARG E 52 7.11 -30.46 1.33
N VAL E 53 8.06 -29.87 0.61
CA VAL E 53 9.48 -30.03 0.88
C VAL E 53 10.14 -28.66 0.90
N HIS E 54 11.02 -28.44 1.87
CA HIS E 54 11.77 -27.20 1.93
C HIS E 54 12.90 -27.23 0.91
N THR E 55 13.48 -26.05 0.66
CA THR E 55 14.66 -25.96 -0.19
C THR E 55 15.79 -26.83 0.34
N THR E 56 15.88 -26.98 1.67
CA THR E 56 16.94 -27.74 2.31
C THR E 56 16.61 -29.22 2.47
N GLY E 57 15.40 -29.64 2.11
CA GLY E 57 15.04 -31.04 2.09
C GLY E 57 14.04 -31.47 3.15
N SER E 58 13.82 -30.66 4.18
CA SER E 58 12.82 -30.98 5.19
C SER E 58 11.44 -31.10 4.56
N THR E 59 10.64 -32.03 5.06
CA THR E 59 9.34 -32.35 4.47
C THR E 59 8.24 -32.32 5.52
N ASP E 60 7.02 -32.10 5.02
CA ASP E 60 5.79 -32.20 5.82
C ASP E 60 4.73 -32.85 4.96
N TYR E 61 4.01 -33.83 5.52
CA TYR E 61 3.05 -34.59 4.74
C TYR E 61 1.65 -34.48 5.34
N ASN E 62 0.66 -34.62 4.47
CA ASN E 62 -0.71 -34.79 4.93
C ASN E 62 -0.79 -36.06 5.78
N PRO E 63 -1.28 -35.97 7.02
CA PRO E 63 -1.36 -37.18 7.87
C PRO E 63 -2.09 -38.35 7.22
N SER E 64 -3.11 -38.08 6.40
CA SER E 64 -3.84 -39.15 5.74
C SER E 64 -3.06 -39.79 4.60
N LEU E 65 -1.89 -39.27 4.25
CA LEU E 65 -1.11 -39.81 3.15
C LEU E 65 0.34 -40.08 3.50
N ARG E 66 0.76 -39.89 4.75
CA ARG E 66 2.18 -39.96 5.11
C ARG E 66 2.78 -41.34 4.88
N THR E 67 1.96 -42.40 4.87
CA THR E 67 2.49 -43.74 4.69
C THR E 67 2.77 -44.07 3.23
N ARG E 68 2.16 -43.35 2.30
CA ARG E 68 2.29 -43.67 0.88
C ARG E 68 3.07 -42.63 0.09
N VAL E 69 3.41 -41.49 0.68
CA VAL E 69 3.92 -40.33 -0.05
C VAL E 69 5.35 -40.04 0.39
N THR E 70 6.21 -39.73 -0.59
CA THR E 70 7.51 -39.17 -0.31
C THR E 70 7.79 -38.06 -1.31
N ILE E 71 8.17 -36.89 -0.80
CA ILE E 71 8.49 -35.74 -1.62
C ILE E 71 9.95 -35.38 -1.40
N SER E 72 10.66 -35.09 -2.49
CA SER E 72 12.10 -34.82 -2.42
C SER E 72 12.43 -33.65 -3.33
N ILE E 73 13.65 -33.13 -3.21
CA ILE E 73 14.03 -31.94 -3.96
C ILE E 73 15.48 -32.08 -4.42
N ASP E 74 15.76 -31.66 -5.65
CA ASP E 74 17.10 -31.59 -6.23
C ASP E 74 17.29 -30.15 -6.73
N THR E 75 17.98 -29.34 -5.91
CA THR E 75 18.12 -27.92 -6.18
C THR E 75 19.15 -27.62 -7.26
N SER E 76 20.13 -28.51 -7.47
CA SER E 76 21.08 -28.33 -8.56
C SER E 76 20.40 -28.46 -9.92
N LYS E 77 19.23 -29.07 -9.98
CA LYS E 77 18.49 -29.28 -11.21
C LYS E 77 17.19 -28.49 -11.28
N ASN E 78 16.90 -27.64 -10.29
CA ASN E 78 15.64 -26.91 -10.23
C ASN E 78 14.45 -27.87 -10.33
N HIS E 79 14.52 -28.98 -9.60
CA HIS E 79 13.47 -29.99 -9.64
C HIS E 79 13.02 -30.34 -8.23
N PHE E 80 11.74 -30.71 -8.10
CA PHE E 80 11.34 -31.49 -6.94
C PHE E 80 10.36 -32.57 -7.40
N PHE E 81 10.16 -33.57 -6.54
CA PHE E 81 9.58 -34.83 -6.96
C PHE E 81 8.55 -35.31 -5.95
N LEU E 82 7.50 -35.95 -6.49
CA LEU E 82 6.46 -36.60 -5.71
C LEU E 82 6.43 -38.09 -6.06
N LYS E 83 6.39 -38.93 -5.04
CA LYS E 83 6.20 -40.37 -5.22
C LYS E 83 5.06 -40.81 -4.33
N MET E 84 4.11 -41.55 -4.90
CA MET E 84 2.96 -42.05 -4.16
C MET E 84 2.84 -43.55 -4.44
N THR E 85 2.96 -44.36 -3.40
CA THR E 85 2.98 -45.81 -3.53
C THR E 85 1.59 -46.40 -3.30
N SER E 86 1.44 -47.65 -3.75
CA SER E 86 0.21 -48.44 -3.55
C SER E 86 -1.02 -47.68 -4.02
N VAL E 87 -0.95 -47.17 -5.25
CA VAL E 87 -2.02 -46.30 -5.75
C VAL E 87 -3.27 -47.13 -6.05
N THR E 88 -4.43 -46.45 -5.95
CA THR E 88 -5.72 -47.00 -6.35
C THR E 88 -6.44 -45.97 -7.21
N ALA E 89 -7.64 -46.31 -7.64
CA ALA E 89 -8.43 -45.40 -8.45
C ALA E 89 -8.76 -44.11 -7.69
N ALA E 90 -8.74 -44.14 -6.36
CA ALA E 90 -8.95 -42.94 -5.57
C ALA E 90 -7.84 -41.91 -5.75
N ASP E 91 -6.73 -42.27 -6.41
CA ASP E 91 -5.65 -41.35 -6.66
C ASP E 91 -5.69 -40.77 -8.07
N THR E 92 -6.64 -41.19 -8.90
CA THR E 92 -6.86 -40.54 -10.19
C THR E 92 -7.23 -39.08 -9.96
N ALA E 93 -6.42 -38.16 -10.50
CA ALA E 93 -6.59 -36.77 -10.15
C ALA E 93 -5.74 -35.89 -11.05
N VAL E 94 -6.01 -34.58 -10.99
CA VAL E 94 -5.09 -33.61 -11.55
C VAL E 94 -4.13 -33.18 -10.45
N TYR E 95 -2.83 -33.36 -10.68
CA TYR E 95 -1.80 -33.07 -9.70
C TYR E 95 -1.11 -31.76 -10.05
N TYR E 96 -0.95 -30.89 -9.06
CA TYR E 96 -0.34 -29.58 -9.22
C TYR E 96 0.86 -29.48 -8.29
N CYS E 97 1.93 -28.86 -8.78
CA CYS E 97 2.96 -28.37 -7.88
C CYS E 97 2.79 -26.87 -7.71
N ALA E 98 3.30 -26.36 -6.59
CA ALA E 98 3.14 -24.94 -6.31
C ALA E 98 4.28 -24.50 -5.39
N ARG E 99 4.64 -23.22 -5.52
CA ARG E 99 5.54 -22.60 -4.55
C ARG E 99 4.71 -22.00 -3.42
N GLU E 100 5.19 -22.14 -2.19
CA GLU E 100 4.46 -21.65 -1.03
C GLU E 100 4.80 -20.20 -0.74
N GLY E 101 3.88 -19.53 -0.05
CA GLY E 101 4.10 -18.16 0.34
C GLY E 101 5.33 -18.01 1.23
N ASP E 102 5.83 -16.77 1.30
CA ASP E 102 7.08 -16.54 2.00
C ASP E 102 6.91 -16.56 3.51
N TYR E 103 5.83 -16.01 4.04
CA TYR E 103 5.65 -16.00 5.49
C TYR E 103 4.44 -16.83 5.96
N SER E 104 3.57 -17.25 5.05
CA SER E 104 2.51 -18.20 5.39
C SER E 104 2.30 -19.12 4.19
N ALA E 105 1.70 -20.28 4.46
CA ALA E 105 1.61 -21.35 3.47
C ALA E 105 0.41 -21.19 2.52
N TRP E 106 0.34 -20.02 1.87
CA TRP E 106 -0.49 -19.94 0.68
C TRP E 106 0.29 -20.48 -0.50
N PHE E 107 -0.34 -20.55 -1.68
CA PHE E 107 0.25 -21.21 -2.84
C PHE E 107 0.26 -20.25 -4.03
N ASP E 108 1.47 -19.92 -4.49
CA ASP E 108 1.66 -18.98 -5.59
C ASP E 108 3.12 -18.96 -6.02
N PRO E 109 3.43 -19.29 -7.28
CA PRO E 109 2.52 -19.68 -8.36
C PRO E 109 2.26 -21.18 -8.40
N TRP E 110 1.32 -21.60 -9.23
CA TRP E 110 0.97 -22.99 -9.43
C TRP E 110 1.49 -23.46 -10.79
N GLY E 111 1.75 -24.76 -10.89
CA GLY E 111 1.98 -25.37 -12.18
C GLY E 111 0.69 -25.47 -12.97
N GLN E 112 0.78 -26.05 -14.16
CA GLN E 112 -0.39 -26.15 -15.03
C GLN E 112 -1.26 -27.34 -14.69
N GLY E 113 -0.73 -28.34 -13.98
CA GLY E 113 -1.50 -29.53 -13.67
C GLY E 113 -1.25 -30.70 -14.61
N ALA E 114 -1.06 -31.89 -14.04
CA ALA E 114 -0.85 -33.11 -14.79
C ALA E 114 -1.94 -34.11 -14.39
N LEU E 115 -2.71 -34.57 -15.37
CA LEU E 115 -3.72 -35.59 -15.10
C LEU E 115 -3.05 -36.95 -14.97
N VAL E 116 -3.35 -37.66 -13.89
CA VAL E 116 -2.88 -39.02 -13.69
C VAL E 116 -4.09 -39.92 -13.49
N THR E 117 -4.16 -40.97 -14.30
CA THR E 117 -5.23 -41.95 -14.25
C THR E 117 -4.67 -43.27 -13.71
N VAL E 118 -5.37 -43.85 -12.74
CA VAL E 118 -5.02 -45.16 -12.19
C VAL E 118 -5.96 -46.17 -12.81
N SER E 119 -5.41 -47.07 -13.63
CA SER E 119 -6.21 -48.06 -14.35
C SER E 119 -5.30 -49.17 -14.86
N SER E 120 -5.89 -50.36 -15.03
CA SER E 120 -5.18 -51.47 -15.64
C SER E 120 -5.21 -51.43 -17.15
N ALA E 121 -6.09 -50.63 -17.74
CA ALA E 121 -6.22 -50.57 -19.18
C ALA E 121 -4.95 -50.03 -19.83
N SER E 122 -4.79 -50.35 -21.10
CA SER E 122 -3.58 -49.99 -21.84
C SER E 122 -3.79 -48.72 -22.64
N THR E 123 -2.68 -48.02 -22.91
CA THR E 123 -2.71 -46.82 -23.72
C THR E 123 -3.14 -47.17 -25.15
N LYS E 124 -3.98 -46.32 -25.73
CA LYS E 124 -4.45 -46.55 -27.09
C LYS E 124 -4.59 -45.19 -27.76
N GLY E 125 -4.01 -45.06 -28.97
CA GLY E 125 -3.99 -43.81 -29.68
C GLY E 125 -5.29 -43.48 -30.37
N PRO E 126 -5.57 -42.20 -30.55
CA PRO E 126 -6.86 -41.78 -31.11
C PRO E 126 -6.87 -41.85 -32.63
N SER E 127 -8.09 -41.96 -33.16
CA SER E 127 -8.37 -41.76 -34.57
C SER E 127 -8.98 -40.38 -34.76
N VAL E 128 -8.50 -39.66 -35.77
CA VAL E 128 -8.95 -38.29 -36.04
C VAL E 128 -9.74 -38.29 -37.34
N PHE E 129 -11.03 -37.98 -37.25
CA PHE E 129 -11.89 -37.93 -38.42
C PHE E 129 -12.39 -36.52 -38.67
N PRO E 130 -12.52 -36.10 -39.93
CA PRO E 130 -13.05 -34.75 -40.19
C PRO E 130 -14.57 -34.69 -40.02
N LEU E 131 -15.06 -33.50 -39.70
CA LEU E 131 -16.49 -33.27 -39.63
C LEU E 131 -16.90 -32.18 -40.62
N GLY E 141 -24.30 -16.34 -42.63
CA GLY E 141 -23.12 -16.53 -43.45
C GLY E 141 -21.92 -17.06 -42.67
N THR E 142 -22.17 -18.01 -41.77
CA THR E 142 -21.12 -18.64 -40.97
C THR E 142 -21.31 -20.14 -41.04
N ALA E 143 -20.22 -20.87 -41.28
CA ALA E 143 -20.24 -22.32 -41.33
C ALA E 143 -19.47 -22.89 -40.14
N ALA E 144 -19.72 -24.17 -39.87
CA ALA E 144 -19.07 -24.87 -38.76
C ALA E 144 -18.32 -26.08 -39.29
N LEU E 145 -17.10 -26.29 -38.79
CA LEU E 145 -16.31 -27.47 -39.14
C LEU E 145 -15.60 -27.97 -37.89
N GLY E 146 -14.94 -29.12 -37.99
CA GLY E 146 -14.23 -29.62 -36.84
C GLY E 146 -13.63 -30.99 -37.05
N CYS E 147 -13.20 -31.58 -35.94
CA CYS E 147 -12.54 -32.88 -35.89
C CYS E 147 -13.13 -33.73 -34.77
N LEU E 148 -13.18 -35.04 -35.03
CA LEU E 148 -13.67 -36.03 -34.08
C LEU E 148 -12.48 -36.90 -33.67
N VAL E 149 -12.10 -36.81 -32.40
CA VAL E 149 -10.99 -37.57 -31.83
C VAL E 149 -11.61 -38.74 -31.06
N LYS E 150 -11.52 -39.93 -31.62
CA LYS E 150 -12.27 -41.09 -31.15
C LYS E 150 -11.36 -42.22 -30.72
N ASP E 151 -11.79 -42.94 -29.68
CA ASP E 151 -11.20 -44.21 -29.26
C ASP E 151 -9.74 -44.02 -28.83
N TYR E 152 -9.58 -43.38 -27.67
CA TYR E 152 -8.25 -43.21 -27.09
C TYR E 152 -8.33 -43.45 -25.59
N PHE E 153 -7.16 -43.75 -25.00
CA PHE E 153 -7.03 -43.94 -23.56
C PHE E 153 -5.56 -43.79 -23.19
N PRO E 154 -5.24 -43.13 -22.06
CA PRO E 154 -6.15 -42.39 -21.18
C PRO E 154 -6.31 -40.94 -21.63
N GLU E 155 -7.02 -40.14 -20.83
CA GLU E 155 -7.02 -38.70 -21.03
C GLU E 155 -5.65 -38.13 -20.70
N PRO E 156 -5.32 -36.93 -21.21
CA PRO E 156 -6.12 -36.05 -22.07
C PRO E 156 -5.68 -36.02 -23.52
N VAL E 157 -6.50 -35.41 -24.36
CA VAL E 157 -6.13 -35.06 -25.73
C VAL E 157 -6.23 -33.54 -25.83
N THR E 158 -5.29 -32.93 -26.55
CA THR E 158 -5.35 -31.49 -26.82
C THR E 158 -5.58 -31.27 -28.31
N VAL E 159 -6.39 -30.27 -28.63
CA VAL E 159 -6.70 -29.91 -30.01
C VAL E 159 -6.46 -28.43 -30.18
N SER E 160 -5.69 -28.06 -31.20
CA SER E 160 -5.55 -26.68 -31.63
C SER E 160 -5.98 -26.57 -33.09
N TRP E 161 -6.04 -25.34 -33.59
CA TRP E 161 -6.44 -25.10 -34.96
C TRP E 161 -5.43 -24.17 -35.63
N ASN E 162 -4.98 -24.57 -36.82
CA ASN E 162 -3.97 -23.83 -37.59
C ASN E 162 -2.78 -23.48 -36.70
N SER E 163 -2.30 -24.49 -35.98
CA SER E 163 -1.11 -24.37 -35.11
C SER E 163 -1.29 -23.28 -34.05
N GLY E 164 -2.54 -23.02 -33.65
CA GLY E 164 -2.82 -22.04 -32.62
C GLY E 164 -3.26 -20.68 -33.12
N ALA E 165 -3.19 -20.43 -34.43
CA ALA E 165 -3.58 -19.11 -34.95
C ALA E 165 -5.08 -18.90 -34.82
N LEU E 166 -5.88 -19.92 -35.12
CA LEU E 166 -7.34 -19.84 -35.04
C LEU E 166 -7.77 -20.20 -33.64
N THR E 167 -8.33 -19.23 -32.90
CA THR E 167 -8.79 -19.47 -31.54
C THR E 167 -10.22 -18.99 -31.37
N SER E 168 -10.63 -18.02 -32.17
CA SER E 168 -11.97 -17.48 -32.08
C SER E 168 -12.99 -18.48 -32.64
N GLY E 169 -14.07 -18.70 -31.89
CA GLY E 169 -15.10 -19.62 -32.29
C GLY E 169 -14.80 -21.08 -32.06
N VAL E 170 -13.67 -21.40 -31.44
CA VAL E 170 -13.29 -22.79 -31.21
C VAL E 170 -14.00 -23.30 -29.96
N HIS E 171 -14.60 -24.48 -30.07
CA HIS E 171 -15.16 -25.20 -28.94
C HIS E 171 -14.64 -26.62 -28.95
N THR E 172 -13.78 -26.95 -27.99
CA THR E 172 -13.33 -28.32 -27.79
C THR E 172 -14.10 -28.90 -26.61
N PHE E 173 -14.92 -29.92 -26.88
CA PHE E 173 -15.87 -30.41 -25.89
C PHE E 173 -15.20 -31.37 -24.91
N PRO E 174 -15.70 -31.47 -23.69
CA PRO E 174 -15.22 -32.51 -22.77
C PRO E 174 -15.41 -33.88 -23.39
N ALA E 175 -14.45 -34.77 -23.13
CA ALA E 175 -14.54 -36.14 -23.64
C ALA E 175 -15.60 -36.92 -22.89
N VAL E 176 -16.18 -37.91 -23.57
CA VAL E 176 -17.10 -38.85 -22.97
C VAL E 176 -16.46 -40.24 -23.01
N LEU E 177 -16.53 -40.95 -21.89
CA LEU E 177 -16.04 -42.32 -21.86
C LEU E 177 -17.08 -43.24 -22.46
N GLN E 178 -16.73 -43.90 -23.56
CA GLN E 178 -17.66 -44.77 -24.25
C GLN E 178 -17.73 -46.13 -23.57
N SER E 179 -18.74 -46.92 -23.96
CA SER E 179 -18.91 -48.25 -23.40
C SER E 179 -17.70 -49.14 -23.63
N SER E 180 -16.90 -48.85 -24.65
CA SER E 180 -15.68 -49.62 -24.92
C SER E 180 -14.57 -49.34 -23.91
N GLY E 181 -14.77 -48.39 -22.99
CA GLY E 181 -13.69 -47.97 -22.12
C GLY E 181 -12.74 -46.96 -22.73
N LEU E 182 -13.04 -46.47 -23.92
CA LEU E 182 -12.20 -45.50 -24.62
C LEU E 182 -12.93 -44.17 -24.72
N TYR E 183 -12.16 -43.08 -24.69
CA TYR E 183 -12.72 -41.74 -24.73
C TYR E 183 -12.94 -41.26 -26.16
N SER E 184 -13.86 -40.32 -26.31
CA SER E 184 -14.11 -39.67 -27.59
C SER E 184 -14.54 -38.23 -27.35
N LEU E 185 -14.01 -37.32 -28.16
CA LEU E 185 -14.32 -35.90 -28.05
C LEU E 185 -14.41 -35.31 -29.45
N SER E 186 -15.04 -34.14 -29.52
CA SER E 186 -15.11 -33.39 -30.75
C SER E 186 -14.58 -31.99 -30.48
N SER E 187 -14.01 -31.38 -31.53
CA SER E 187 -13.53 -30.00 -31.46
C SER E 187 -14.02 -29.29 -32.71
N VAL E 188 -14.82 -28.23 -32.53
CA VAL E 188 -15.45 -27.53 -33.64
C VAL E 188 -15.01 -26.07 -33.64
N VAL E 189 -15.24 -25.43 -34.77
CA VAL E 189 -14.95 -24.01 -34.95
C VAL E 189 -15.93 -23.44 -35.97
N THR E 190 -16.37 -22.21 -35.72
CA THR E 190 -17.23 -21.46 -36.63
C THR E 190 -16.39 -20.46 -37.40
N VAL E 191 -16.56 -20.45 -38.73
CA VAL E 191 -15.78 -19.58 -39.60
C VAL E 191 -16.74 -18.85 -40.53
N PRO E 192 -16.30 -17.77 -41.16
CA PRO E 192 -17.09 -17.17 -42.23
C PRO E 192 -17.18 -18.12 -43.42
N SER E 193 -18.39 -18.22 -43.98
CA SER E 193 -18.59 -19.10 -45.13
C SER E 193 -17.68 -18.72 -46.29
N SER E 194 -17.44 -17.42 -46.47
CA SER E 194 -16.60 -16.96 -47.58
C SER E 194 -15.18 -17.52 -47.49
N SER E 195 -14.71 -17.83 -46.28
CA SER E 195 -13.36 -18.34 -46.10
C SER E 195 -13.27 -19.84 -46.30
N LEU E 196 -14.38 -20.52 -46.63
CA LEU E 196 -14.32 -21.97 -46.78
C LEU E 196 -13.41 -22.37 -47.95
N GLY E 197 -13.29 -21.51 -48.96
CA GLY E 197 -12.44 -21.77 -50.10
C GLY E 197 -11.11 -21.04 -50.06
N THR E 198 -10.97 -20.11 -49.12
CA THR E 198 -9.78 -19.27 -49.03
C THR E 198 -8.81 -19.71 -47.92
N GLN E 199 -9.32 -19.90 -46.71
CA GLN E 199 -8.48 -20.25 -45.57
C GLN E 199 -8.44 -21.77 -45.43
N THR E 200 -7.24 -22.31 -45.23
CA THR E 200 -7.06 -23.73 -44.97
C THR E 200 -7.20 -23.98 -43.47
N TYR E 201 -8.06 -24.93 -43.11
CA TYR E 201 -8.34 -25.23 -41.71
C TYR E 201 -7.81 -26.62 -41.39
N ILE E 202 -6.96 -26.70 -40.36
CA ILE E 202 -6.30 -27.94 -39.98
C ILE E 202 -6.35 -28.05 -38.46
N CYS E 203 -6.85 -29.18 -37.96
CA CYS E 203 -6.89 -29.44 -36.53
C CYS E 203 -5.66 -30.25 -36.14
N ASN E 204 -5.02 -29.83 -35.05
CA ASN E 204 -3.79 -30.42 -34.55
C ASN E 204 -4.13 -31.15 -33.26
N VAL E 205 -4.07 -32.48 -33.31
CA VAL E 205 -4.47 -33.35 -32.21
C VAL E 205 -3.21 -33.95 -31.61
N ASN E 206 -3.08 -33.79 -30.29
CA ASN E 206 -2.00 -34.38 -29.49
C ASN E 206 -2.58 -35.30 -28.43
N HIS E 207 -2.10 -36.54 -28.43
CA HIS E 207 -2.37 -37.50 -27.36
C HIS E 207 -1.00 -37.98 -26.89
N LYS E 208 -0.48 -37.32 -25.86
CA LYS E 208 0.87 -37.63 -25.39
C LYS E 208 1.04 -39.05 -24.84
N PRO E 209 0.08 -39.67 -24.14
CA PRO E 209 0.34 -41.04 -23.63
C PRO E 209 0.69 -42.03 -24.72
N SER E 210 0.16 -41.84 -25.92
CA SER E 210 0.46 -42.69 -27.07
C SER E 210 1.45 -42.05 -28.03
N ASN E 211 1.97 -40.86 -27.72
CA ASN E 211 2.88 -40.13 -28.61
C ASN E 211 2.25 -39.91 -29.98
N THR E 212 0.95 -39.59 -29.99
CA THR E 212 0.22 -39.39 -31.23
C THR E 212 0.09 -37.90 -31.53
N LYS E 213 0.41 -37.53 -32.77
CA LYS E 213 0.25 -36.16 -33.27
C LYS E 213 -0.33 -36.26 -34.67
N VAL E 214 -1.55 -35.78 -34.85
CA VAL E 214 -2.24 -35.86 -36.13
C VAL E 214 -2.65 -34.46 -36.53
N ASP E 215 -2.23 -34.03 -37.72
CA ASP E 215 -2.67 -32.75 -38.28
C ASP E 215 -3.61 -33.05 -39.44
N LYS E 216 -4.91 -32.93 -39.19
CA LYS E 216 -5.93 -33.30 -40.16
C LYS E 216 -6.58 -32.05 -40.74
N LYS E 217 -6.57 -31.94 -42.07
CA LYS E 217 -7.27 -30.86 -42.74
C LYS E 217 -8.75 -31.20 -42.87
N VAL E 218 -9.59 -30.22 -42.60
CA VAL E 218 -11.05 -30.38 -42.66
C VAL E 218 -11.55 -29.60 -43.87
N GLU E 219 -12.04 -30.32 -44.88
CA GLU E 219 -12.52 -29.70 -46.11
C GLU E 219 -14.04 -29.56 -46.08
N ASP F 1 -8.39 -32.30 11.81
CA ASP F 1 -8.04 -31.29 10.82
C ASP F 1 -8.97 -30.09 10.92
N ILE F 2 -8.47 -28.92 10.55
CA ILE F 2 -9.32 -27.74 10.47
C ILE F 2 -10.23 -27.89 9.27
N GLN F 3 -11.53 -27.93 9.53
CA GLN F 3 -12.54 -28.12 8.48
C GLN F 3 -12.92 -26.77 7.89
N MET F 4 -12.87 -26.69 6.56
CA MET F 4 -13.23 -25.49 5.81
C MET F 4 -14.54 -25.76 5.08
N THR F 5 -15.56 -24.95 5.35
CA THR F 5 -16.86 -25.12 4.74
C THR F 5 -17.25 -23.85 4.03
N GLN F 6 -17.54 -23.95 2.73
CA GLN F 6 -17.90 -22.79 1.94
C GLN F 6 -19.41 -22.75 1.70
N SER F 7 -19.92 -21.54 1.55
CA SER F 7 -21.34 -21.33 1.34
C SER F 7 -21.53 -20.16 0.38
N PRO F 8 -22.34 -20.32 -0.66
CA PRO F 8 -22.98 -21.57 -1.10
C PRO F 8 -22.00 -22.47 -1.84
N SER F 9 -22.36 -23.71 -2.15
CA SER F 9 -21.53 -24.55 -2.99
C SER F 9 -21.62 -24.17 -4.45
N SER F 10 -22.72 -23.56 -4.87
CA SER F 10 -22.84 -23.05 -6.22
C SER F 10 -23.83 -21.91 -6.22
N LEU F 11 -23.71 -21.02 -7.20
CA LEU F 11 -24.60 -19.88 -7.29
C LEU F 11 -24.56 -19.33 -8.71
N SER F 12 -25.65 -18.68 -9.09
CA SER F 12 -25.74 -17.98 -10.35
C SER F 12 -26.01 -16.51 -10.07
N ALA F 13 -25.34 -15.64 -10.81
CA ALA F 13 -25.54 -14.21 -10.65
C ALA F 13 -25.41 -13.52 -12.00
N SER F 14 -26.00 -12.34 -12.10
CA SER F 14 -26.01 -11.60 -13.35
C SER F 14 -24.81 -10.66 -13.43
N ILE F 15 -24.44 -10.32 -14.66
CA ILE F 15 -23.35 -9.37 -14.88
C ILE F 15 -23.67 -8.06 -14.17
N GLY F 16 -22.68 -7.53 -13.46
CA GLY F 16 -22.84 -6.31 -12.70
C GLY F 16 -23.28 -6.51 -11.26
N ASP F 17 -23.77 -7.69 -10.91
CA ASP F 17 -24.24 -7.95 -9.55
C ASP F 17 -23.07 -8.00 -8.57
N ARG F 18 -23.40 -7.84 -7.29
CA ARG F 18 -22.48 -8.12 -6.21
C ARG F 18 -22.67 -9.57 -5.77
N VAL F 19 -21.57 -10.31 -5.68
CA VAL F 19 -21.57 -11.71 -5.27
C VAL F 19 -20.75 -11.85 -3.99
N THR F 20 -21.29 -12.62 -3.04
CA THR F 20 -20.64 -12.88 -1.76
C THR F 20 -20.51 -14.38 -1.55
N ILE F 21 -19.30 -14.83 -1.20
CA ILE F 21 -19.02 -16.24 -0.91
C ILE F 21 -18.38 -16.30 0.47
N THR F 22 -18.92 -17.15 1.33
CA THR F 22 -18.45 -17.24 2.70
C THR F 22 -17.69 -18.54 2.93
N CYS F 23 -16.71 -18.47 3.82
CA CYS F 23 -15.90 -19.61 4.21
C CYS F 23 -15.84 -19.64 5.73
N ARG F 24 -16.15 -20.79 6.33
CA ARG F 24 -16.10 -20.95 7.77
C ARG F 24 -15.06 -22.01 8.12
N ALA F 25 -14.17 -21.67 9.04
CA ALA F 25 -13.19 -22.60 9.61
C ALA F 25 -13.73 -23.18 10.91
N SER F 26 -13.38 -24.44 11.18
CA SER F 26 -13.83 -25.08 12.40
C SER F 26 -13.12 -24.58 13.64
N GLN F 27 -12.15 -23.69 13.50
CA GLN F 27 -11.50 -23.07 14.65
C GLN F 27 -10.89 -21.75 14.23
N HIS F 28 -10.49 -20.96 15.23
CA HIS F 28 -9.90 -19.65 14.98
C HIS F 28 -8.60 -19.80 14.20
N ILE F 29 -8.52 -19.12 13.06
CA ILE F 29 -7.32 -19.15 12.24
C ILE F 29 -6.77 -17.74 11.99
N GLU F 30 -7.19 -16.77 12.81
CA GLU F 30 -6.74 -15.37 12.71
C GLU F 30 -7.05 -14.91 11.28
N SER F 31 -6.07 -14.41 10.53
CA SER F 31 -6.30 -14.00 9.15
C SER F 31 -5.65 -14.93 8.14
N PHE F 32 -5.18 -16.10 8.56
CA PHE F 32 -4.42 -17.01 7.69
C PHE F 32 -5.40 -17.83 6.84
N LEU F 33 -6.08 -17.10 5.95
CA LEU F 33 -7.11 -17.64 5.08
C LEU F 33 -6.91 -17.05 3.69
N ASN F 34 -6.84 -17.92 2.68
CA ASN F 34 -6.48 -17.51 1.34
C ASN F 34 -7.53 -18.01 0.35
N TRP F 35 -7.72 -17.24 -0.72
CA TRP F 35 -8.73 -17.50 -1.74
C TRP F 35 -8.06 -17.70 -3.09
N TYR F 36 -8.51 -18.74 -3.81
CA TYR F 36 -8.02 -19.12 -5.12
C TYR F 36 -9.18 -19.17 -6.11
N GLN F 37 -8.86 -18.90 -7.37
CA GLN F 37 -9.82 -18.95 -8.48
C GLN F 37 -9.34 -19.96 -9.50
N GLN F 38 -10.23 -20.84 -9.94
CA GLN F 38 -9.91 -21.83 -10.97
C GLN F 38 -10.92 -21.73 -12.10
N LYS F 39 -10.45 -21.23 -13.24
CA LYS F 39 -11.22 -21.12 -14.46
C LYS F 39 -11.17 -22.44 -15.23
N PRO F 40 -12.10 -22.65 -16.17
CA PRO F 40 -12.11 -23.93 -16.91
C PRO F 40 -10.79 -24.20 -17.62
N GLY F 41 -10.31 -25.44 -17.48
CA GLY F 41 -9.08 -25.85 -18.12
C GLY F 41 -7.82 -25.24 -17.57
N LYS F 42 -7.88 -24.57 -16.42
CA LYS F 42 -6.72 -23.90 -15.84
C LYS F 42 -6.50 -24.40 -14.42
N ALA F 43 -5.29 -24.20 -13.93
CA ALA F 43 -4.97 -24.50 -12.56
C ALA F 43 -5.54 -23.41 -11.64
N PRO F 44 -5.74 -23.71 -10.36
CA PRO F 44 -6.10 -22.64 -9.42
C PRO F 44 -5.05 -21.54 -9.44
N LYS F 45 -5.50 -20.33 -9.15
CA LYS F 45 -4.64 -19.15 -9.13
C LYS F 45 -4.92 -18.37 -7.87
N LEU F 46 -3.86 -17.94 -7.18
CA LEU F 46 -4.03 -17.15 -5.96
C LEU F 46 -4.75 -15.86 -6.27
N LEU F 47 -5.86 -15.63 -5.58
CA LEU F 47 -6.66 -14.43 -5.75
C LEU F 47 -6.48 -13.45 -4.59
N ILE F 48 -6.57 -13.94 -3.36
CA ILE F 48 -6.45 -13.12 -2.16
C ILE F 48 -5.70 -13.94 -1.12
N TYR F 49 -4.80 -13.29 -0.37
CA TYR F 49 -4.07 -14.01 0.66
C TYR F 49 -4.08 -13.22 1.96
N ILE F 50 -3.98 -13.95 3.07
CA ILE F 50 -4.13 -13.44 4.43
C ILE F 50 -5.43 -12.65 4.50
N ALA F 51 -6.53 -13.29 4.08
CA ALA F 51 -7.90 -12.83 4.25
C ALA F 51 -8.26 -11.66 3.35
N SER F 52 -7.37 -10.68 3.19
CA SER F 52 -7.76 -9.43 2.55
C SER F 52 -6.73 -8.83 1.60
N THR F 53 -5.52 -9.36 1.48
CA THR F 53 -4.52 -8.76 0.59
C THR F 53 -4.71 -9.29 -0.83
N LEU F 54 -4.90 -8.38 -1.77
CA LEU F 54 -5.15 -8.77 -3.16
C LEU F 54 -3.85 -9.16 -3.84
N GLN F 55 -3.89 -10.27 -4.58
CA GLN F 55 -2.77 -10.63 -5.44
C GLN F 55 -2.53 -9.55 -6.47
N GLY F 56 -1.26 -9.25 -6.71
CA GLY F 56 -0.87 -8.25 -7.69
C GLY F 56 -1.49 -8.51 -9.04
N GLY F 57 -2.14 -7.50 -9.60
CA GLY F 57 -2.80 -7.63 -10.88
C GLY F 57 -4.27 -7.96 -10.80
N VAL F 58 -4.75 -8.43 -9.65
CA VAL F 58 -6.18 -8.77 -9.53
C VAL F 58 -7.00 -7.48 -9.48
N PRO F 59 -8.10 -7.38 -10.23
CA PRO F 59 -8.88 -6.14 -10.27
C PRO F 59 -9.51 -5.80 -8.92
N SER F 60 -9.81 -4.51 -8.77
CA SER F 60 -10.33 -3.93 -7.53
C SER F 60 -11.73 -4.41 -7.17
N ARG F 61 -12.46 -5.02 -8.09
CA ARG F 61 -13.78 -5.53 -7.75
C ARG F 61 -13.74 -6.76 -6.84
N PHE F 62 -12.58 -7.39 -6.68
CA PHE F 62 -12.41 -8.47 -5.73
C PHE F 62 -11.97 -7.93 -4.38
N SER F 63 -12.60 -8.42 -3.31
CA SER F 63 -12.18 -8.01 -1.97
C SER F 63 -12.38 -9.17 -1.00
N GLY F 64 -11.62 -9.14 0.09
CA GLY F 64 -11.71 -10.19 1.09
C GLY F 64 -11.72 -9.60 2.48
N ARG F 65 -12.46 -10.26 3.37
CA ARG F 65 -12.50 -9.83 4.75
C ARG F 65 -12.70 -11.05 5.64
N GLY F 66 -12.41 -10.87 6.92
CA GLY F 66 -12.64 -11.90 7.91
C GLY F 66 -11.49 -12.02 8.87
N PHE F 67 -11.80 -12.45 10.09
CA PHE F 67 -10.81 -12.70 11.12
C PHE F 67 -11.43 -13.67 12.11
N GLY F 68 -10.75 -14.79 12.37
CA GLY F 68 -11.27 -15.78 13.28
C GLY F 68 -11.76 -17.05 12.60
N THR F 69 -13.07 -17.16 12.42
CA THR F 69 -13.64 -18.35 11.78
C THR F 69 -14.50 -18.05 10.56
N ASP F 70 -14.94 -16.81 10.37
CA ASP F 70 -15.86 -16.44 9.30
C ASP F 70 -15.18 -15.48 8.34
N PHE F 71 -15.12 -15.86 7.07
CA PHE F 71 -14.42 -15.09 6.05
C PHE F 71 -15.33 -14.92 4.84
N THR F 72 -15.11 -13.83 4.12
CA THR F 72 -15.96 -13.48 2.99
C THR F 72 -15.11 -12.99 1.82
N LEU F 73 -15.34 -13.58 0.65
CA LEU F 73 -14.86 -13.09 -0.61
C LEU F 73 -16.01 -12.38 -1.31
N THR F 74 -15.78 -11.15 -1.75
CA THR F 74 -16.79 -10.34 -2.43
C THR F 74 -16.31 -9.98 -3.82
N ILE F 75 -17.18 -10.19 -4.81
CA ILE F 75 -16.94 -9.77 -6.19
C ILE F 75 -18.01 -8.73 -6.51
N ASN F 76 -17.62 -7.46 -6.51
CA ASN F 76 -18.52 -6.43 -7.00
C ASN F 76 -18.51 -6.39 -8.52
N SER F 77 -19.60 -5.88 -9.09
CA SER F 77 -19.74 -5.70 -10.54
C SER F 77 -19.25 -6.94 -11.29
N LEU F 78 -19.98 -8.04 -11.07
CA LEU F 78 -19.61 -9.33 -11.65
C LEU F 78 -19.40 -9.23 -13.15
N GLN F 79 -18.27 -9.77 -13.61
CA GLN F 79 -17.89 -9.76 -15.01
C GLN F 79 -17.93 -11.15 -15.60
N PRO F 80 -18.19 -11.28 -16.91
CA PRO F 80 -18.33 -12.63 -17.51
C PRO F 80 -17.10 -13.50 -17.33
N GLU F 81 -15.91 -12.92 -17.29
CA GLU F 81 -14.70 -13.71 -17.12
C GLU F 81 -14.51 -14.20 -15.68
N ASP F 82 -15.32 -13.73 -14.74
CA ASP F 82 -15.27 -14.20 -13.37
C ASP F 82 -15.91 -15.57 -13.18
N PHE F 83 -16.44 -16.18 -14.24
CA PHE F 83 -16.96 -17.54 -14.17
C PHE F 83 -15.85 -18.50 -13.76
N ALA F 84 -16.03 -19.19 -12.63
CA ALA F 84 -14.97 -20.03 -12.08
C ALA F 84 -15.42 -20.79 -10.84
N THR F 85 -14.55 -21.65 -10.34
CA THR F 85 -14.72 -22.21 -9.00
C THR F 85 -13.75 -21.53 -8.04
N TYR F 86 -14.27 -21.09 -6.90
CA TYR F 86 -13.49 -20.35 -5.93
C TYR F 86 -13.28 -21.21 -4.69
N TYR F 87 -12.05 -21.26 -4.20
CA TYR F 87 -11.68 -22.08 -3.05
C TYR F 87 -11.10 -21.20 -1.97
N CYS F 88 -11.42 -21.51 -0.72
CA CYS F 88 -10.68 -20.97 0.41
C CYS F 88 -9.73 -22.04 0.96
N GLN F 89 -8.74 -21.58 1.72
CA GLN F 89 -7.70 -22.48 2.22
C GLN F 89 -7.08 -21.85 3.46
N GLN F 90 -7.01 -22.61 4.54
CA GLN F 90 -6.35 -22.15 5.74
C GLN F 90 -4.87 -22.47 5.65
N SER F 91 -4.03 -21.50 5.99
CA SER F 91 -2.60 -21.69 6.13
C SER F 91 -2.17 -21.55 7.58
N TYR F 92 -3.07 -21.90 8.51
CA TYR F 92 -2.79 -21.81 9.93
C TYR F 92 -1.93 -22.97 10.40
N THR F 93 -2.19 -24.17 9.89
CA THR F 93 -1.44 -25.36 10.24
C THR F 93 -1.10 -26.14 8.97
N ILE F 94 0.03 -26.83 9.00
CA ILE F 94 0.46 -27.62 7.86
C ILE F 94 0.26 -29.12 8.09
N SER F 95 -0.56 -29.50 9.06
CA SER F 95 -0.77 -30.90 9.43
C SER F 95 -2.26 -31.23 9.51
N PRO F 96 -2.97 -31.20 8.37
CA PRO F 96 -2.55 -30.79 7.03
C PRO F 96 -3.09 -29.42 6.65
N ILE F 97 -2.53 -28.80 5.60
CA ILE F 97 -3.22 -27.72 4.92
C ILE F 97 -4.56 -28.25 4.45
N THR F 98 -5.62 -27.44 4.60
CA THR F 98 -6.94 -27.86 4.16
C THR F 98 -7.60 -26.78 3.32
N PHE F 99 -8.36 -27.22 2.32
CA PHE F 99 -9.13 -26.37 1.42
C PHE F 99 -10.62 -26.53 1.69
N GLY F 100 -11.37 -25.46 1.42
CA GLY F 100 -12.81 -25.57 1.32
C GLY F 100 -13.21 -26.42 0.13
N GLN F 101 -14.49 -26.79 0.09
CA GLN F 101 -14.95 -27.67 -0.97
C GLN F 101 -15.13 -26.97 -2.31
N GLY F 102 -15.07 -25.65 -2.35
CA GLY F 102 -15.19 -24.95 -3.60
C GLY F 102 -16.59 -24.45 -3.88
N THR F 103 -16.69 -23.26 -4.47
CA THR F 103 -17.96 -22.64 -4.84
C THR F 103 -17.94 -22.39 -6.34
N ARG F 104 -18.89 -22.97 -7.07
CA ARG F 104 -18.96 -22.78 -8.51
C ARG F 104 -19.87 -21.59 -8.80
N LEU F 105 -19.33 -20.57 -9.47
CA LEU F 105 -20.06 -19.35 -9.73
C LEU F 105 -20.50 -19.40 -11.18
N GLU F 106 -21.81 -19.41 -11.42
CA GLU F 106 -22.36 -19.46 -12.76
C GLU F 106 -22.94 -18.10 -13.12
N ILE F 107 -22.83 -17.76 -14.40
CA ILE F 107 -23.26 -16.45 -14.91
C ILE F 107 -24.68 -16.56 -15.46
N LYS F 108 -25.58 -15.73 -14.94
CA LYS F 108 -26.93 -15.61 -15.50
C LYS F 108 -26.94 -14.55 -16.58
N ARG F 109 -27.51 -14.89 -17.73
CA ARG F 109 -27.61 -13.97 -18.85
C ARG F 109 -28.94 -14.19 -19.54
N THR F 110 -29.19 -13.41 -20.58
CA THR F 110 -30.42 -13.55 -21.36
C THR F 110 -30.43 -14.88 -22.10
N VAL F 111 -31.65 -15.34 -22.42
CA VAL F 111 -31.81 -16.55 -23.20
C VAL F 111 -31.22 -16.34 -24.59
N ALA F 112 -30.53 -17.36 -25.10
CA ALA F 112 -29.94 -17.33 -26.44
C ALA F 112 -30.20 -18.65 -27.13
N ALA F 113 -30.76 -18.57 -28.34
CA ALA F 113 -31.08 -19.78 -29.08
C ALA F 113 -29.82 -20.44 -29.62
N PRO F 114 -29.74 -21.76 -29.60
CA PRO F 114 -28.57 -22.44 -30.16
C PRO F 114 -28.59 -22.41 -31.68
N SER F 115 -27.40 -22.40 -32.27
CA SER F 115 -27.24 -22.66 -33.69
C SER F 115 -27.00 -24.15 -33.90
N VAL F 116 -27.81 -24.78 -34.74
CA VAL F 116 -27.77 -26.24 -34.90
C VAL F 116 -27.02 -26.58 -36.17
N PHE F 117 -26.11 -27.56 -36.06
CA PHE F 117 -25.35 -28.06 -37.19
C PHE F 117 -25.33 -29.58 -37.14
N ILE F 118 -25.25 -30.20 -38.32
CA ILE F 118 -25.21 -31.66 -38.43
C ILE F 118 -24.01 -32.06 -39.29
N PHE F 119 -23.31 -33.11 -38.86
CA PHE F 119 -22.11 -33.60 -39.54
C PHE F 119 -22.23 -35.10 -39.76
N PRO F 120 -22.21 -35.57 -41.00
CA PRO F 120 -22.24 -37.03 -41.25
C PRO F 120 -20.89 -37.65 -40.94
N PRO F 121 -20.81 -38.99 -40.89
CA PRO F 121 -19.51 -39.64 -40.70
C PRO F 121 -18.57 -39.42 -41.89
N SER F 122 -17.28 -39.32 -41.59
CA SER F 122 -16.26 -39.12 -42.61
C SER F 122 -15.83 -40.44 -43.23
N ASP F 123 -15.46 -40.39 -44.51
CA ASP F 123 -15.21 -41.61 -45.28
C ASP F 123 -14.18 -42.53 -44.62
N GLU F 124 -13.16 -41.97 -43.98
CA GLU F 124 -12.21 -42.83 -43.27
C GLU F 124 -12.90 -43.61 -42.16
N GLN F 125 -13.83 -42.97 -41.45
CA GLN F 125 -14.55 -43.68 -40.40
C GLN F 125 -15.44 -44.79 -40.98
N LEU F 126 -16.10 -44.52 -42.12
CA LEU F 126 -16.86 -45.57 -42.78
C LEU F 126 -15.96 -46.71 -43.22
N LYS F 127 -14.73 -46.39 -43.64
CA LYS F 127 -13.76 -47.44 -44.01
C LYS F 127 -13.48 -48.37 -42.85
N SER F 128 -13.51 -47.85 -41.62
CA SER F 128 -13.24 -48.67 -40.45
C SER F 128 -14.51 -49.38 -39.99
N SER F 132 -20.21 -42.35 -37.08
CA SER F 132 -20.65 -41.39 -36.06
C SER F 132 -21.15 -40.10 -36.71
N VAL F 133 -22.39 -39.73 -36.39
CA VAL F 133 -22.98 -38.47 -36.85
C VAL F 133 -23.05 -37.52 -35.66
N VAL F 134 -22.65 -36.28 -35.88
CA VAL F 134 -22.45 -35.32 -34.79
C VAL F 134 -23.40 -34.15 -34.99
N CYS F 135 -24.17 -33.84 -33.93
CA CYS F 135 -25.03 -32.67 -33.90
C CYS F 135 -24.44 -31.66 -32.93
N LEU F 136 -24.30 -30.42 -33.40
CA LEU F 136 -23.67 -29.34 -32.66
C LEU F 136 -24.71 -28.28 -32.33
N LEU F 137 -24.82 -27.93 -31.05
CA LEU F 137 -25.67 -26.84 -30.57
C LEU F 137 -24.73 -25.76 -30.07
N ASN F 138 -24.64 -24.66 -30.81
CA ASN F 138 -23.62 -23.66 -30.59
C ASN F 138 -24.20 -22.42 -29.91
N ASN F 139 -23.57 -22.01 -28.82
CA ASN F 139 -23.76 -20.71 -28.19
C ASN F 139 -25.22 -20.46 -27.80
N PHE F 140 -25.63 -21.15 -26.73
CA PHE F 140 -26.98 -21.02 -26.21
C PHE F 140 -26.97 -20.85 -24.70
N TYR F 141 -28.09 -20.34 -24.18
CA TYR F 141 -28.34 -20.17 -22.75
C TYR F 141 -29.84 -20.24 -22.55
N PRO F 142 -30.33 -20.92 -21.50
CA PRO F 142 -29.58 -21.61 -20.44
C PRO F 142 -29.01 -22.96 -20.85
N ARG F 143 -28.39 -23.67 -19.89
CA ARG F 143 -27.73 -24.94 -20.19
C ARG F 143 -28.73 -26.01 -20.60
N GLU F 144 -29.97 -25.89 -20.13
CA GLU F 144 -30.99 -26.91 -20.40
C GLU F 144 -31.30 -26.98 -21.89
N ALA F 145 -31.14 -28.17 -22.45
CA ALA F 145 -31.45 -28.41 -23.85
C ALA F 145 -31.84 -29.87 -24.02
N LYS F 146 -32.55 -30.15 -25.11
CA LYS F 146 -33.06 -31.50 -25.39
C LYS F 146 -32.62 -31.90 -26.79
N VAL F 147 -31.93 -33.03 -26.89
CA VAL F 147 -31.45 -33.53 -28.17
C VAL F 147 -32.09 -34.89 -28.42
N GLN F 148 -32.82 -34.99 -29.53
CA GLN F 148 -33.45 -36.23 -29.98
C GLN F 148 -32.89 -36.59 -31.35
N TRP F 149 -32.27 -37.76 -31.44
CA TRP F 149 -31.74 -38.23 -32.72
C TRP F 149 -32.83 -38.98 -33.47
N LYS F 150 -33.07 -38.55 -34.70
CA LYS F 150 -34.03 -39.20 -35.60
C LYS F 150 -33.53 -39.18 -37.04
N GLN F 156 -32.57 -44.23 -32.02
CA GLN F 156 -33.05 -42.99 -31.44
C GLN F 156 -33.04 -43.06 -29.91
N SER F 157 -32.46 -44.15 -29.39
CA SER F 157 -32.34 -44.31 -27.94
C SER F 157 -31.21 -45.28 -27.65
N GLY F 158 -30.41 -44.96 -26.63
CA GLY F 158 -29.34 -45.84 -26.19
C GLY F 158 -28.14 -45.93 -27.11
N ASN F 159 -28.08 -45.11 -28.16
CA ASN F 159 -26.98 -45.17 -29.12
C ASN F 159 -26.34 -43.80 -29.36
N SER F 160 -26.48 -42.87 -28.41
CA SER F 160 -25.89 -41.54 -28.55
C SER F 160 -25.31 -41.10 -27.23
N GLN F 161 -24.30 -40.23 -27.30
CA GLN F 161 -23.66 -39.65 -26.12
C GLN F 161 -23.44 -38.17 -26.35
N GLU F 162 -23.56 -37.38 -25.29
CA GLU F 162 -23.45 -35.93 -25.44
C GLU F 162 -22.51 -35.36 -24.38
N SER F 163 -22.01 -34.16 -24.68
CA SER F 163 -21.14 -33.42 -23.79
C SER F 163 -21.42 -31.93 -23.95
N VAL F 164 -21.21 -31.18 -22.88
CA VAL F 164 -21.51 -29.75 -22.87
C VAL F 164 -20.25 -28.99 -22.43
N THR F 165 -19.94 -27.90 -23.15
CA THR F 165 -18.81 -27.08 -22.76
C THR F 165 -19.12 -26.34 -21.46
N GLU F 166 -18.05 -25.85 -20.82
CA GLU F 166 -18.23 -24.94 -19.71
C GLU F 166 -18.71 -23.59 -20.22
N GLN F 167 -19.30 -22.80 -19.32
CA GLN F 167 -19.79 -21.50 -19.70
C GLN F 167 -18.67 -20.65 -20.27
N ASP F 168 -18.93 -20.03 -21.42
CA ASP F 168 -17.92 -19.24 -22.11
C ASP F 168 -17.54 -18.01 -21.28
N SER F 169 -16.24 -17.73 -21.20
CA SER F 169 -15.77 -16.61 -20.38
C SER F 169 -16.08 -15.26 -21.00
N LYS F 170 -16.52 -15.23 -22.25
CA LYS F 170 -16.81 -13.98 -22.95
C LYS F 170 -18.30 -13.73 -23.11
N ASP F 171 -19.06 -14.62 -23.75
CA ASP F 171 -20.49 -14.39 -23.94
C ASP F 171 -21.36 -15.19 -22.99
N SER F 172 -20.77 -15.97 -22.07
CA SER F 172 -21.49 -16.67 -21.01
C SER F 172 -22.48 -17.71 -21.54
N THR F 173 -22.22 -18.25 -22.72
CA THR F 173 -23.09 -19.26 -23.33
C THR F 173 -22.50 -20.65 -23.17
N TYR F 174 -23.32 -21.63 -23.51
CA TYR F 174 -22.93 -23.04 -23.53
C TYR F 174 -22.94 -23.56 -24.96
N SER F 175 -22.22 -24.66 -25.16
CA SER F 175 -22.28 -25.41 -26.41
C SER F 175 -22.38 -26.89 -26.10
N LEU F 176 -23.06 -27.62 -26.98
CA LEU F 176 -23.34 -29.03 -26.79
C LEU F 176 -22.95 -29.81 -28.04
N SER F 177 -22.43 -31.01 -27.82
CA SER F 177 -22.08 -31.93 -28.90
C SER F 177 -22.70 -33.27 -28.60
N SER F 178 -23.51 -33.78 -29.54
CA SER F 178 -24.13 -35.09 -29.41
C SER F 178 -23.67 -35.96 -30.56
N THR F 179 -23.25 -37.18 -30.25
CA THR F 179 -22.70 -38.11 -31.24
C THR F 179 -23.54 -39.37 -31.23
N LEU F 180 -24.10 -39.71 -32.37
CA LEU F 180 -24.83 -40.96 -32.59
C LEU F 180 -23.93 -41.93 -33.34
N THR F 181 -23.74 -43.11 -32.78
CA THR F 181 -22.86 -44.10 -33.38
C THR F 181 -23.64 -45.34 -33.82
N GLU F 196 -32.95 -33.59 -33.46
CA GLU F 196 -33.96 -32.64 -33.01
C GLU F 196 -33.50 -31.87 -31.77
N VAL F 197 -33.59 -30.54 -31.83
CA VAL F 197 -33.11 -29.66 -30.77
C VAL F 197 -34.31 -28.91 -30.20
N THR F 198 -34.50 -29.02 -28.88
CA THR F 198 -35.52 -28.29 -28.16
C THR F 198 -34.83 -27.40 -27.14
N HIS F 199 -35.13 -26.10 -27.19
CA HIS F 199 -34.50 -25.14 -26.28
C HIS F 199 -35.46 -23.99 -26.03
N GLN F 200 -35.31 -23.38 -24.84
CA GLN F 200 -36.21 -22.30 -24.45
C GLN F 200 -36.17 -21.14 -25.44
N GLY F 201 -35.01 -20.87 -26.04
CA GLY F 201 -34.88 -19.83 -27.03
C GLY F 201 -35.36 -20.19 -28.41
N LEU F 202 -35.92 -21.39 -28.59
CA LEU F 202 -36.41 -21.85 -29.89
C LEU F 202 -37.93 -21.79 -29.93
N SER F 203 -38.46 -21.23 -31.01
CA SER F 203 -39.90 -21.16 -31.22
C SER F 203 -40.51 -22.54 -31.46
N PRO F 205 -39.11 -26.20 -31.69
CA PRO F 205 -37.95 -27.08 -31.89
C PRO F 205 -37.43 -27.06 -33.33
N VAL F 206 -36.10 -27.06 -33.49
CA VAL F 206 -35.45 -26.99 -34.79
C VAL F 206 -34.75 -28.31 -35.05
N THR F 207 -34.89 -28.83 -36.26
CA THR F 207 -34.27 -30.10 -36.64
C THR F 207 -33.30 -29.91 -37.80
#